data_7NB4
# 
_entry.id   7NB4 
# 
_audit_conform.dict_name       mmcif_pdbx.dic 
_audit_conform.dict_version    5.384 
_audit_conform.dict_location   http://mmcif.pdb.org/dictionaries/ascii/mmcif_pdbx.dic 
# 
loop_
_database_2.database_id 
_database_2.database_code 
_database_2.pdbx_database_accession 
_database_2.pdbx_DOI 
PDB   7NB4         pdb_00007nb4 10.2210/pdb7nb4/pdb 
WWPDB D_1292113671 ?            ?                   
# 
loop_
_pdbx_audit_revision_history.ordinal 
_pdbx_audit_revision_history.data_content_type 
_pdbx_audit_revision_history.major_revision 
_pdbx_audit_revision_history.minor_revision 
_pdbx_audit_revision_history.revision_date 
1 'Structure model' 1 0 2021-10-13 
2 'Structure model' 1 1 2024-01-31 
# 
_pdbx_audit_revision_details.ordinal             1 
_pdbx_audit_revision_details.revision_ordinal    1 
_pdbx_audit_revision_details.data_content_type   'Structure model' 
_pdbx_audit_revision_details.provider            repository 
_pdbx_audit_revision_details.type                'Initial release' 
_pdbx_audit_revision_details.description         ? 
_pdbx_audit_revision_details.details             ? 
# 
loop_
_pdbx_audit_revision_group.ordinal 
_pdbx_audit_revision_group.revision_ordinal 
_pdbx_audit_revision_group.data_content_type 
_pdbx_audit_revision_group.group 
1 2 'Structure model' 'Data collection'        
2 2 'Structure model' 'Refinement description' 
# 
loop_
_pdbx_audit_revision_category.ordinal 
_pdbx_audit_revision_category.revision_ordinal 
_pdbx_audit_revision_category.data_content_type 
_pdbx_audit_revision_category.category 
1 2 'Structure model' chem_comp_atom                
2 2 'Structure model' chem_comp_bond                
3 2 'Structure model' diffrn_source                 
4 2 'Structure model' pdbx_initial_refinement_model 
# 
_pdbx_audit_revision_item.ordinal             1 
_pdbx_audit_revision_item.revision_ordinal    2 
_pdbx_audit_revision_item.data_content_type   'Structure model' 
_pdbx_audit_revision_item.item                '_diffrn_source.pdbx_synchrotron_site' 
# 
_pdbx_database_status.status_code                     REL 
_pdbx_database_status.status_code_sf                  REL 
_pdbx_database_status.status_code_mr                  ? 
_pdbx_database_status.entry_id                        7NB4 
_pdbx_database_status.recvd_initial_deposition_date   2021-01-25 
_pdbx_database_status.SG_entry                        N 
_pdbx_database_status.deposit_site                    PDBE 
_pdbx_database_status.process_site                    PDBE 
_pdbx_database_status.status_code_cs                  ? 
_pdbx_database_status.status_code_nmr_data            ? 
_pdbx_database_status.methods_development_category    ? 
_pdbx_database_status.pdb_format_compatible           Y 
# 
_pdbx_database_related.db_name        PDB 
_pdbx_database_related.details        . 
_pdbx_database_related.db_id          6ybl 
_pdbx_database_related.content_type   unspecified 
# 
loop_
_audit_author.name 
_audit_author.pdbx_ordinal 
_audit_author.identifier_ORCID 
'Dokurno, P.'    1 0000-0002-7332-8889 
'Surgenor, A.E.' 2 0000-0002-9869-1430 
'Kotschy, A.'    3 0000-0002-7675-3864 
# 
_citation.abstract                  ? 
_citation.abstract_id_CAS           ? 
_citation.book_id_ISBN              ? 
_citation.book_publisher            ? 
_citation.book_publisher_city       ? 
_citation.book_title                ? 
_citation.coordinate_linkage        ? 
_citation.country                   US 
_citation.database_id_Medline       ? 
_citation.details                   ? 
_citation.id                        primary 
_citation.journal_abbrev            'Acs Omega' 
_citation.journal_id_ASTM           ? 
_citation.journal_id_CSD            ? 
_citation.journal_id_ISSN           2470-1343 
_citation.journal_full              ? 
_citation.journal_issue             ? 
_citation.journal_volume            6 
_citation.language                  ? 
_citation.page_first                22073 
_citation.page_last                 22102 
_citation.title                     'The Effect of Core Replacement on S64315, a Selective MCL-1 Inhibitor, and Its Analogues.' 
_citation.year                      2021 
_citation.database_id_CSD           ? 
_citation.pdbx_database_id_DOI      10.1021/acsomega.1c02595 
_citation.pdbx_database_id_PubMed   34497901 
_citation.unpublished_flag          ? 
# 
loop_
_citation_author.citation_id 
_citation_author.name 
_citation_author.ordinal 
_citation_author.identifier_ORCID 
primary 'Sipos, S.'      1  ?                   
primary 'Balint, B.'     2  ?                   
primary 'Szabo, Z.B.'    3  ?                   
primary 'Ondi, L.'       4  ?                   
primary 'Csekei, M.'     5  ?                   
primary 'Szlavik, Z.'    6  ?                   
primary 'Proszenyak, A.' 7  ?                   
primary 'Murray, J.B.'   8  0000-0003-1007-8218 
primary 'Davidson, J.'   9  ?                   
primary 'Chen, I.'       10 0000-0001-8865-3193 
primary 'Dokurno, P.'    11 0000-0002-7332-8889 
primary 'Surgenor, A.E.' 12 0000-0002-9869-1430 
primary 'Pedder, C.'     13 ?                   
primary 'Hubbard, R.E.'  14 ?                   
primary 'Maragno, A.L.'  15 ?                   
primary 'Chanrion, M.'   16 ?                   
primary 'Colland, F.'    17 ?                   
primary 'Geneste, O.'    18 ?                   
primary 'Kotschy, A.'    19 0000-0002-7675-3864 
# 
loop_
_entity.id 
_entity.type 
_entity.src_method 
_entity.pdbx_description 
_entity.formula_weight 
_entity.pdbx_number_of_molecules 
_entity.pdbx_ec 
_entity.pdbx_mutation 
_entity.pdbx_fragment 
_entity.details 
1 polymer     man 'Induced myeloid leukemia cell differentiation protein Mcl-1'                                                    
19493.154 1  ? ? ? ? 
2 non-polymer syn '(2~{R})-2-[[5-(3-chloranyl-2-methyl-phenyl)-6-ethyl-thieno[2,3-d]pyrimidin-4-yl]amino]-3-phenyl-propanoic acid' 
451.968   1  ? ? ? ? 
3 non-polymer syn 'MAGNESIUM ION'                                                                                                  
24.305    1  ? ? ? ? 
4 non-polymer syn '1-(2-METHOXY-ETHOXY)-2-{2-[2-(2-METHOXY-ETHOXY]-ETHOXY}-ETHANE'                                                 
266.331   1  ? ? ? ? 
5 water       nat water                                                                                                            
18.015    67 ? ? ? ? 
# 
_entity_name_com.entity_id   1 
_entity_name_com.name        'Bcl-2-like protein 3,Bcl2-L-3,Bcl-2-related protein EAT/mcl1,mcl1/EAT' 
# 
_entity_poly.entity_id                      1 
_entity_poly.type                           'polypeptide(L)' 
_entity_poly.nstd_linkage                   no 
_entity_poly.nstd_monomer                   no 
_entity_poly.pdbx_seq_one_letter_code       
;MHHHHHHLVPRGSEDELYRQSLEIISRYLREQATGAKDTKPMGRSGATSRKALETLRRVGDGVQRNHETAFQGMLRKLDI
KNEDDVKSLSRVMIHVFSDGVTNWGRIVTLISFGAFVAKHLKTINQESCIEPLAESITDVLVRTKRDWLVKQRGWDGFVE
FFHVEDLEGG
;
_entity_poly.pdbx_seq_one_letter_code_can   
;MHHHHHHLVPRGSEDELYRQSLEIISRYLREQATGAKDTKPMGRSGATSRKALETLRRVGDGVQRNHETAFQGMLRKLDI
KNEDDVKSLSRVMIHVFSDGVTNWGRIVTLISFGAFVAKHLKTINQESCIEPLAESITDVLVRTKRDWLVKQRGWDGFVE
FFHVEDLEGG
;
_entity_poly.pdbx_strand_id                 A 
_entity_poly.pdbx_target_identifier         ? 
# 
loop_
_pdbx_entity_nonpoly.entity_id 
_pdbx_entity_nonpoly.name 
_pdbx_entity_nonpoly.comp_id 
2 '(2~{R})-2-[[5-(3-chloranyl-2-methyl-phenyl)-6-ethyl-thieno[2,3-d]pyrimidin-4-yl]amino]-3-phenyl-propanoic acid' U6Q 
3 'MAGNESIUM ION'                                                                                                  MG  
4 '1-(2-METHOXY-ETHOXY)-2-{2-[2-(2-METHOXY-ETHOXY]-ETHOXY}-ETHANE'                                                 PG6 
5 water                                                                                                            HOH 
# 
loop_
_entity_poly_seq.entity_id 
_entity_poly_seq.num 
_entity_poly_seq.mon_id 
_entity_poly_seq.hetero 
1 1   MET n 
1 2   HIS n 
1 3   HIS n 
1 4   HIS n 
1 5   HIS n 
1 6   HIS n 
1 7   HIS n 
1 8   LEU n 
1 9   VAL n 
1 10  PRO n 
1 11  ARG n 
1 12  GLY n 
1 13  SER n 
1 14  GLU n 
1 15  ASP n 
1 16  GLU n 
1 17  LEU n 
1 18  TYR n 
1 19  ARG n 
1 20  GLN n 
1 21  SER n 
1 22  LEU n 
1 23  GLU n 
1 24  ILE n 
1 25  ILE n 
1 26  SER n 
1 27  ARG n 
1 28  TYR n 
1 29  LEU n 
1 30  ARG n 
1 31  GLU n 
1 32  GLN n 
1 33  ALA n 
1 34  THR n 
1 35  GLY n 
1 36  ALA n 
1 37  LYS n 
1 38  ASP n 
1 39  THR n 
1 40  LYS n 
1 41  PRO n 
1 42  MET n 
1 43  GLY n 
1 44  ARG n 
1 45  SER n 
1 46  GLY n 
1 47  ALA n 
1 48  THR n 
1 49  SER n 
1 50  ARG n 
1 51  LYS n 
1 52  ALA n 
1 53  LEU n 
1 54  GLU n 
1 55  THR n 
1 56  LEU n 
1 57  ARG n 
1 58  ARG n 
1 59  VAL n 
1 60  GLY n 
1 61  ASP n 
1 62  GLY n 
1 63  VAL n 
1 64  GLN n 
1 65  ARG n 
1 66  ASN n 
1 67  HIS n 
1 68  GLU n 
1 69  THR n 
1 70  ALA n 
1 71  PHE n 
1 72  GLN n 
1 73  GLY n 
1 74  MET n 
1 75  LEU n 
1 76  ARG n 
1 77  LYS n 
1 78  LEU n 
1 79  ASP n 
1 80  ILE n 
1 81  LYS n 
1 82  ASN n 
1 83  GLU n 
1 84  ASP n 
1 85  ASP n 
1 86  VAL n 
1 87  LYS n 
1 88  SER n 
1 89  LEU n 
1 90  SER n 
1 91  ARG n 
1 92  VAL n 
1 93  MET n 
1 94  ILE n 
1 95  HIS n 
1 96  VAL n 
1 97  PHE n 
1 98  SER n 
1 99  ASP n 
1 100 GLY n 
1 101 VAL n 
1 102 THR n 
1 103 ASN n 
1 104 TRP n 
1 105 GLY n 
1 106 ARG n 
1 107 ILE n 
1 108 VAL n 
1 109 THR n 
1 110 LEU n 
1 111 ILE n 
1 112 SER n 
1 113 PHE n 
1 114 GLY n 
1 115 ALA n 
1 116 PHE n 
1 117 VAL n 
1 118 ALA n 
1 119 LYS n 
1 120 HIS n 
1 121 LEU n 
1 122 LYS n 
1 123 THR n 
1 124 ILE n 
1 125 ASN n 
1 126 GLN n 
1 127 GLU n 
1 128 SER n 
1 129 CYS n 
1 130 ILE n 
1 131 GLU n 
1 132 PRO n 
1 133 LEU n 
1 134 ALA n 
1 135 GLU n 
1 136 SER n 
1 137 ILE n 
1 138 THR n 
1 139 ASP n 
1 140 VAL n 
1 141 LEU n 
1 142 VAL n 
1 143 ARG n 
1 144 THR n 
1 145 LYS n 
1 146 ARG n 
1 147 ASP n 
1 148 TRP n 
1 149 LEU n 
1 150 VAL n 
1 151 LYS n 
1 152 GLN n 
1 153 ARG n 
1 154 GLY n 
1 155 TRP n 
1 156 ASP n 
1 157 GLY n 
1 158 PHE n 
1 159 VAL n 
1 160 GLU n 
1 161 PHE n 
1 162 PHE n 
1 163 HIS n 
1 164 VAL n 
1 165 GLU n 
1 166 ASP n 
1 167 LEU n 
1 168 GLU n 
1 169 GLY n 
1 170 GLY n 
# 
_entity_src_gen.entity_id                          1 
_entity_src_gen.pdbx_src_id                        1 
_entity_src_gen.pdbx_alt_source_flag               sample 
_entity_src_gen.pdbx_seq_type                      'Biological sequence' 
_entity_src_gen.pdbx_beg_seq_num                   1 
_entity_src_gen.pdbx_end_seq_num                   170 
_entity_src_gen.gene_src_common_name               Human 
_entity_src_gen.gene_src_genus                     ? 
_entity_src_gen.pdbx_gene_src_gene                 'MCL1, BCL2L3' 
_entity_src_gen.gene_src_species                   ? 
_entity_src_gen.gene_src_strain                    ? 
_entity_src_gen.gene_src_tissue                    ? 
_entity_src_gen.gene_src_tissue_fraction           ? 
_entity_src_gen.gene_src_details                   ? 
_entity_src_gen.pdbx_gene_src_fragment             ? 
_entity_src_gen.pdbx_gene_src_scientific_name      'Homo sapiens' 
_entity_src_gen.pdbx_gene_src_ncbi_taxonomy_id     9606 
_entity_src_gen.pdbx_gene_src_variant              ? 
_entity_src_gen.pdbx_gene_src_cell_line            ? 
_entity_src_gen.pdbx_gene_src_atcc                 ? 
_entity_src_gen.pdbx_gene_src_organ                ? 
_entity_src_gen.pdbx_gene_src_organelle            ? 
_entity_src_gen.pdbx_gene_src_cell                 ? 
_entity_src_gen.pdbx_gene_src_cellular_location    ? 
_entity_src_gen.host_org_common_name               ? 
_entity_src_gen.pdbx_host_org_scientific_name      'Escherichia coli BL21' 
_entity_src_gen.pdbx_host_org_ncbi_taxonomy_id     511693 
_entity_src_gen.host_org_genus                     ? 
_entity_src_gen.pdbx_host_org_gene                 ? 
_entity_src_gen.pdbx_host_org_organ                ? 
_entity_src_gen.host_org_species                   ? 
_entity_src_gen.pdbx_host_org_tissue               ? 
_entity_src_gen.pdbx_host_org_tissue_fraction      ? 
_entity_src_gen.pdbx_host_org_strain               ? 
_entity_src_gen.pdbx_host_org_variant              pLysS 
_entity_src_gen.pdbx_host_org_cell_line            ? 
_entity_src_gen.pdbx_host_org_atcc                 ? 
_entity_src_gen.pdbx_host_org_culture_collection   ? 
_entity_src_gen.pdbx_host_org_cell                 ? 
_entity_src_gen.pdbx_host_org_organelle            ? 
_entity_src_gen.pdbx_host_org_cellular_location    ? 
_entity_src_gen.pdbx_host_org_vector_type          ? 
_entity_src_gen.pdbx_host_org_vector               ? 
_entity_src_gen.host_org_details                   ? 
_entity_src_gen.expression_system_id               ? 
_entity_src_gen.plasmid_name                       ? 
_entity_src_gen.plasmid_details                    ? 
_entity_src_gen.pdbx_description                   ? 
# 
loop_
_chem_comp.id 
_chem_comp.type 
_chem_comp.mon_nstd_flag 
_chem_comp.name 
_chem_comp.pdbx_synonyms 
_chem_comp.formula 
_chem_comp.formula_weight 
ALA 'L-peptide linking' y ALANINE ? 'C3 H7 N O2'         89.093  
ARG 'L-peptide linking' y ARGININE ? 'C6 H15 N4 O2 1'     175.209 
ASN 'L-peptide linking' y ASPARAGINE ? 'C4 H8 N2 O3'        132.118 
ASP 'L-peptide linking' y 'ASPARTIC ACID' ? 'C4 H7 N O4'         133.103 
CYS 'L-peptide linking' y CYSTEINE ? 'C3 H7 N O2 S'       121.158 
GLN 'L-peptide linking' y GLUTAMINE ? 'C5 H10 N2 O3'       146.144 
GLU 'L-peptide linking' y 'GLUTAMIC ACID' ? 'C5 H9 N O4'         147.129 
GLY 'peptide linking'   y GLYCINE ? 'C2 H5 N O2'         75.067  
HIS 'L-peptide linking' y HISTIDINE ? 'C6 H10 N3 O2 1'     156.162 
HOH non-polymer         . WATER ? 'H2 O'               18.015  
ILE 'L-peptide linking' y ISOLEUCINE ? 'C6 H13 N O2'        131.173 
LEU 'L-peptide linking' y LEUCINE ? 'C6 H13 N O2'        131.173 
LYS 'L-peptide linking' y LYSINE ? 'C6 H15 N2 O2 1'     147.195 
MET 'L-peptide linking' y METHIONINE ? 'C5 H11 N O2 S'      149.211 
MG  non-polymer         . 'MAGNESIUM ION' ? 'Mg 2'               24.305  
PG6 non-polymer         . '1-(2-METHOXY-ETHOXY)-2-{2-[2-(2-METHOXY-ETHOXY]-ETHOXY}-ETHANE' ? 'C12 H26 O6'         266.331 
PHE 'L-peptide linking' y PHENYLALANINE ? 'C9 H11 N O2'        165.189 
PRO 'L-peptide linking' y PROLINE ? 'C5 H9 N O2'         115.130 
SER 'L-peptide linking' y SERINE ? 'C3 H7 N O3'         105.093 
THR 'L-peptide linking' y THREONINE ? 'C4 H9 N O3'         119.119 
TRP 'L-peptide linking' y TRYPTOPHAN ? 'C11 H12 N2 O2'      204.225 
TYR 'L-peptide linking' y TYROSINE ? 'C9 H11 N O3'        181.189 
U6Q non-polymer         . 
'(2~{R})-2-[[5-(3-chloranyl-2-methyl-phenyl)-6-ethyl-thieno[2,3-d]pyrimidin-4-yl]amino]-3-phenyl-propanoic acid' ? 
'C24 H22 Cl N3 O2 S' 451.968 
VAL 'L-peptide linking' y VALINE ? 'C5 H11 N O2'        117.146 
# 
loop_
_pdbx_poly_seq_scheme.asym_id 
_pdbx_poly_seq_scheme.entity_id 
_pdbx_poly_seq_scheme.seq_id 
_pdbx_poly_seq_scheme.mon_id 
_pdbx_poly_seq_scheme.ndb_seq_num 
_pdbx_poly_seq_scheme.pdb_seq_num 
_pdbx_poly_seq_scheme.auth_seq_num 
_pdbx_poly_seq_scheme.pdb_mon_id 
_pdbx_poly_seq_scheme.auth_mon_id 
_pdbx_poly_seq_scheme.pdb_strand_id 
_pdbx_poly_seq_scheme.pdb_ins_code 
_pdbx_poly_seq_scheme.hetero 
A 1 1   MET 1   158 ?   ?   ?   A . n 
A 1 2   HIS 2   159 ?   ?   ?   A . n 
A 1 3   HIS 3   160 ?   ?   ?   A . n 
A 1 4   HIS 4   161 ?   ?   ?   A . n 
A 1 5   HIS 5   162 ?   ?   ?   A . n 
A 1 6   HIS 6   163 ?   ?   ?   A . n 
A 1 7   HIS 7   164 ?   ?   ?   A . n 
A 1 8   LEU 8   165 ?   ?   ?   A . n 
A 1 9   VAL 9   166 ?   ?   ?   A . n 
A 1 10  PRO 10  167 ?   ?   ?   A . n 
A 1 11  ARG 11  168 ?   ?   ?   A . n 
A 1 12  GLY 12  169 ?   ?   ?   A . n 
A 1 13  SER 13  170 170 SER SER A . n 
A 1 14  GLU 14  171 171 GLU GLU A . n 
A 1 15  ASP 15  172 172 ASP ASP A . n 
A 1 16  GLU 16  173 173 GLU GLU A . n 
A 1 17  LEU 17  174 174 LEU LEU A . n 
A 1 18  TYR 18  175 175 TYR TYR A . n 
A 1 19  ARG 19  176 176 ARG ARG A . n 
A 1 20  GLN 20  177 177 GLN GLN A . n 
A 1 21  SER 21  178 178 SER SER A . n 
A 1 22  LEU 22  179 179 LEU LEU A . n 
A 1 23  GLU 23  180 180 GLU GLU A . n 
A 1 24  ILE 24  181 181 ILE ILE A . n 
A 1 25  ILE 25  182 182 ILE ILE A . n 
A 1 26  SER 26  183 183 SER SER A . n 
A 1 27  ARG 27  184 184 ARG ARG A . n 
A 1 28  TYR 28  185 185 TYR TYR A . n 
A 1 29  LEU 29  186 186 LEU LEU A . n 
A 1 30  ARG 30  187 187 ARG ARG A . n 
A 1 31  GLU 31  188 188 GLU GLU A . n 
A 1 32  GLN 32  189 189 GLN GLN A . n 
A 1 33  ALA 33  190 190 ALA ALA A . n 
A 1 34  THR 34  191 191 THR THR A . n 
A 1 35  GLY 35  192 192 GLY GLY A . n 
A 1 36  ALA 36  193 193 ALA ALA A . n 
A 1 37  LYS 37  194 194 LYS LYS A . n 
A 1 38  ASP 38  195 195 ASP ASP A . n 
A 1 39  THR 39  196 196 THR THR A . n 
A 1 40  LYS 40  197 197 LYS LYS A . n 
A 1 41  PRO 41  198 198 PRO PRO A . n 
A 1 42  MET 42  199 199 MET MET A . n 
A 1 43  GLY 43  200 200 GLY GLY A . n 
A 1 44  ARG 44  201 201 ARG ARG A . n 
A 1 45  SER 45  202 202 SER SER A . n 
A 1 46  GLY 46  203 203 GLY GLY A . n 
A 1 47  ALA 47  204 204 ALA ALA A . n 
A 1 48  THR 48  205 205 THR THR A . n 
A 1 49  SER 49  206 206 SER SER A . n 
A 1 50  ARG 50  207 207 ARG ARG A . n 
A 1 51  LYS 51  208 208 LYS LYS A . n 
A 1 52  ALA 52  209 209 ALA ALA A . n 
A 1 53  LEU 53  210 210 LEU LEU A . n 
A 1 54  GLU 54  211 211 GLU GLU A . n 
A 1 55  THR 55  212 212 THR THR A . n 
A 1 56  LEU 56  213 213 LEU LEU A . n 
A 1 57  ARG 57  214 214 ARG ARG A . n 
A 1 58  ARG 58  215 215 ARG ARG A . n 
A 1 59  VAL 59  216 216 VAL VAL A . n 
A 1 60  GLY 60  217 217 GLY GLY A . n 
A 1 61  ASP 61  218 218 ASP ASP A . n 
A 1 62  GLY 62  219 219 GLY GLY A . n 
A 1 63  VAL 63  220 220 VAL VAL A . n 
A 1 64  GLN 64  221 221 GLN GLN A . n 
A 1 65  ARG 65  222 222 ARG ARG A . n 
A 1 66  ASN 66  223 223 ASN ASN A . n 
A 1 67  HIS 67  224 224 HIS HIS A . n 
A 1 68  GLU 68  225 225 GLU GLU A . n 
A 1 69  THR 69  226 226 THR THR A . n 
A 1 70  ALA 70  227 227 ALA ALA A . n 
A 1 71  PHE 71  228 228 PHE PHE A . n 
A 1 72  GLN 72  229 229 GLN GLN A . n 
A 1 73  GLY 73  230 230 GLY GLY A . n 
A 1 74  MET 74  231 231 MET MET A . n 
A 1 75  LEU 75  232 232 LEU LEU A . n 
A 1 76  ARG 76  233 233 ARG ARG A . n 
A 1 77  LYS 77  234 234 LYS LYS A . n 
A 1 78  LEU 78  235 235 LEU LEU A . n 
A 1 79  ASP 79  236 236 ASP ASP A . n 
A 1 80  ILE 80  237 237 ILE ILE A . n 
A 1 81  LYS 81  238 238 LYS LYS A . n 
A 1 82  ASN 82  239 239 ASN ASN A . n 
A 1 83  GLU 83  240 240 GLU GLU A . n 
A 1 84  ASP 84  241 241 ASP ASP A . n 
A 1 85  ASP 85  242 242 ASP ASP A . n 
A 1 86  VAL 86  243 243 VAL VAL A . n 
A 1 87  LYS 87  244 244 LYS LYS A . n 
A 1 88  SER 88  245 245 SER SER A . n 
A 1 89  LEU 89  246 246 LEU LEU A . n 
A 1 90  SER 90  247 247 SER SER A . n 
A 1 91  ARG 91  248 248 ARG ARG A . n 
A 1 92  VAL 92  249 249 VAL VAL A . n 
A 1 93  MET 93  250 250 MET MET A . n 
A 1 94  ILE 94  251 251 ILE ILE A . n 
A 1 95  HIS 95  252 252 HIS HIS A . n 
A 1 96  VAL 96  253 253 VAL VAL A . n 
A 1 97  PHE 97  254 254 PHE PHE A . n 
A 1 98  SER 98  255 255 SER SER A . n 
A 1 99  ASP 99  256 256 ASP ASP A . n 
A 1 100 GLY 100 257 257 GLY GLY A . n 
A 1 101 VAL 101 258 258 VAL VAL A . n 
A 1 102 THR 102 259 259 THR THR A . n 
A 1 103 ASN 103 260 260 ASN ASN A . n 
A 1 104 TRP 104 261 261 TRP TRP A . n 
A 1 105 GLY 105 262 262 GLY GLY A . n 
A 1 106 ARG 106 263 263 ARG ARG A . n 
A 1 107 ILE 107 264 264 ILE ILE A . n 
A 1 108 VAL 108 265 265 VAL VAL A . n 
A 1 109 THR 109 266 266 THR THR A . n 
A 1 110 LEU 110 267 267 LEU LEU A . n 
A 1 111 ILE 111 268 268 ILE ILE A . n 
A 1 112 SER 112 269 269 SER SER A . n 
A 1 113 PHE 113 270 270 PHE PHE A . n 
A 1 114 GLY 114 271 271 GLY GLY A . n 
A 1 115 ALA 115 272 272 ALA ALA A . n 
A 1 116 PHE 116 273 273 PHE PHE A . n 
A 1 117 VAL 117 274 274 VAL VAL A . n 
A 1 118 ALA 118 275 275 ALA ALA A . n 
A 1 119 LYS 119 276 276 LYS LYS A . n 
A 1 120 HIS 120 277 277 HIS HIS A . n 
A 1 121 LEU 121 278 278 LEU LEU A . n 
A 1 122 LYS 122 279 279 LYS LYS A . n 
A 1 123 THR 123 280 280 THR THR A . n 
A 1 124 ILE 124 281 281 ILE ILE A . n 
A 1 125 ASN 125 282 282 ASN ASN A . n 
A 1 126 GLN 126 283 283 GLN GLN A . n 
A 1 127 GLU 127 284 284 GLU GLU A . n 
A 1 128 SER 128 285 285 SER SER A . n 
A 1 129 CYS 129 286 286 CYS CYS A . n 
A 1 130 ILE 130 287 287 ILE ILE A . n 
A 1 131 GLU 131 288 288 GLU GLU A . n 
A 1 132 PRO 132 289 289 PRO PRO A . n 
A 1 133 LEU 133 290 290 LEU LEU A . n 
A 1 134 ALA 134 291 291 ALA ALA A . n 
A 1 135 GLU 135 292 292 GLU GLU A . n 
A 1 136 SER 136 293 293 SER SER A . n 
A 1 137 ILE 137 294 294 ILE ILE A . n 
A 1 138 THR 138 295 295 THR THR A . n 
A 1 139 ASP 139 296 296 ASP ASP A . n 
A 1 140 VAL 140 297 297 VAL VAL A . n 
A 1 141 LEU 141 298 298 LEU LEU A . n 
A 1 142 VAL 142 299 299 VAL VAL A . n 
A 1 143 ARG 143 300 300 ARG ARG A . n 
A 1 144 THR 144 301 301 THR THR A . n 
A 1 145 LYS 145 302 302 LYS LYS A . n 
A 1 146 ARG 146 303 303 ARG ARG A . n 
A 1 147 ASP 147 304 304 ASP ASP A . n 
A 1 148 TRP 148 305 305 TRP TRP A . n 
A 1 149 LEU 149 306 306 LEU LEU A . n 
A 1 150 VAL 150 307 307 VAL VAL A . n 
A 1 151 LYS 151 308 308 LYS LYS A . n 
A 1 152 GLN 152 309 309 GLN GLN A . n 
A 1 153 ARG 153 310 310 ARG ARG A . n 
A 1 154 GLY 154 311 311 GLY GLY A . n 
A 1 155 TRP 155 312 312 TRP TRP A . n 
A 1 156 ASP 156 313 313 ASP ASP A . n 
A 1 157 GLY 157 314 314 GLY GLY A . n 
A 1 158 PHE 158 315 315 PHE PHE A . n 
A 1 159 VAL 159 316 316 VAL VAL A . n 
A 1 160 GLU 160 317 317 GLU GLU A . n 
A 1 161 PHE 161 318 318 PHE PHE A . n 
A 1 162 PHE 162 319 319 PHE PHE A . n 
A 1 163 HIS 163 320 320 HIS HIS A . n 
A 1 164 VAL 164 321 ?   ?   ?   A . n 
A 1 165 GLU 165 322 ?   ?   ?   A . n 
A 1 166 ASP 166 323 ?   ?   ?   A . n 
A 1 167 LEU 167 324 ?   ?   ?   A . n 
A 1 168 GLU 168 325 ?   ?   ?   A . n 
A 1 169 GLY 169 326 ?   ?   ?   A . n 
A 1 170 GLY 170 327 ?   ?   ?   A . n 
# 
loop_
_pdbx_nonpoly_scheme.asym_id 
_pdbx_nonpoly_scheme.entity_id 
_pdbx_nonpoly_scheme.mon_id 
_pdbx_nonpoly_scheme.ndb_seq_num 
_pdbx_nonpoly_scheme.pdb_seq_num 
_pdbx_nonpoly_scheme.auth_seq_num 
_pdbx_nonpoly_scheme.pdb_mon_id 
_pdbx_nonpoly_scheme.auth_mon_id 
_pdbx_nonpoly_scheme.pdb_strand_id 
_pdbx_nonpoly_scheme.pdb_ins_code 
B 2 U6Q 1  401 401 U6Q UNL A . 
C 3 MG  1  402 1   MG  MG  A . 
D 4 PG6 1  403 2   PG6 12P A . 
E 5 HOH 1  501 52  HOH HOH A . 
E 5 HOH 2  502 23  HOH HOH A . 
E 5 HOH 3  503 4   HOH HOH A . 
E 5 HOH 4  504 51  HOH HOH A . 
E 5 HOH 5  505 60  HOH HOH A . 
E 5 HOH 6  506 64  HOH HOH A . 
E 5 HOH 7  507 26  HOH HOH A . 
E 5 HOH 8  508 56  HOH HOH A . 
E 5 HOH 9  509 24  HOH HOH A . 
E 5 HOH 10 510 19  HOH HOH A . 
E 5 HOH 11 511 46  HOH HOH A . 
E 5 HOH 12 512 30  HOH HOH A . 
E 5 HOH 13 513 6   HOH HOH A . 
E 5 HOH 14 514 55  HOH HOH A . 
E 5 HOH 15 515 11  HOH HOH A . 
E 5 HOH 16 516 31  HOH HOH A . 
E 5 HOH 17 517 41  HOH HOH A . 
E 5 HOH 18 518 22  HOH HOH A . 
E 5 HOH 19 519 15  HOH HOH A . 
E 5 HOH 20 520 39  HOH HOH A . 
E 5 HOH 21 521 54  HOH HOH A . 
E 5 HOH 22 522 13  HOH HOH A . 
E 5 HOH 23 523 25  HOH HOH A . 
E 5 HOH 24 524 8   HOH HOH A . 
E 5 HOH 25 525 49  HOH HOH A . 
E 5 HOH 26 526 29  HOH HOH A . 
E 5 HOH 27 527 36  HOH HOH A . 
E 5 HOH 28 528 59  HOH HOH A . 
E 5 HOH 29 529 27  HOH HOH A . 
E 5 HOH 30 530 9   HOH HOH A . 
E 5 HOH 31 531 5   HOH HOH A . 
E 5 HOH 32 532 1   HOH HOH A . 
E 5 HOH 33 533 58  HOH HOH A . 
E 5 HOH 34 534 38  HOH HOH A . 
E 5 HOH 35 535 50  HOH HOH A . 
E 5 HOH 36 536 16  HOH HOH A . 
E 5 HOH 37 537 35  HOH HOH A . 
E 5 HOH 38 538 28  HOH HOH A . 
E 5 HOH 39 539 45  HOH HOH A . 
E 5 HOH 40 540 20  HOH HOH A . 
E 5 HOH 41 541 17  HOH HOH A . 
E 5 HOH 42 542 43  HOH HOH A . 
E 5 HOH 43 543 34  HOH HOH A . 
E 5 HOH 44 544 10  HOH HOH A . 
E 5 HOH 45 545 21  HOH HOH A . 
E 5 HOH 46 546 37  HOH HOH A . 
E 5 HOH 47 547 18  HOH HOH A . 
E 5 HOH 48 548 14  HOH HOH A . 
E 5 HOH 49 549 2   HOH HOH A . 
E 5 HOH 50 550 57  HOH HOH A . 
E 5 HOH 51 551 3   HOH HOH A . 
E 5 HOH 52 552 7   HOH HOH A . 
E 5 HOH 53 553 12  HOH HOH A . 
E 5 HOH 54 554 48  HOH HOH A . 
E 5 HOH 55 555 33  HOH HOH A . 
E 5 HOH 56 556 53  HOH HOH A . 
E 5 HOH 57 557 65  HOH HOH A . 
E 5 HOH 58 558 44  HOH HOH A . 
E 5 HOH 59 559 47  HOH HOH A . 
E 5 HOH 60 560 62  HOH HOH A . 
E 5 HOH 61 561 63  HOH HOH A . 
E 5 HOH 62 562 40  HOH HOH A . 
E 5 HOH 63 563 32  HOH HOH A . 
E 5 HOH 64 564 42  HOH HOH A . 
E 5 HOH 65 565 66  HOH HOH A . 
E 5 HOH 66 566 61  HOH HOH A . 
E 5 HOH 67 567 67  HOH HOH A . 
# 
loop_
_pdbx_unobs_or_zero_occ_atoms.id 
_pdbx_unobs_or_zero_occ_atoms.PDB_model_num 
_pdbx_unobs_or_zero_occ_atoms.polymer_flag 
_pdbx_unobs_or_zero_occ_atoms.occupancy_flag 
_pdbx_unobs_or_zero_occ_atoms.auth_asym_id 
_pdbx_unobs_or_zero_occ_atoms.auth_comp_id 
_pdbx_unobs_or_zero_occ_atoms.auth_seq_id 
_pdbx_unobs_or_zero_occ_atoms.PDB_ins_code 
_pdbx_unobs_or_zero_occ_atoms.auth_atom_id 
_pdbx_unobs_or_zero_occ_atoms.label_alt_id 
_pdbx_unobs_or_zero_occ_atoms.label_asym_id 
_pdbx_unobs_or_zero_occ_atoms.label_comp_id 
_pdbx_unobs_or_zero_occ_atoms.label_seq_id 
_pdbx_unobs_or_zero_occ_atoms.label_atom_id 
1  1 Y 1 A LYS 197 ? CG  ? A LYS 40  CG  
2  1 Y 1 A LYS 197 ? CD  ? A LYS 40  CD  
3  1 Y 1 A LYS 197 ? CE  ? A LYS 40  CE  
4  1 Y 1 A LYS 197 ? NZ  ? A LYS 40  NZ  
5  1 Y 1 A ARG 201 ? CG  ? A ARG 44  CG  
6  1 Y 1 A ARG 201 ? CD  ? A ARG 44  CD  
7  1 Y 1 A ARG 201 ? NE  ? A ARG 44  NE  
8  1 Y 1 A ARG 201 ? CZ  ? A ARG 44  CZ  
9  1 Y 1 A ARG 201 ? NH1 ? A ARG 44  NH1 
10 1 Y 1 A ARG 201 ? NH2 ? A ARG 44  NH2 
11 1 Y 1 A LYS 244 ? CG  ? A LYS 87  CG  
12 1 Y 1 A LYS 244 ? CD  ? A LYS 87  CD  
13 1 Y 1 A LYS 244 ? CE  ? A LYS 87  CE  
14 1 Y 1 A LYS 244 ? NZ  ? A LYS 87  NZ  
15 1 Y 1 A ARG 248 ? CG  ? A ARG 91  CG  
16 1 Y 1 A ARG 248 ? CD  ? A ARG 91  CD  
17 1 Y 1 A ARG 248 ? NE  ? A ARG 91  NE  
18 1 Y 1 A ARG 248 ? CZ  ? A ARG 91  CZ  
19 1 Y 1 A ARG 248 ? NH1 ? A ARG 91  NH1 
20 1 Y 1 A ARG 248 ? NH2 ? A ARG 91  NH2 
21 1 Y 1 A HIS 320 ? CG  ? A HIS 163 CG  
22 1 Y 1 A HIS 320 ? ND1 ? A HIS 163 ND1 
23 1 Y 1 A HIS 320 ? CD2 ? A HIS 163 CD2 
24 1 Y 1 A HIS 320 ? CE1 ? A HIS 163 CE1 
25 1 Y 1 A HIS 320 ? NE2 ? A HIS 163 NE2 
# 
loop_
_software.citation_id 
_software.classification 
_software.compiler_name 
_software.compiler_version 
_software.contact_author 
_software.contact_author_email 
_software.date 
_software.description 
_software.dependencies 
_software.hardware 
_software.language 
_software.location 
_software.mods 
_software.name 
_software.os 
_software.os_version 
_software.type 
_software.version 
_software.pdbx_ordinal 
? 'data reduction'  ? ? 'Zbyszek Otwinowski' hkl@hkl-xray.com         ?               ? ? ? ?          http://www.hkl-xray.com/ ? 
DENZO       ? ? program .        1 
? 'data scaling'    ? ? 'Zbyszek Otwinowski' hkl@hkl-xray.com         ?               ? ? ? ?          http://www.hkl-xray.com/ ? 
SCALEPACK   ? ? program .        2 
? phasing           ? ? 'Alexei Vaguine'     alexei@ysbl.york.ac.uk   ?               ? ? ? Fortran_77 
http://www.ccp4.ac.uk/dist/html/molrep.html  ? MOLREP      ? ? program .        3 
? refinement        ? ? 'Garib N. Murshudov' garib@ysbl.york.ac.uk    ?               ? ? ? Fortran_77 
http://www.ccp4.ac.uk/dist/html/refmac5.html ? REFMAC      ? ? program 5.8.0258 4 
? 'data extraction' ? ? PDB                  deposit@deposit.rcsb.org 'Oct. 31, 2020' ? ? ? C++        
http://sw-tools.pdb.org/apps/PDB_EXTRACT/    ? PDB_EXTRACT ? ? package 3.27     5 
# 
_cell.angle_alpha                  90.000 
_cell.angle_alpha_esd              ? 
_cell.angle_beta                   90.000 
_cell.angle_beta_esd               ? 
_cell.angle_gamma                  120.000 
_cell.angle_gamma_esd              ? 
_cell.entry_id                     7NB4 
_cell.details                      ? 
_cell.formula_units_Z              ? 
_cell.length_a                     39.739 
_cell.length_a_esd                 ? 
_cell.length_b                     39.739 
_cell.length_b_esd                 ? 
_cell.length_c                     328.268 
_cell.length_c_esd                 ? 
_cell.volume                       ? 
_cell.volume_esd                   ? 
_cell.Z_PDB                        12 
_cell.reciprocal_angle_alpha       ? 
_cell.reciprocal_angle_beta        ? 
_cell.reciprocal_angle_gamma       ? 
_cell.reciprocal_angle_alpha_esd   ? 
_cell.reciprocal_angle_beta_esd    ? 
_cell.reciprocal_angle_gamma_esd   ? 
_cell.reciprocal_length_a          ? 
_cell.reciprocal_length_b          ? 
_cell.reciprocal_length_c          ? 
_cell.reciprocal_length_a_esd      ? 
_cell.reciprocal_length_b_esd      ? 
_cell.reciprocal_length_c_esd      ? 
_cell.pdbx_unique_axis             ? 
# 
_symmetry.entry_id                         7NB4 
_symmetry.cell_setting                     ? 
_symmetry.Int_Tables_number                179 
_symmetry.space_group_name_Hall            ? 
_symmetry.space_group_name_H-M             'P 65 2 2' 
_symmetry.pdbx_full_space_group_name_H-M   ? 
# 
_exptl.absorpt_coefficient_mu     ? 
_exptl.absorpt_correction_T_max   ? 
_exptl.absorpt_correction_T_min   ? 
_exptl.absorpt_correction_type    ? 
_exptl.absorpt_process_details    ? 
_exptl.entry_id                   7NB4 
_exptl.crystals_number            1 
_exptl.details                    ? 
_exptl.method                     'X-RAY DIFFRACTION' 
_exptl.method_details             ? 
# 
_exptl_crystal.colour                      ? 
_exptl_crystal.density_diffrn              ? 
_exptl_crystal.density_Matthews            1.92 
_exptl_crystal.density_method              ? 
_exptl_crystal.density_percent_sol         35.91 
_exptl_crystal.description                 ? 
_exptl_crystal.F_000                       ? 
_exptl_crystal.id                          1 
_exptl_crystal.preparation                 ? 
_exptl_crystal.size_max                    ? 
_exptl_crystal.size_mid                    ? 
_exptl_crystal.size_min                    ? 
_exptl_crystal.size_rad                    ? 
_exptl_crystal.colour_lustre               ? 
_exptl_crystal.colour_modifier             ? 
_exptl_crystal.colour_primary              ? 
_exptl_crystal.density_meas                ? 
_exptl_crystal.density_meas_esd            ? 
_exptl_crystal.density_meas_gt             ? 
_exptl_crystal.density_meas_lt             ? 
_exptl_crystal.density_meas_temp           ? 
_exptl_crystal.density_meas_temp_esd       ? 
_exptl_crystal.density_meas_temp_gt        ? 
_exptl_crystal.density_meas_temp_lt        ? 
_exptl_crystal.pdbx_crystal_image_url      ? 
_exptl_crystal.pdbx_crystal_image_format   ? 
_exptl_crystal.pdbx_mosaicity              ? 
_exptl_crystal.pdbx_mosaicity_esd          ? 
# 
_exptl_crystal_grow.apparatus       ? 
_exptl_crystal_grow.atmosphere      ? 
_exptl_crystal_grow.crystal_id      1 
_exptl_crystal_grow.details         ? 
_exptl_crystal_grow.method          'VAPOR DIFFUSION, SITTING DROP' 
_exptl_crystal_grow.method_ref      ? 
_exptl_crystal_grow.pH              7.0 
_exptl_crystal_grow.pressure        ? 
_exptl_crystal_grow.pressure_esd    ? 
_exptl_crystal_grow.seeding         ? 
_exptl_crystal_grow.seeding_ref     ? 
_exptl_crystal_grow.temp            284 
_exptl_crystal_grow.temp_details    ? 
_exptl_crystal_grow.temp_esd        ? 
_exptl_crystal_grow.time            ? 
_exptl_crystal_grow.pdbx_details    '1.8 M Ammonium citrate' 
_exptl_crystal_grow.pdbx_pH_range   ? 
# 
_diffrn.ambient_environment              ? 
_diffrn.ambient_temp                     100 
_diffrn.ambient_temp_details             ? 
_diffrn.ambient_temp_esd                 ? 
_diffrn.crystal_id                       1 
_diffrn.crystal_support                  ? 
_diffrn.crystal_treatment                ? 
_diffrn.details                          ? 
_diffrn.id                               1 
_diffrn.ambient_pressure                 ? 
_diffrn.ambient_pressure_esd             ? 
_diffrn.ambient_pressure_gt              ? 
_diffrn.ambient_pressure_lt              ? 
_diffrn.ambient_temp_gt                  ? 
_diffrn.ambient_temp_lt                  ? 
_diffrn.pdbx_serial_crystal_experiment   N 
# 
_diffrn_detector.details                      ? 
_diffrn_detector.detector                     CCD 
_diffrn_detector.diffrn_id                    1 
_diffrn_detector.type                         'ADSC QUANTUM 315r' 
_diffrn_detector.area_resol_mean              ? 
_diffrn_detector.dtime                        ? 
_diffrn_detector.pdbx_frames_total            ? 
_diffrn_detector.pdbx_collection_time_total   ? 
_diffrn_detector.pdbx_collection_date         2010-07-14 
_diffrn_detector.pdbx_frequency               ? 
# 
_diffrn_radiation.collimation                      ? 
_diffrn_radiation.diffrn_id                        1 
_diffrn_radiation.filter_edge                      ? 
_diffrn_radiation.inhomogeneity                    ? 
_diffrn_radiation.monochromator                    ? 
_diffrn_radiation.polarisn_norm                    ? 
_diffrn_radiation.polarisn_ratio                   ? 
_diffrn_radiation.probe                            ? 
_diffrn_radiation.type                             ? 
_diffrn_radiation.xray_symbol                      ? 
_diffrn_radiation.wavelength_id                    1 
_diffrn_radiation.pdbx_monochromatic_or_laue_m_l   M 
_diffrn_radiation.pdbx_wavelength_list             ? 
_diffrn_radiation.pdbx_wavelength                  ? 
_diffrn_radiation.pdbx_diffrn_protocol             'SINGLE WAVELENGTH' 
_diffrn_radiation.pdbx_analyzer                    ? 
_diffrn_radiation.pdbx_scattering_type             x-ray 
# 
_diffrn_radiation_wavelength.id           1 
_diffrn_radiation_wavelength.wavelength   0.9795 
_diffrn_radiation_wavelength.wt           1.0 
# 
_diffrn_source.current                     ? 
_diffrn_source.details                     ? 
_diffrn_source.diffrn_id                   1 
_diffrn_source.power                       ? 
_diffrn_source.size                        ? 
_diffrn_source.source                      SYNCHROTRON 
_diffrn_source.target                      ? 
_diffrn_source.type                        'DIAMOND BEAMLINE I02' 
_diffrn_source.voltage                     ? 
_diffrn_source.take-off_angle              ? 
_diffrn_source.pdbx_wavelength_list        0.9795 
_diffrn_source.pdbx_wavelength             ? 
_diffrn_source.pdbx_synchrotron_beamline   I02 
_diffrn_source.pdbx_synchrotron_site       Diamond 
# 
_reflns.B_iso_Wilson_estimate            ? 
_reflns.entry_id                         7NB4 
_reflns.data_reduction_details           ? 
_reflns.data_reduction_method            ? 
_reflns.d_resolution_high                1.90 
_reflns.d_resolution_low                 40.0 
_reflns.details                          ? 
_reflns.limit_h_max                      ? 
_reflns.limit_h_min                      ? 
_reflns.limit_k_max                      ? 
_reflns.limit_k_min                      ? 
_reflns.limit_l_max                      ? 
_reflns.limit_l_min                      ? 
_reflns.number_all                       ? 
_reflns.number_obs                       12442 
_reflns.observed_criterion               ? 
_reflns.observed_criterion_F_max         ? 
_reflns.observed_criterion_F_min         ? 
_reflns.observed_criterion_I_max         ? 
_reflns.observed_criterion_I_min         ? 
_reflns.observed_criterion_sigma_F       ? 
_reflns.observed_criterion_sigma_I       ? 
_reflns.percent_possible_obs             91.8 
_reflns.R_free_details                   ? 
_reflns.Rmerge_F_all                     ? 
_reflns.Rmerge_F_obs                     ? 
_reflns.Friedel_coverage                 ? 
_reflns.number_gt                        ? 
_reflns.threshold_expression             ? 
_reflns.pdbx_redundancy                  6.4 
_reflns.pdbx_Rmerge_I_obs                0.045 
_reflns.pdbx_Rmerge_I_all                ? 
_reflns.pdbx_Rsym_value                  ? 
_reflns.pdbx_netI_over_av_sigmaI         ? 
_reflns.pdbx_netI_over_sigmaI            29.6 
_reflns.pdbx_res_netI_over_av_sigmaI_2   ? 
_reflns.pdbx_res_netI_over_sigmaI_2      ? 
_reflns.pdbx_chi_squared                 ? 
_reflns.pdbx_scaling_rejects             ? 
_reflns.pdbx_d_res_high_opt              ? 
_reflns.pdbx_d_res_low_opt               ? 
_reflns.pdbx_d_res_opt_method            ? 
_reflns.phase_calculation_details        ? 
_reflns.pdbx_Rrim_I_all                  ? 
_reflns.pdbx_Rpim_I_all                  ? 
_reflns.pdbx_d_opt                       ? 
_reflns.pdbx_number_measured_all         ? 
_reflns.pdbx_diffrn_id                   1 
_reflns.pdbx_ordinal                     1 
_reflns.pdbx_CC_half                     ? 
_reflns.pdbx_CC_star                     ? 
_reflns.pdbx_R_split                     ? 
# 
_reflns_shell.d_res_high                  1.90 
_reflns_shell.d_res_low                   1.97 
_reflns_shell.meanI_over_sigI_all         ? 
_reflns_shell.meanI_over_sigI_obs         4.1 
_reflns_shell.number_measured_all         ? 
_reflns_shell.number_measured_obs         ? 
_reflns_shell.number_possible             ? 
_reflns_shell.number_unique_all           ? 
_reflns_shell.number_unique_obs           1227 
_reflns_shell.percent_possible_all        96.0 
_reflns_shell.percent_possible_obs        ? 
_reflns_shell.Rmerge_F_all                ? 
_reflns_shell.Rmerge_F_obs                ? 
_reflns_shell.Rmerge_I_all                ? 
_reflns_shell.Rmerge_I_obs                0.267 
_reflns_shell.meanI_over_sigI_gt          ? 
_reflns_shell.meanI_over_uI_all           ? 
_reflns_shell.meanI_over_uI_gt            ? 
_reflns_shell.number_measured_gt          ? 
_reflns_shell.number_unique_gt            ? 
_reflns_shell.percent_possible_gt         ? 
_reflns_shell.Rmerge_F_gt                 ? 
_reflns_shell.Rmerge_I_gt                 ? 
_reflns_shell.pdbx_redundancy             6.2 
_reflns_shell.pdbx_Rsym_value             ? 
_reflns_shell.pdbx_chi_squared            ? 
_reflns_shell.pdbx_netI_over_sigmaI_all   ? 
_reflns_shell.pdbx_netI_over_sigmaI_obs   ? 
_reflns_shell.pdbx_Rrim_I_all             ? 
_reflns_shell.pdbx_Rpim_I_all             ? 
_reflns_shell.pdbx_rejects                ? 
_reflns_shell.pdbx_ordinal                1 
_reflns_shell.pdbx_diffrn_id              1 
_reflns_shell.pdbx_CC_half                ? 
_reflns_shell.pdbx_CC_star                ? 
_reflns_shell.pdbx_R_split                ? 
# 
_refine.aniso_B[1][1]                            1.2300 
_refine.aniso_B[1][2]                            0.6200 
_refine.aniso_B[1][3]                            0.0000 
_refine.aniso_B[2][2]                            1.2300 
_refine.aniso_B[2][3]                            -0.0000 
_refine.aniso_B[3][3]                            -4.0000 
_refine.B_iso_max                                107.770 
_refine.B_iso_mean                               45.1740 
_refine.B_iso_min                                27.510 
_refine.correlation_coeff_Fo_to_Fc               0.9520 
_refine.correlation_coeff_Fo_to_Fc_free          0.9240 
_refine.details                                  
'HYDROGENS HAVE BEEN ADDED IN THE RIDING POSITIONS U VALUES      : REFINED INDIVIDUALLY' 
_refine.diff_density_max                         ? 
_refine.diff_density_max_esd                     ? 
_refine.diff_density_min                         ? 
_refine.diff_density_min_esd                     ? 
_refine.diff_density_rms                         ? 
_refine.diff_density_rms_esd                     ? 
_refine.entry_id                                 7NB4 
_refine.pdbx_refine_id                           'X-RAY DIFFRACTION' 
_refine.ls_abs_structure_details                 ? 
_refine.ls_abs_structure_Flack                   ? 
_refine.ls_abs_structure_Flack_esd               ? 
_refine.ls_abs_structure_Rogers                  ? 
_refine.ls_abs_structure_Rogers_esd              ? 
_refine.ls_d_res_high                            1.9000 
_refine.ls_d_res_low                             20.0000 
_refine.ls_extinction_coef                       ? 
_refine.ls_extinction_coef_esd                   ? 
_refine.ls_extinction_expression                 ? 
_refine.ls_extinction_method                     ? 
_refine.ls_goodness_of_fit_all                   ? 
_refine.ls_goodness_of_fit_all_esd               ? 
_refine.ls_goodness_of_fit_obs                   ? 
_refine.ls_goodness_of_fit_obs_esd               ? 
_refine.ls_hydrogen_treatment                    ? 
_refine.ls_matrix_type                           ? 
_refine.ls_number_constraints                    ? 
_refine.ls_number_parameters                     ? 
_refine.ls_number_reflns_all                     ? 
_refine.ls_number_reflns_obs                     11753 
_refine.ls_number_reflns_R_free                  603 
_refine.ls_number_reflns_R_work                  ? 
_refine.ls_number_restraints                     ? 
_refine.ls_percent_reflns_obs                    92.5500 
_refine.ls_percent_reflns_R_free                 4.9000 
_refine.ls_R_factor_all                          ? 
_refine.ls_R_factor_obs                          0.2071 
_refine.ls_R_factor_R_free                       0.2526 
_refine.ls_R_factor_R_free_error                 ? 
_refine.ls_R_factor_R_free_error_details         ? 
_refine.ls_R_factor_R_work                       0.2047 
_refine.ls_R_Fsqd_factor_obs                     ? 
_refine.ls_R_I_factor_obs                        ? 
_refine.ls_redundancy_reflns_all                 ? 
_refine.ls_redundancy_reflns_obs                 ? 
_refine.ls_restrained_S_all                      ? 
_refine.ls_restrained_S_obs                      ? 
_refine.ls_shift_over_esd_max                    ? 
_refine.ls_shift_over_esd_mean                   ? 
_refine.ls_structure_factor_coef                 ? 
_refine.ls_weighting_details                     ? 
_refine.ls_weighting_scheme                      ? 
_refine.ls_wR_factor_all                         ? 
_refine.ls_wR_factor_obs                         ? 
_refine.ls_wR_factor_R_free                      ? 
_refine.ls_wR_factor_R_work                      ? 
_refine.occupancy_max                            ? 
_refine.occupancy_min                            ? 
_refine.solvent_model_details                    MASK 
_refine.solvent_model_param_bsol                 ? 
_refine.solvent_model_param_ksol                 ? 
_refine.pdbx_R_complete                          ? 
_refine.ls_R_factor_gt                           ? 
_refine.ls_goodness_of_fit_gt                    ? 
_refine.ls_goodness_of_fit_ref                   ? 
_refine.ls_shift_over_su_max                     ? 
_refine.ls_shift_over_su_max_lt                  ? 
_refine.ls_shift_over_su_mean                    ? 
_refine.ls_shift_over_su_mean_lt                 ? 
_refine.pdbx_ls_sigma_I                          ? 
_refine.pdbx_ls_sigma_F                          0.000 
_refine.pdbx_ls_sigma_Fsqd                       ? 
_refine.pdbx_data_cutoff_high_absF               ? 
_refine.pdbx_data_cutoff_high_rms_absF           ? 
_refine.pdbx_data_cutoff_low_absF                ? 
_refine.pdbx_isotropic_thermal_model             ? 
_refine.pdbx_ls_cross_valid_method               THROUGHOUT 
_refine.pdbx_method_to_determine_struct          'MOLECULAR REPLACEMENT' 
_refine.pdbx_starting_model                      6qz6 
_refine.pdbx_stereochemistry_target_values       'MAXIMUM LIKELIHOOD' 
_refine.pdbx_R_Free_selection_details            RANDOM 
_refine.pdbx_stereochem_target_val_spec_case     ? 
_refine.pdbx_overall_ESU_R                       0.1820 
_refine.pdbx_overall_ESU_R_Free                  0.1670 
_refine.pdbx_solvent_vdw_probe_radii             1.2000 
_refine.pdbx_solvent_ion_probe_radii             0.8000 
_refine.pdbx_solvent_shrinkage_radii             0.8000 
_refine.pdbx_real_space_R                        ? 
_refine.pdbx_density_correlation                 ? 
_refine.pdbx_pd_number_of_powder_patterns        ? 
_refine.pdbx_pd_number_of_points                 ? 
_refine.pdbx_pd_meas_number_of_points            ? 
_refine.pdbx_pd_proc_ls_prof_R_factor            ? 
_refine.pdbx_pd_proc_ls_prof_wR_factor           ? 
_refine.pdbx_pd_Marquardt_correlation_coeff      ? 
_refine.pdbx_pd_Fsqrd_R_factor                   ? 
_refine.pdbx_pd_ls_matrix_band_width             ? 
_refine.pdbx_overall_phase_error                 ? 
_refine.pdbx_overall_SU_R_free_Cruickshank_DPI   ? 
_refine.pdbx_overall_SU_R_free_Blow_DPI          ? 
_refine.pdbx_overall_SU_R_Blow_DPI               ? 
_refine.pdbx_TLS_residual_ADP_flag               ? 
_refine.pdbx_diffrn_id                           1 
_refine.overall_SU_B                             3.9990 
_refine.overall_SU_ML                            0.1150 
_refine.overall_SU_R_Cruickshank_DPI             0.1819 
_refine.overall_SU_R_free                        ? 
_refine.overall_FOM_free_R_set                   ? 
_refine.overall_FOM_work_R_set                   ? 
_refine.pdbx_average_fsc_overall                 ? 
_refine.pdbx_average_fsc_work                    ? 
_refine.pdbx_average_fsc_free                    ? 
# 
_refine_hist.pdbx_refine_id                   'X-RAY DIFFRACTION' 
_refine_hist.cycle_id                         final 
_refine_hist.details                          ? 
_refine_hist.d_res_high                       1.9000 
_refine_hist.d_res_low                        20.0000 
_refine_hist.number_atoms_solvent             67 
_refine_hist.number_atoms_total               1308 
_refine_hist.number_reflns_all                ? 
_refine_hist.number_reflns_obs                ? 
_refine_hist.number_reflns_R_free             ? 
_refine_hist.number_reflns_R_work             ? 
_refine_hist.R_factor_all                     ? 
_refine_hist.R_factor_obs                     ? 
_refine_hist.R_factor_R_free                  ? 
_refine_hist.R_factor_R_work                  ? 
_refine_hist.pdbx_number_residues_total       151 
_refine_hist.pdbx_B_iso_mean_ligand           39.48 
_refine_hist.pdbx_B_iso_mean_solvent          53.96 
_refine_hist.pdbx_number_atoms_protein        1191 
_refine_hist.pdbx_number_atoms_nucleic_acid   0 
_refine_hist.pdbx_number_atoms_ligand         50 
_refine_hist.pdbx_number_atoms_lipid          ? 
_refine_hist.pdbx_number_atoms_carb           ? 
_refine_hist.pdbx_pseudo_atom_details         ? 
# 
loop_
_refine_ls_restr.pdbx_refine_id 
_refine_ls_restr.criterion 
_refine_ls_restr.dev_ideal 
_refine_ls_restr.dev_ideal_target 
_refine_ls_restr.number 
_refine_ls_restr.rejects 
_refine_ls_restr.type 
_refine_ls_restr.weight 
_refine_ls_restr.pdbx_restraint_function 
'X-RAY DIFFRACTION' ? 0.010  0.013  1261 ? r_bond_refined_d       ? ? 
'X-RAY DIFFRACTION' ? 0.002  0.017  1177 ? r_bond_other_d         ? ? 
'X-RAY DIFFRACTION' ? 1.502  1.639  1695 ? r_angle_refined_deg    ? ? 
'X-RAY DIFFRACTION' ? 1.409  1.581  2708 ? r_angle_other_deg      ? ? 
'X-RAY DIFFRACTION' ? 5.216  5.000  150  ? r_dihedral_angle_1_deg ? ? 
'X-RAY DIFFRACTION' ? 31.155 21.000 70   ? r_dihedral_angle_2_deg ? ? 
'X-RAY DIFFRACTION' ? 15.310 15.000 218  ? r_dihedral_angle_3_deg ? ? 
'X-RAY DIFFRACTION' ? 21.022 15.000 12   ? r_dihedral_angle_4_deg ? ? 
'X-RAY DIFFRACTION' ? 0.078  0.200  160  ? r_chiral_restr         ? ? 
'X-RAY DIFFRACTION' ? 0.008  0.020  1401 ? r_gen_planes_refined   ? ? 
'X-RAY DIFFRACTION' ? 0.001  0.020  285  ? r_gen_planes_other     ? ? 
# 
_refine_ls_shell.pdbx_refine_id                   'X-RAY DIFFRACTION' 
_refine_ls_shell.d_res_high                       1.9000 
_refine_ls_shell.d_res_low                        2.0020 
_refine_ls_shell.number_reflns_all                1786 
_refine_ls_shell.number_reflns_obs                ? 
_refine_ls_shell.number_reflns_R_free             88 
_refine_ls_shell.number_reflns_R_work             1698 
_refine_ls_shell.percent_reflns_obs               96.7000 
_refine_ls_shell.percent_reflns_R_free            ? 
_refine_ls_shell.R_factor_all                     ? 
_refine_ls_shell.R_factor_obs                     ? 
_refine_ls_shell.R_factor_R_free                  0.3100 
_refine_ls_shell.R_factor_R_free_error            0.0000 
_refine_ls_shell.R_factor_R_work                  0.2350 
_refine_ls_shell.redundancy_reflns_all            ? 
_refine_ls_shell.redundancy_reflns_obs            ? 
_refine_ls_shell.wR_factor_all                    ? 
_refine_ls_shell.wR_factor_obs                    ? 
_refine_ls_shell.wR_factor_R_free                 ? 
_refine_ls_shell.wR_factor_R_work                 ? 
_refine_ls_shell.pdbx_R_complete                  ? 
_refine_ls_shell.pdbx_total_number_of_bins_used   10 
_refine_ls_shell.pdbx_phase_error                 ? 
_refine_ls_shell.pdbx_fsc_work                    ? 
_refine_ls_shell.pdbx_fsc_free                    ? 
# 
_struct.entry_id                     7NB4 
_struct.title                        'Structure of Mcl-1 complex with compound 1' 
_struct.pdbx_model_details           ? 
_struct.pdbx_formula_weight          ? 
_struct.pdbx_formula_weight_method   ? 
_struct.pdbx_model_type_details      ? 
_struct.pdbx_CASP_flag               N 
# 
_struct_keywords.entry_id        7NB4 
_struct_keywords.text            'APOPTOSIS, APOPTOSIS-INHIBITOR COMPLEX, MCL-1, S64315, SMALL MOLECULE INHIBITOR, SBDD' 
_struct_keywords.pdbx_keywords   APOPTOSIS 
# 
loop_
_struct_asym.id 
_struct_asym.pdbx_blank_PDB_chainid_flag 
_struct_asym.pdbx_modified 
_struct_asym.entity_id 
_struct_asym.details 
A N N 1 ? 
B N N 2 ? 
C N N 3 ? 
D N N 4 ? 
E N N 5 ? 
# 
_struct_ref.id                         1 
_struct_ref.db_name                    UNP 
_struct_ref.db_code                    MCL1_HUMAN 
_struct_ref.pdbx_db_accession          Q07820 
_struct_ref.pdbx_db_isoform            ? 
_struct_ref.entity_id                  1 
_struct_ref.pdbx_seq_one_letter_code   
;EDELYRQSLEIISRYLREQATGAKDTKPMGRSGATSRKALETLRRVGDGVQRNHETAFQGMLRKLDIKNEDDVKSLSRVM
IHVFSDGVTNWGRIVTLISFGAFVAKHLKTINQESCIEPLAESITDVLVRTKRDWLVKQRGWDGFVEFFHVEDLEGG
;
_struct_ref.pdbx_align_begin           171 
# 
_struct_ref_seq.align_id                      1 
_struct_ref_seq.ref_id                        1 
_struct_ref_seq.pdbx_PDB_id_code              7NB4 
_struct_ref_seq.pdbx_strand_id                A 
_struct_ref_seq.seq_align_beg                 14 
_struct_ref_seq.pdbx_seq_align_beg_ins_code   ? 
_struct_ref_seq.seq_align_end                 170 
_struct_ref_seq.pdbx_seq_align_end_ins_code   ? 
_struct_ref_seq.pdbx_db_accession             Q07820 
_struct_ref_seq.db_align_beg                  171 
_struct_ref_seq.pdbx_db_align_beg_ins_code    ? 
_struct_ref_seq.db_align_end                  327 
_struct_ref_seq.pdbx_db_align_end_ins_code    ? 
_struct_ref_seq.pdbx_auth_seq_align_beg       171 
_struct_ref_seq.pdbx_auth_seq_align_end       327 
# 
loop_
_struct_ref_seq_dif.align_id 
_struct_ref_seq_dif.pdbx_pdb_id_code 
_struct_ref_seq_dif.mon_id 
_struct_ref_seq_dif.pdbx_pdb_strand_id 
_struct_ref_seq_dif.seq_num 
_struct_ref_seq_dif.pdbx_pdb_ins_code 
_struct_ref_seq_dif.pdbx_seq_db_name 
_struct_ref_seq_dif.pdbx_seq_db_accession_code 
_struct_ref_seq_dif.db_mon_id 
_struct_ref_seq_dif.pdbx_seq_db_seq_num 
_struct_ref_seq_dif.details 
_struct_ref_seq_dif.pdbx_auth_seq_num 
_struct_ref_seq_dif.pdbx_ordinal 
1 7NB4 MET A 1  ? UNP Q07820 ? ? 'initiating methionine' 158 1  
1 7NB4 HIS A 2  ? UNP Q07820 ? ? 'expression tag'        159 2  
1 7NB4 HIS A 3  ? UNP Q07820 ? ? 'expression tag'        160 3  
1 7NB4 HIS A 4  ? UNP Q07820 ? ? 'expression tag'        161 4  
1 7NB4 HIS A 5  ? UNP Q07820 ? ? 'expression tag'        162 5  
1 7NB4 HIS A 6  ? UNP Q07820 ? ? 'expression tag'        163 6  
1 7NB4 HIS A 7  ? UNP Q07820 ? ? 'expression tag'        164 7  
1 7NB4 LEU A 8  ? UNP Q07820 ? ? 'expression tag'        165 8  
1 7NB4 VAL A 9  ? UNP Q07820 ? ? 'expression tag'        166 9  
1 7NB4 PRO A 10 ? UNP Q07820 ? ? 'expression tag'        167 10 
1 7NB4 ARG A 11 ? UNP Q07820 ? ? 'expression tag'        168 11 
1 7NB4 GLY A 12 ? UNP Q07820 ? ? 'expression tag'        169 12 
1 7NB4 SER A 13 ? UNP Q07820 ? ? 'expression tag'        170 13 
# 
_pdbx_struct_assembly.id                   1 
_pdbx_struct_assembly.details              author_defined_assembly 
_pdbx_struct_assembly.method_details       ? 
_pdbx_struct_assembly.oligomeric_details   monomeric 
_pdbx_struct_assembly.oligomeric_count     1 
# 
loop_
_pdbx_struct_assembly_prop.biol_id 
_pdbx_struct_assembly_prop.type 
_pdbx_struct_assembly_prop.value 
_pdbx_struct_assembly_prop.details 
1 'ABSA (A^2)' 350  ? 
1 MORE         -4   ? 
1 'SSA (A^2)'  8010 ? 
# 
_pdbx_struct_assembly_gen.assembly_id       1 
_pdbx_struct_assembly_gen.oper_expression   1 
_pdbx_struct_assembly_gen.asym_id_list      A,B,C,D,E 
# 
_pdbx_struct_assembly_auth_evidence.id                     1 
_pdbx_struct_assembly_auth_evidence.assembly_id            1 
_pdbx_struct_assembly_auth_evidence.experimental_support   'gel filtration' 
_pdbx_struct_assembly_auth_evidence.details                ? 
# 
_pdbx_struct_oper_list.id                   1 
_pdbx_struct_oper_list.type                 'identity operation' 
_pdbx_struct_oper_list.name                 1_555 
_pdbx_struct_oper_list.symmetry_operation   x,y,z 
_pdbx_struct_oper_list.matrix[1][1]         1.0000000000 
_pdbx_struct_oper_list.matrix[1][2]         0.0000000000 
_pdbx_struct_oper_list.matrix[1][3]         0.0000000000 
_pdbx_struct_oper_list.vector[1]            0.0000000000 
_pdbx_struct_oper_list.matrix[2][1]         0.0000000000 
_pdbx_struct_oper_list.matrix[2][2]         1.0000000000 
_pdbx_struct_oper_list.matrix[2][3]         0.0000000000 
_pdbx_struct_oper_list.vector[2]            0.0000000000 
_pdbx_struct_oper_list.matrix[3][1]         0.0000000000 
_pdbx_struct_oper_list.matrix[3][2]         0.0000000000 
_pdbx_struct_oper_list.matrix[3][3]         1.0000000000 
_pdbx_struct_oper_list.vector[3]            0.0000000000 
# 
loop_
_struct_conf.conf_type_id 
_struct_conf.id 
_struct_conf.pdbx_PDB_helix_id 
_struct_conf.beg_label_comp_id 
_struct_conf.beg_label_asym_id 
_struct_conf.beg_label_seq_id 
_struct_conf.pdbx_beg_PDB_ins_code 
_struct_conf.end_label_comp_id 
_struct_conf.end_label_asym_id 
_struct_conf.end_label_seq_id 
_struct_conf.pdbx_end_PDB_ins_code 
_struct_conf.beg_auth_comp_id 
_struct_conf.beg_auth_asym_id 
_struct_conf.beg_auth_seq_id 
_struct_conf.end_auth_comp_id 
_struct_conf.end_auth_asym_id 
_struct_conf.end_auth_seq_id 
_struct_conf.pdbx_PDB_helix_class 
_struct_conf.details 
_struct_conf.pdbx_PDB_helix_length 
HELX_P HELX_P1 AA1 ASP A 15  ? GLY A 35  ? ASP A 172 GLY A 192 1 ? 21 
HELX_P HELX_P2 AA2 SER A 45  ? HIS A 67  ? SER A 202 HIS A 224 1 ? 23 
HELX_P HELX_P3 AA3 HIS A 67  ? ASP A 79  ? HIS A 224 ASP A 236 1 ? 13 
HELX_P HELX_P4 AA4 ASN A 82  ? GLY A 100 ? ASN A 239 GLY A 257 1 ? 19 
HELX_P HELX_P5 AA5 ASN A 103 ? ILE A 124 ? ASN A 260 ILE A 281 1 ? 22 
HELX_P HELX_P6 AA6 GLN A 126 ? SER A 128 ? GLN A 283 SER A 285 5 ? 3  
HELX_P HELX_P7 AA7 CYS A 129 ? GLN A 152 ? CYS A 286 GLN A 309 1 ? 24 
HELX_P HELX_P8 AA8 ARG A 153 ? PHE A 162 ? ARG A 310 PHE A 319 1 ? 10 
# 
_struct_conf_type.id          HELX_P 
_struct_conf_type.criteria    ? 
_struct_conf_type.reference   ? 
# 
loop_
_struct_conn.id 
_struct_conn.conn_type_id 
_struct_conn.pdbx_leaving_atom_flag 
_struct_conn.pdbx_PDB_id 
_struct_conn.ptnr1_label_asym_id 
_struct_conn.ptnr1_label_comp_id 
_struct_conn.ptnr1_label_seq_id 
_struct_conn.ptnr1_label_atom_id 
_struct_conn.pdbx_ptnr1_label_alt_id 
_struct_conn.pdbx_ptnr1_PDB_ins_code 
_struct_conn.pdbx_ptnr1_standard_comp_id 
_struct_conn.ptnr1_symmetry 
_struct_conn.ptnr2_label_asym_id 
_struct_conn.ptnr2_label_comp_id 
_struct_conn.ptnr2_label_seq_id 
_struct_conn.ptnr2_label_atom_id 
_struct_conn.pdbx_ptnr2_label_alt_id 
_struct_conn.pdbx_ptnr2_PDB_ins_code 
_struct_conn.ptnr1_auth_asym_id 
_struct_conn.ptnr1_auth_comp_id 
_struct_conn.ptnr1_auth_seq_id 
_struct_conn.ptnr2_auth_asym_id 
_struct_conn.ptnr2_auth_comp_id 
_struct_conn.ptnr2_auth_seq_id 
_struct_conn.ptnr2_symmetry 
_struct_conn.pdbx_ptnr3_label_atom_id 
_struct_conn.pdbx_ptnr3_label_seq_id 
_struct_conn.pdbx_ptnr3_label_comp_id 
_struct_conn.pdbx_ptnr3_label_asym_id 
_struct_conn.pdbx_ptnr3_label_alt_id 
_struct_conn.pdbx_ptnr3_PDB_ins_code 
_struct_conn.details 
_struct_conn.pdbx_dist_value 
_struct_conn.pdbx_value_order 
_struct_conn.pdbx_role 
metalc1 metalc ? ? C MG . MG ? ? ? 1_555 D PG6 . O3 ? ? A MG 402 A PG6 403 1_555 ? ? ? ? ? ? ? 2.937 ? ? 
metalc2 metalc ? ? C MG . MG ? ? ? 1_555 D PG6 . O3 ? ? A MG 402 A PG6 403 8_555 ? ? ? ? ? ? ? 2.723 ? ? 
# 
_struct_conn_type.id          metalc 
_struct_conn_type.criteria    ? 
_struct_conn_type.reference   ? 
# 
_pdbx_struct_conn_angle.id                    1 
_pdbx_struct_conn_angle.ptnr1_label_atom_id   O3 
_pdbx_struct_conn_angle.ptnr1_label_alt_id    ? 
_pdbx_struct_conn_angle.ptnr1_label_asym_id   D 
_pdbx_struct_conn_angle.ptnr1_label_comp_id   PG6 
_pdbx_struct_conn_angle.ptnr1_label_seq_id    . 
_pdbx_struct_conn_angle.ptnr1_auth_atom_id    ? 
_pdbx_struct_conn_angle.ptnr1_auth_asym_id    A 
_pdbx_struct_conn_angle.ptnr1_auth_comp_id    PG6 
_pdbx_struct_conn_angle.ptnr1_auth_seq_id     403 
_pdbx_struct_conn_angle.ptnr1_PDB_ins_code    ? 
_pdbx_struct_conn_angle.ptnr1_symmetry        1_555 
_pdbx_struct_conn_angle.ptnr2_label_atom_id   MG 
_pdbx_struct_conn_angle.ptnr2_label_alt_id    ? 
_pdbx_struct_conn_angle.ptnr2_label_asym_id   C 
_pdbx_struct_conn_angle.ptnr2_label_comp_id   MG 
_pdbx_struct_conn_angle.ptnr2_label_seq_id    . 
_pdbx_struct_conn_angle.ptnr2_auth_atom_id    ? 
_pdbx_struct_conn_angle.ptnr2_auth_asym_id    A 
_pdbx_struct_conn_angle.ptnr2_auth_comp_id    MG 
_pdbx_struct_conn_angle.ptnr2_auth_seq_id     402 
_pdbx_struct_conn_angle.ptnr2_PDB_ins_code    ? 
_pdbx_struct_conn_angle.ptnr2_symmetry        1_555 
_pdbx_struct_conn_angle.ptnr3_label_atom_id   O3 
_pdbx_struct_conn_angle.ptnr3_label_alt_id    ? 
_pdbx_struct_conn_angle.ptnr3_label_asym_id   D 
_pdbx_struct_conn_angle.ptnr3_label_comp_id   PG6 
_pdbx_struct_conn_angle.ptnr3_label_seq_id    . 
_pdbx_struct_conn_angle.ptnr3_auth_atom_id    ? 
_pdbx_struct_conn_angle.ptnr3_auth_asym_id    A 
_pdbx_struct_conn_angle.ptnr3_auth_comp_id    PG6 
_pdbx_struct_conn_angle.ptnr3_auth_seq_id     403 
_pdbx_struct_conn_angle.ptnr3_PDB_ins_code    ? 
_pdbx_struct_conn_angle.ptnr3_symmetry        8_555 
_pdbx_struct_conn_angle.value                 42.6 
_pdbx_struct_conn_angle.value_esd             ? 
# 
_pdbx_validate_close_contact.id               1 
_pdbx_validate_close_contact.PDB_model_num    1 
_pdbx_validate_close_contact.auth_atom_id_1   O5 
_pdbx_validate_close_contact.auth_asym_id_1   A 
_pdbx_validate_close_contact.auth_comp_id_1   PG6 
_pdbx_validate_close_contact.auth_seq_id_1    403 
_pdbx_validate_close_contact.PDB_ins_code_1   ? 
_pdbx_validate_close_contact.label_alt_id_1   ? 
_pdbx_validate_close_contact.auth_atom_id_2   O 
_pdbx_validate_close_contact.auth_asym_id_2   A 
_pdbx_validate_close_contact.auth_comp_id_2   HOH 
_pdbx_validate_close_contact.auth_seq_id_2    501 
_pdbx_validate_close_contact.PDB_ins_code_2   ? 
_pdbx_validate_close_contact.label_alt_id_2   ? 
_pdbx_validate_close_contact.dist             2.04 
# 
loop_
_pdbx_validate_torsion.id 
_pdbx_validate_torsion.PDB_model_num 
_pdbx_validate_torsion.auth_comp_id 
_pdbx_validate_torsion.auth_asym_id 
_pdbx_validate_torsion.auth_seq_id 
_pdbx_validate_torsion.PDB_ins_code 
_pdbx_validate_torsion.label_alt_id 
_pdbx_validate_torsion.phi 
_pdbx_validate_torsion.psi 
1 1 ASP A 172 ? ? -150.13 85.10   
2 1 ARG A 201 ? ? 49.05   -118.88 
3 1 ASN A 239 ? ? -170.80 -176.63 
# 
loop_
_pdbx_struct_special_symmetry.id 
_pdbx_struct_special_symmetry.PDB_model_num 
_pdbx_struct_special_symmetry.auth_asym_id 
_pdbx_struct_special_symmetry.auth_comp_id 
_pdbx_struct_special_symmetry.auth_seq_id 
_pdbx_struct_special_symmetry.PDB_ins_code 
_pdbx_struct_special_symmetry.label_asym_id 
_pdbx_struct_special_symmetry.label_comp_id 
_pdbx_struct_special_symmetry.label_seq_id 
1 1 A HOH 561 ? E HOH . 
2 1 A HOH 567 ? E HOH . 
# 
_phasing.method   MR 
# 
_pdbx_entry_details.entry_id                 7NB4 
_pdbx_entry_details.has_ligand_of_interest   Y 
_pdbx_entry_details.compound_details         ? 
_pdbx_entry_details.source_details           ? 
_pdbx_entry_details.nonpolymer_details       ? 
_pdbx_entry_details.sequence_details         ? 
# 
loop_
_pdbx_distant_solvent_atoms.id 
_pdbx_distant_solvent_atoms.PDB_model_num 
_pdbx_distant_solvent_atoms.auth_atom_id 
_pdbx_distant_solvent_atoms.label_alt_id 
_pdbx_distant_solvent_atoms.auth_asym_id 
_pdbx_distant_solvent_atoms.auth_comp_id 
_pdbx_distant_solvent_atoms.auth_seq_id 
_pdbx_distant_solvent_atoms.PDB_ins_code 
_pdbx_distant_solvent_atoms.neighbor_macromolecule_distance 
_pdbx_distant_solvent_atoms.neighbor_ligand_distance 
1 1 O ? A HOH 566 ? 5.81 . 
2 1 O ? A HOH 567 ? 6.24 . 
# 
loop_
_pdbx_unobs_or_zero_occ_residues.id 
_pdbx_unobs_or_zero_occ_residues.PDB_model_num 
_pdbx_unobs_or_zero_occ_residues.polymer_flag 
_pdbx_unobs_or_zero_occ_residues.occupancy_flag 
_pdbx_unobs_or_zero_occ_residues.auth_asym_id 
_pdbx_unobs_or_zero_occ_residues.auth_comp_id 
_pdbx_unobs_or_zero_occ_residues.auth_seq_id 
_pdbx_unobs_or_zero_occ_residues.PDB_ins_code 
_pdbx_unobs_or_zero_occ_residues.label_asym_id 
_pdbx_unobs_or_zero_occ_residues.label_comp_id 
_pdbx_unobs_or_zero_occ_residues.label_seq_id 
1  1 Y 1 A MET 158 ? A MET 1   
2  1 Y 1 A HIS 159 ? A HIS 2   
3  1 Y 1 A HIS 160 ? A HIS 3   
4  1 Y 1 A HIS 161 ? A HIS 4   
5  1 Y 1 A HIS 162 ? A HIS 5   
6  1 Y 1 A HIS 163 ? A HIS 6   
7  1 Y 1 A HIS 164 ? A HIS 7   
8  1 Y 1 A LEU 165 ? A LEU 8   
9  1 Y 1 A VAL 166 ? A VAL 9   
10 1 Y 1 A PRO 167 ? A PRO 10  
11 1 Y 1 A ARG 168 ? A ARG 11  
12 1 Y 1 A GLY 169 ? A GLY 12  
13 1 Y 1 A VAL 321 ? A VAL 164 
14 1 Y 1 A GLU 322 ? A GLU 165 
15 1 Y 1 A ASP 323 ? A ASP 166 
16 1 Y 1 A LEU 324 ? A LEU 167 
17 1 Y 1 A GLU 325 ? A GLU 168 
18 1 Y 1 A GLY 326 ? A GLY 169 
19 1 Y 1 A GLY 327 ? A GLY 170 
# 
loop_
_chem_comp_atom.comp_id 
_chem_comp_atom.atom_id 
_chem_comp_atom.type_symbol 
_chem_comp_atom.pdbx_aromatic_flag 
_chem_comp_atom.pdbx_stereo_config 
_chem_comp_atom.pdbx_ordinal 
ALA N    N  N N 1   
ALA CA   C  N S 2   
ALA C    C  N N 3   
ALA O    O  N N 4   
ALA CB   C  N N 5   
ALA OXT  O  N N 6   
ALA H    H  N N 7   
ALA H2   H  N N 8   
ALA HA   H  N N 9   
ALA HB1  H  N N 10  
ALA HB2  H  N N 11  
ALA HB3  H  N N 12  
ALA HXT  H  N N 13  
ARG N    N  N N 14  
ARG CA   C  N S 15  
ARG C    C  N N 16  
ARG O    O  N N 17  
ARG CB   C  N N 18  
ARG CG   C  N N 19  
ARG CD   C  N N 20  
ARG NE   N  N N 21  
ARG CZ   C  N N 22  
ARG NH1  N  N N 23  
ARG NH2  N  N N 24  
ARG OXT  O  N N 25  
ARG H    H  N N 26  
ARG H2   H  N N 27  
ARG HA   H  N N 28  
ARG HB2  H  N N 29  
ARG HB3  H  N N 30  
ARG HG2  H  N N 31  
ARG HG3  H  N N 32  
ARG HD2  H  N N 33  
ARG HD3  H  N N 34  
ARG HE   H  N N 35  
ARG HH11 H  N N 36  
ARG HH12 H  N N 37  
ARG HH21 H  N N 38  
ARG HH22 H  N N 39  
ARG HXT  H  N N 40  
ASN N    N  N N 41  
ASN CA   C  N S 42  
ASN C    C  N N 43  
ASN O    O  N N 44  
ASN CB   C  N N 45  
ASN CG   C  N N 46  
ASN OD1  O  N N 47  
ASN ND2  N  N N 48  
ASN OXT  O  N N 49  
ASN H    H  N N 50  
ASN H2   H  N N 51  
ASN HA   H  N N 52  
ASN HB2  H  N N 53  
ASN HB3  H  N N 54  
ASN HD21 H  N N 55  
ASN HD22 H  N N 56  
ASN HXT  H  N N 57  
ASP N    N  N N 58  
ASP CA   C  N S 59  
ASP C    C  N N 60  
ASP O    O  N N 61  
ASP CB   C  N N 62  
ASP CG   C  N N 63  
ASP OD1  O  N N 64  
ASP OD2  O  N N 65  
ASP OXT  O  N N 66  
ASP H    H  N N 67  
ASP H2   H  N N 68  
ASP HA   H  N N 69  
ASP HB2  H  N N 70  
ASP HB3  H  N N 71  
ASP HD2  H  N N 72  
ASP HXT  H  N N 73  
CYS N    N  N N 74  
CYS CA   C  N R 75  
CYS C    C  N N 76  
CYS O    O  N N 77  
CYS CB   C  N N 78  
CYS SG   S  N N 79  
CYS OXT  O  N N 80  
CYS H    H  N N 81  
CYS H2   H  N N 82  
CYS HA   H  N N 83  
CYS HB2  H  N N 84  
CYS HB3  H  N N 85  
CYS HG   H  N N 86  
CYS HXT  H  N N 87  
GLN N    N  N N 88  
GLN CA   C  N S 89  
GLN C    C  N N 90  
GLN O    O  N N 91  
GLN CB   C  N N 92  
GLN CG   C  N N 93  
GLN CD   C  N N 94  
GLN OE1  O  N N 95  
GLN NE2  N  N N 96  
GLN OXT  O  N N 97  
GLN H    H  N N 98  
GLN H2   H  N N 99  
GLN HA   H  N N 100 
GLN HB2  H  N N 101 
GLN HB3  H  N N 102 
GLN HG2  H  N N 103 
GLN HG3  H  N N 104 
GLN HE21 H  N N 105 
GLN HE22 H  N N 106 
GLN HXT  H  N N 107 
GLU N    N  N N 108 
GLU CA   C  N S 109 
GLU C    C  N N 110 
GLU O    O  N N 111 
GLU CB   C  N N 112 
GLU CG   C  N N 113 
GLU CD   C  N N 114 
GLU OE1  O  N N 115 
GLU OE2  O  N N 116 
GLU OXT  O  N N 117 
GLU H    H  N N 118 
GLU H2   H  N N 119 
GLU HA   H  N N 120 
GLU HB2  H  N N 121 
GLU HB3  H  N N 122 
GLU HG2  H  N N 123 
GLU HG3  H  N N 124 
GLU HE2  H  N N 125 
GLU HXT  H  N N 126 
GLY N    N  N N 127 
GLY CA   C  N N 128 
GLY C    C  N N 129 
GLY O    O  N N 130 
GLY OXT  O  N N 131 
GLY H    H  N N 132 
GLY H2   H  N N 133 
GLY HA2  H  N N 134 
GLY HA3  H  N N 135 
GLY HXT  H  N N 136 
HIS N    N  N N 137 
HIS CA   C  N S 138 
HIS C    C  N N 139 
HIS O    O  N N 140 
HIS CB   C  N N 141 
HIS CG   C  Y N 142 
HIS ND1  N  Y N 143 
HIS CD2  C  Y N 144 
HIS CE1  C  Y N 145 
HIS NE2  N  Y N 146 
HIS OXT  O  N N 147 
HIS H    H  N N 148 
HIS H2   H  N N 149 
HIS HA   H  N N 150 
HIS HB2  H  N N 151 
HIS HB3  H  N N 152 
HIS HD1  H  N N 153 
HIS HD2  H  N N 154 
HIS HE1  H  N N 155 
HIS HE2  H  N N 156 
HIS HXT  H  N N 157 
HOH O    O  N N 158 
HOH H1   H  N N 159 
HOH H2   H  N N 160 
ILE N    N  N N 161 
ILE CA   C  N S 162 
ILE C    C  N N 163 
ILE O    O  N N 164 
ILE CB   C  N S 165 
ILE CG1  C  N N 166 
ILE CG2  C  N N 167 
ILE CD1  C  N N 168 
ILE OXT  O  N N 169 
ILE H    H  N N 170 
ILE H2   H  N N 171 
ILE HA   H  N N 172 
ILE HB   H  N N 173 
ILE HG12 H  N N 174 
ILE HG13 H  N N 175 
ILE HG21 H  N N 176 
ILE HG22 H  N N 177 
ILE HG23 H  N N 178 
ILE HD11 H  N N 179 
ILE HD12 H  N N 180 
ILE HD13 H  N N 181 
ILE HXT  H  N N 182 
LEU N    N  N N 183 
LEU CA   C  N S 184 
LEU C    C  N N 185 
LEU O    O  N N 186 
LEU CB   C  N N 187 
LEU CG   C  N N 188 
LEU CD1  C  N N 189 
LEU CD2  C  N N 190 
LEU OXT  O  N N 191 
LEU H    H  N N 192 
LEU H2   H  N N 193 
LEU HA   H  N N 194 
LEU HB2  H  N N 195 
LEU HB3  H  N N 196 
LEU HG   H  N N 197 
LEU HD11 H  N N 198 
LEU HD12 H  N N 199 
LEU HD13 H  N N 200 
LEU HD21 H  N N 201 
LEU HD22 H  N N 202 
LEU HD23 H  N N 203 
LEU HXT  H  N N 204 
LYS N    N  N N 205 
LYS CA   C  N S 206 
LYS C    C  N N 207 
LYS O    O  N N 208 
LYS CB   C  N N 209 
LYS CG   C  N N 210 
LYS CD   C  N N 211 
LYS CE   C  N N 212 
LYS NZ   N  N N 213 
LYS OXT  O  N N 214 
LYS H    H  N N 215 
LYS H2   H  N N 216 
LYS HA   H  N N 217 
LYS HB2  H  N N 218 
LYS HB3  H  N N 219 
LYS HG2  H  N N 220 
LYS HG3  H  N N 221 
LYS HD2  H  N N 222 
LYS HD3  H  N N 223 
LYS HE2  H  N N 224 
LYS HE3  H  N N 225 
LYS HZ1  H  N N 226 
LYS HZ2  H  N N 227 
LYS HZ3  H  N N 228 
LYS HXT  H  N N 229 
MET N    N  N N 230 
MET CA   C  N S 231 
MET C    C  N N 232 
MET O    O  N N 233 
MET CB   C  N N 234 
MET CG   C  N N 235 
MET SD   S  N N 236 
MET CE   C  N N 237 
MET OXT  O  N N 238 
MET H    H  N N 239 
MET H2   H  N N 240 
MET HA   H  N N 241 
MET HB2  H  N N 242 
MET HB3  H  N N 243 
MET HG2  H  N N 244 
MET HG3  H  N N 245 
MET HE1  H  N N 246 
MET HE2  H  N N 247 
MET HE3  H  N N 248 
MET HXT  H  N N 249 
MG  MG   MG N N 250 
PG6 C1   C  N N 251 
PG6 O1   O  N N 252 
PG6 C2   C  N N 253 
PG6 C3   C  N N 254 
PG6 O2   O  N N 255 
PG6 C4   C  N N 256 
PG6 C5   C  N N 257 
PG6 O3   O  N N 258 
PG6 C6   C  N N 259 
PG6 C7   C  N N 260 
PG6 O4   O  N N 261 
PG6 C8   C  N N 262 
PG6 C9   C  N N 263 
PG6 O5   O  N N 264 
PG6 C10  C  N N 265 
PG6 C11  C  N N 266 
PG6 O6   O  N N 267 
PG6 C12  C  N N 268 
PG6 H11  H  N N 269 
PG6 H12  H  N N 270 
PG6 H13  H  N N 271 
PG6 H21  H  N N 272 
PG6 H22  H  N N 273 
PG6 H31  H  N N 274 
PG6 H32  H  N N 275 
PG6 H41  H  N N 276 
PG6 H42  H  N N 277 
PG6 H51  H  N N 278 
PG6 H52  H  N N 279 
PG6 H61  H  N N 280 
PG6 H62  H  N N 281 
PG6 H71  H  N N 282 
PG6 H72  H  N N 283 
PG6 H81  H  N N 284 
PG6 H82  H  N N 285 
PG6 H91  H  N N 286 
PG6 H92  H  N N 287 
PG6 H101 H  N N 288 
PG6 H102 H  N N 289 
PG6 H111 H  N N 290 
PG6 H112 H  N N 291 
PG6 H121 H  N N 292 
PG6 H122 H  N N 293 
PG6 H123 H  N N 294 
PHE N    N  N N 295 
PHE CA   C  N S 296 
PHE C    C  N N 297 
PHE O    O  N N 298 
PHE CB   C  N N 299 
PHE CG   C  Y N 300 
PHE CD1  C  Y N 301 
PHE CD2  C  Y N 302 
PHE CE1  C  Y N 303 
PHE CE2  C  Y N 304 
PHE CZ   C  Y N 305 
PHE OXT  O  N N 306 
PHE H    H  N N 307 
PHE H2   H  N N 308 
PHE HA   H  N N 309 
PHE HB2  H  N N 310 
PHE HB3  H  N N 311 
PHE HD1  H  N N 312 
PHE HD2  H  N N 313 
PHE HE1  H  N N 314 
PHE HE2  H  N N 315 
PHE HZ   H  N N 316 
PHE HXT  H  N N 317 
PRO N    N  N N 318 
PRO CA   C  N S 319 
PRO C    C  N N 320 
PRO O    O  N N 321 
PRO CB   C  N N 322 
PRO CG   C  N N 323 
PRO CD   C  N N 324 
PRO OXT  O  N N 325 
PRO H    H  N N 326 
PRO HA   H  N N 327 
PRO HB2  H  N N 328 
PRO HB3  H  N N 329 
PRO HG2  H  N N 330 
PRO HG3  H  N N 331 
PRO HD2  H  N N 332 
PRO HD3  H  N N 333 
PRO HXT  H  N N 334 
SER N    N  N N 335 
SER CA   C  N S 336 
SER C    C  N N 337 
SER O    O  N N 338 
SER CB   C  N N 339 
SER OG   O  N N 340 
SER OXT  O  N N 341 
SER H    H  N N 342 
SER H2   H  N N 343 
SER HA   H  N N 344 
SER HB2  H  N N 345 
SER HB3  H  N N 346 
SER HG   H  N N 347 
SER HXT  H  N N 348 
THR N    N  N N 349 
THR CA   C  N S 350 
THR C    C  N N 351 
THR O    O  N N 352 
THR CB   C  N R 353 
THR OG1  O  N N 354 
THR CG2  C  N N 355 
THR OXT  O  N N 356 
THR H    H  N N 357 
THR H2   H  N N 358 
THR HA   H  N N 359 
THR HB   H  N N 360 
THR HG1  H  N N 361 
THR HG21 H  N N 362 
THR HG22 H  N N 363 
THR HG23 H  N N 364 
THR HXT  H  N N 365 
TRP N    N  N N 366 
TRP CA   C  N S 367 
TRP C    C  N N 368 
TRP O    O  N N 369 
TRP CB   C  N N 370 
TRP CG   C  Y N 371 
TRP CD1  C  Y N 372 
TRP CD2  C  Y N 373 
TRP NE1  N  Y N 374 
TRP CE2  C  Y N 375 
TRP CE3  C  Y N 376 
TRP CZ2  C  Y N 377 
TRP CZ3  C  Y N 378 
TRP CH2  C  Y N 379 
TRP OXT  O  N N 380 
TRP H    H  N N 381 
TRP H2   H  N N 382 
TRP HA   H  N N 383 
TRP HB2  H  N N 384 
TRP HB3  H  N N 385 
TRP HD1  H  N N 386 
TRP HE1  H  N N 387 
TRP HE3  H  N N 388 
TRP HZ2  H  N N 389 
TRP HZ3  H  N N 390 
TRP HH2  H  N N 391 
TRP HXT  H  N N 392 
TYR N    N  N N 393 
TYR CA   C  N S 394 
TYR C    C  N N 395 
TYR O    O  N N 396 
TYR CB   C  N N 397 
TYR CG   C  Y N 398 
TYR CD1  C  Y N 399 
TYR CD2  C  Y N 400 
TYR CE1  C  Y N 401 
TYR CE2  C  Y N 402 
TYR CZ   C  Y N 403 
TYR OH   O  N N 404 
TYR OXT  O  N N 405 
TYR H    H  N N 406 
TYR H2   H  N N 407 
TYR HA   H  N N 408 
TYR HB2  H  N N 409 
TYR HB3  H  N N 410 
TYR HD1  H  N N 411 
TYR HD2  H  N N 412 
TYR HE1  H  N N 413 
TYR HE2  H  N N 414 
TYR HH   H  N N 415 
TYR HXT  H  N N 416 
U6Q C1   C  N N 417 
U6Q C2   C  N N 418 
U6Q C3   C  Y N 419 
U6Q C4   C  Y N 420 
U6Q C5   C  Y N 421 
U6Q C6   C  Y N 422 
U6Q S1   S  Y N 423 
U6Q N1   N  Y N 424 
U6Q C7   C  Y N 425 
U6Q N2   N  Y N 426 
U6Q C8   C  Y N 427 
U6Q N3   N  N N 428 
U6Q C9   C  N R 429 
U6Q C10  C  N N 430 
U6Q C11  C  Y N 431 
U6Q C12  C  Y N 432 
U6Q C13  C  Y N 433 
U6Q C14  C  Y N 434 
U6Q C15  C  Y N 435 
U6Q C16  C  Y N 436 
U6Q C17  C  N N 437 
U6Q O1   O  N N 438 
U6Q O2   O  N N 439 
U6Q C18  C  Y N 440 
U6Q C19  C  Y N 441 
U6Q C20  C  N N 442 
U6Q C21  C  Y N 443 
U6Q CL1  CL N N 444 
U6Q C22  C  Y N 445 
U6Q C23  C  Y N 446 
U6Q C24  C  Y N 447 
U6Q H1   H  N N 448 
U6Q H2   H  N N 449 
U6Q H3   H  N N 450 
U6Q H4   H  N N 451 
U6Q H5   H  N N 452 
U6Q H6   H  N N 453 
U6Q H7   H  N N 454 
U6Q H8   H  N N 455 
U6Q H9   H  N N 456 
U6Q H10  H  N N 457 
U6Q H11  H  N N 458 
U6Q H12  H  N N 459 
U6Q H13  H  N N 460 
U6Q H14  H  N N 461 
U6Q H15  H  N N 462 
U6Q H16  H  N N 463 
U6Q H17  H  N N 464 
U6Q H18  H  N N 465 
U6Q H19  H  N N 466 
U6Q H20  H  N N 467 
U6Q H21  H  N N 468 
U6Q H22  H  N N 469 
VAL N    N  N N 470 
VAL CA   C  N S 471 
VAL C    C  N N 472 
VAL O    O  N N 473 
VAL CB   C  N N 474 
VAL CG1  C  N N 475 
VAL CG2  C  N N 476 
VAL OXT  O  N N 477 
VAL H    H  N N 478 
VAL H2   H  N N 479 
VAL HA   H  N N 480 
VAL HB   H  N N 481 
VAL HG11 H  N N 482 
VAL HG12 H  N N 483 
VAL HG13 H  N N 484 
VAL HG21 H  N N 485 
VAL HG22 H  N N 486 
VAL HG23 H  N N 487 
VAL HXT  H  N N 488 
# 
loop_
_chem_comp_bond.comp_id 
_chem_comp_bond.atom_id_1 
_chem_comp_bond.atom_id_2 
_chem_comp_bond.value_order 
_chem_comp_bond.pdbx_aromatic_flag 
_chem_comp_bond.pdbx_stereo_config 
_chem_comp_bond.pdbx_ordinal 
ALA N   CA   sing N N 1   
ALA N   H    sing N N 2   
ALA N   H2   sing N N 3   
ALA CA  C    sing N N 4   
ALA CA  CB   sing N N 5   
ALA CA  HA   sing N N 6   
ALA C   O    doub N N 7   
ALA C   OXT  sing N N 8   
ALA CB  HB1  sing N N 9   
ALA CB  HB2  sing N N 10  
ALA CB  HB3  sing N N 11  
ALA OXT HXT  sing N N 12  
ARG N   CA   sing N N 13  
ARG N   H    sing N N 14  
ARG N   H2   sing N N 15  
ARG CA  C    sing N N 16  
ARG CA  CB   sing N N 17  
ARG CA  HA   sing N N 18  
ARG C   O    doub N N 19  
ARG C   OXT  sing N N 20  
ARG CB  CG   sing N N 21  
ARG CB  HB2  sing N N 22  
ARG CB  HB3  sing N N 23  
ARG CG  CD   sing N N 24  
ARG CG  HG2  sing N N 25  
ARG CG  HG3  sing N N 26  
ARG CD  NE   sing N N 27  
ARG CD  HD2  sing N N 28  
ARG CD  HD3  sing N N 29  
ARG NE  CZ   sing N N 30  
ARG NE  HE   sing N N 31  
ARG CZ  NH1  sing N N 32  
ARG CZ  NH2  doub N N 33  
ARG NH1 HH11 sing N N 34  
ARG NH1 HH12 sing N N 35  
ARG NH2 HH21 sing N N 36  
ARG NH2 HH22 sing N N 37  
ARG OXT HXT  sing N N 38  
ASN N   CA   sing N N 39  
ASN N   H    sing N N 40  
ASN N   H2   sing N N 41  
ASN CA  C    sing N N 42  
ASN CA  CB   sing N N 43  
ASN CA  HA   sing N N 44  
ASN C   O    doub N N 45  
ASN C   OXT  sing N N 46  
ASN CB  CG   sing N N 47  
ASN CB  HB2  sing N N 48  
ASN CB  HB3  sing N N 49  
ASN CG  OD1  doub N N 50  
ASN CG  ND2  sing N N 51  
ASN ND2 HD21 sing N N 52  
ASN ND2 HD22 sing N N 53  
ASN OXT HXT  sing N N 54  
ASP N   CA   sing N N 55  
ASP N   H    sing N N 56  
ASP N   H2   sing N N 57  
ASP CA  C    sing N N 58  
ASP CA  CB   sing N N 59  
ASP CA  HA   sing N N 60  
ASP C   O    doub N N 61  
ASP C   OXT  sing N N 62  
ASP CB  CG   sing N N 63  
ASP CB  HB2  sing N N 64  
ASP CB  HB3  sing N N 65  
ASP CG  OD1  doub N N 66  
ASP CG  OD2  sing N N 67  
ASP OD2 HD2  sing N N 68  
ASP OXT HXT  sing N N 69  
CYS N   CA   sing N N 70  
CYS N   H    sing N N 71  
CYS N   H2   sing N N 72  
CYS CA  C    sing N N 73  
CYS CA  CB   sing N N 74  
CYS CA  HA   sing N N 75  
CYS C   O    doub N N 76  
CYS C   OXT  sing N N 77  
CYS CB  SG   sing N N 78  
CYS CB  HB2  sing N N 79  
CYS CB  HB3  sing N N 80  
CYS SG  HG   sing N N 81  
CYS OXT HXT  sing N N 82  
GLN N   CA   sing N N 83  
GLN N   H    sing N N 84  
GLN N   H2   sing N N 85  
GLN CA  C    sing N N 86  
GLN CA  CB   sing N N 87  
GLN CA  HA   sing N N 88  
GLN C   O    doub N N 89  
GLN C   OXT  sing N N 90  
GLN CB  CG   sing N N 91  
GLN CB  HB2  sing N N 92  
GLN CB  HB3  sing N N 93  
GLN CG  CD   sing N N 94  
GLN CG  HG2  sing N N 95  
GLN CG  HG3  sing N N 96  
GLN CD  OE1  doub N N 97  
GLN CD  NE2  sing N N 98  
GLN NE2 HE21 sing N N 99  
GLN NE2 HE22 sing N N 100 
GLN OXT HXT  sing N N 101 
GLU N   CA   sing N N 102 
GLU N   H    sing N N 103 
GLU N   H2   sing N N 104 
GLU CA  C    sing N N 105 
GLU CA  CB   sing N N 106 
GLU CA  HA   sing N N 107 
GLU C   O    doub N N 108 
GLU C   OXT  sing N N 109 
GLU CB  CG   sing N N 110 
GLU CB  HB2  sing N N 111 
GLU CB  HB3  sing N N 112 
GLU CG  CD   sing N N 113 
GLU CG  HG2  sing N N 114 
GLU CG  HG3  sing N N 115 
GLU CD  OE1  doub N N 116 
GLU CD  OE2  sing N N 117 
GLU OE2 HE2  sing N N 118 
GLU OXT HXT  sing N N 119 
GLY N   CA   sing N N 120 
GLY N   H    sing N N 121 
GLY N   H2   sing N N 122 
GLY CA  C    sing N N 123 
GLY CA  HA2  sing N N 124 
GLY CA  HA3  sing N N 125 
GLY C   O    doub N N 126 
GLY C   OXT  sing N N 127 
GLY OXT HXT  sing N N 128 
HIS N   CA   sing N N 129 
HIS N   H    sing N N 130 
HIS N   H2   sing N N 131 
HIS CA  C    sing N N 132 
HIS CA  CB   sing N N 133 
HIS CA  HA   sing N N 134 
HIS C   O    doub N N 135 
HIS C   OXT  sing N N 136 
HIS CB  CG   sing N N 137 
HIS CB  HB2  sing N N 138 
HIS CB  HB3  sing N N 139 
HIS CG  ND1  sing Y N 140 
HIS CG  CD2  doub Y N 141 
HIS ND1 CE1  doub Y N 142 
HIS ND1 HD1  sing N N 143 
HIS CD2 NE2  sing Y N 144 
HIS CD2 HD2  sing N N 145 
HIS CE1 NE2  sing Y N 146 
HIS CE1 HE1  sing N N 147 
HIS NE2 HE2  sing N N 148 
HIS OXT HXT  sing N N 149 
HOH O   H1   sing N N 150 
HOH O   H2   sing N N 151 
ILE N   CA   sing N N 152 
ILE N   H    sing N N 153 
ILE N   H2   sing N N 154 
ILE CA  C    sing N N 155 
ILE CA  CB   sing N N 156 
ILE CA  HA   sing N N 157 
ILE C   O    doub N N 158 
ILE C   OXT  sing N N 159 
ILE CB  CG1  sing N N 160 
ILE CB  CG2  sing N N 161 
ILE CB  HB   sing N N 162 
ILE CG1 CD1  sing N N 163 
ILE CG1 HG12 sing N N 164 
ILE CG1 HG13 sing N N 165 
ILE CG2 HG21 sing N N 166 
ILE CG2 HG22 sing N N 167 
ILE CG2 HG23 sing N N 168 
ILE CD1 HD11 sing N N 169 
ILE CD1 HD12 sing N N 170 
ILE CD1 HD13 sing N N 171 
ILE OXT HXT  sing N N 172 
LEU N   CA   sing N N 173 
LEU N   H    sing N N 174 
LEU N   H2   sing N N 175 
LEU CA  C    sing N N 176 
LEU CA  CB   sing N N 177 
LEU CA  HA   sing N N 178 
LEU C   O    doub N N 179 
LEU C   OXT  sing N N 180 
LEU CB  CG   sing N N 181 
LEU CB  HB2  sing N N 182 
LEU CB  HB3  sing N N 183 
LEU CG  CD1  sing N N 184 
LEU CG  CD2  sing N N 185 
LEU CG  HG   sing N N 186 
LEU CD1 HD11 sing N N 187 
LEU CD1 HD12 sing N N 188 
LEU CD1 HD13 sing N N 189 
LEU CD2 HD21 sing N N 190 
LEU CD2 HD22 sing N N 191 
LEU CD2 HD23 sing N N 192 
LEU OXT HXT  sing N N 193 
LYS N   CA   sing N N 194 
LYS N   H    sing N N 195 
LYS N   H2   sing N N 196 
LYS CA  C    sing N N 197 
LYS CA  CB   sing N N 198 
LYS CA  HA   sing N N 199 
LYS C   O    doub N N 200 
LYS C   OXT  sing N N 201 
LYS CB  CG   sing N N 202 
LYS CB  HB2  sing N N 203 
LYS CB  HB3  sing N N 204 
LYS CG  CD   sing N N 205 
LYS CG  HG2  sing N N 206 
LYS CG  HG3  sing N N 207 
LYS CD  CE   sing N N 208 
LYS CD  HD2  sing N N 209 
LYS CD  HD3  sing N N 210 
LYS CE  NZ   sing N N 211 
LYS CE  HE2  sing N N 212 
LYS CE  HE3  sing N N 213 
LYS NZ  HZ1  sing N N 214 
LYS NZ  HZ2  sing N N 215 
LYS NZ  HZ3  sing N N 216 
LYS OXT HXT  sing N N 217 
MET N   CA   sing N N 218 
MET N   H    sing N N 219 
MET N   H2   sing N N 220 
MET CA  C    sing N N 221 
MET CA  CB   sing N N 222 
MET CA  HA   sing N N 223 
MET C   O    doub N N 224 
MET C   OXT  sing N N 225 
MET CB  CG   sing N N 226 
MET CB  HB2  sing N N 227 
MET CB  HB3  sing N N 228 
MET CG  SD   sing N N 229 
MET CG  HG2  sing N N 230 
MET CG  HG3  sing N N 231 
MET SD  CE   sing N N 232 
MET CE  HE1  sing N N 233 
MET CE  HE2  sing N N 234 
MET CE  HE3  sing N N 235 
MET OXT HXT  sing N N 236 
PG6 C1  O1   sing N N 237 
PG6 C1  H11  sing N N 238 
PG6 C1  H12  sing N N 239 
PG6 C1  H13  sing N N 240 
PG6 O1  C2   sing N N 241 
PG6 C2  C3   sing N N 242 
PG6 C2  H21  sing N N 243 
PG6 C2  H22  sing N N 244 
PG6 C3  O2   sing N N 245 
PG6 C3  H31  sing N N 246 
PG6 C3  H32  sing N N 247 
PG6 O2  C4   sing N N 248 
PG6 C4  C5   sing N N 249 
PG6 C4  H41  sing N N 250 
PG6 C4  H42  sing N N 251 
PG6 C5  O3   sing N N 252 
PG6 C5  H51  sing N N 253 
PG6 C5  H52  sing N N 254 
PG6 O3  C6   sing N N 255 
PG6 C6  C7   sing N N 256 
PG6 C6  H61  sing N N 257 
PG6 C6  H62  sing N N 258 
PG6 C7  O4   sing N N 259 
PG6 C7  H71  sing N N 260 
PG6 C7  H72  sing N N 261 
PG6 O4  C8   sing N N 262 
PG6 C8  C9   sing N N 263 
PG6 C8  H81  sing N N 264 
PG6 C8  H82  sing N N 265 
PG6 C9  O5   sing N N 266 
PG6 C9  H91  sing N N 267 
PG6 C9  H92  sing N N 268 
PG6 O5  C10  sing N N 269 
PG6 C10 C11  sing N N 270 
PG6 C10 H101 sing N N 271 
PG6 C10 H102 sing N N 272 
PG6 C11 O6   sing N N 273 
PG6 C11 H111 sing N N 274 
PG6 C11 H112 sing N N 275 
PG6 O6  C12  sing N N 276 
PG6 C12 H121 sing N N 277 
PG6 C12 H122 sing N N 278 
PG6 C12 H123 sing N N 279 
PHE N   CA   sing N N 280 
PHE N   H    sing N N 281 
PHE N   H2   sing N N 282 
PHE CA  C    sing N N 283 
PHE CA  CB   sing N N 284 
PHE CA  HA   sing N N 285 
PHE C   O    doub N N 286 
PHE C   OXT  sing N N 287 
PHE CB  CG   sing N N 288 
PHE CB  HB2  sing N N 289 
PHE CB  HB3  sing N N 290 
PHE CG  CD1  doub Y N 291 
PHE CG  CD2  sing Y N 292 
PHE CD1 CE1  sing Y N 293 
PHE CD1 HD1  sing N N 294 
PHE CD2 CE2  doub Y N 295 
PHE CD2 HD2  sing N N 296 
PHE CE1 CZ   doub Y N 297 
PHE CE1 HE1  sing N N 298 
PHE CE2 CZ   sing Y N 299 
PHE CE2 HE2  sing N N 300 
PHE CZ  HZ   sing N N 301 
PHE OXT HXT  sing N N 302 
PRO N   CA   sing N N 303 
PRO N   CD   sing N N 304 
PRO N   H    sing N N 305 
PRO CA  C    sing N N 306 
PRO CA  CB   sing N N 307 
PRO CA  HA   sing N N 308 
PRO C   O    doub N N 309 
PRO C   OXT  sing N N 310 
PRO CB  CG   sing N N 311 
PRO CB  HB2  sing N N 312 
PRO CB  HB3  sing N N 313 
PRO CG  CD   sing N N 314 
PRO CG  HG2  sing N N 315 
PRO CG  HG3  sing N N 316 
PRO CD  HD2  sing N N 317 
PRO CD  HD3  sing N N 318 
PRO OXT HXT  sing N N 319 
SER N   CA   sing N N 320 
SER N   H    sing N N 321 
SER N   H2   sing N N 322 
SER CA  C    sing N N 323 
SER CA  CB   sing N N 324 
SER CA  HA   sing N N 325 
SER C   O    doub N N 326 
SER C   OXT  sing N N 327 
SER CB  OG   sing N N 328 
SER CB  HB2  sing N N 329 
SER CB  HB3  sing N N 330 
SER OG  HG   sing N N 331 
SER OXT HXT  sing N N 332 
THR N   CA   sing N N 333 
THR N   H    sing N N 334 
THR N   H2   sing N N 335 
THR CA  C    sing N N 336 
THR CA  CB   sing N N 337 
THR CA  HA   sing N N 338 
THR C   O    doub N N 339 
THR C   OXT  sing N N 340 
THR CB  OG1  sing N N 341 
THR CB  CG2  sing N N 342 
THR CB  HB   sing N N 343 
THR OG1 HG1  sing N N 344 
THR CG2 HG21 sing N N 345 
THR CG2 HG22 sing N N 346 
THR CG2 HG23 sing N N 347 
THR OXT HXT  sing N N 348 
TRP N   CA   sing N N 349 
TRP N   H    sing N N 350 
TRP N   H2   sing N N 351 
TRP CA  C    sing N N 352 
TRP CA  CB   sing N N 353 
TRP CA  HA   sing N N 354 
TRP C   O    doub N N 355 
TRP C   OXT  sing N N 356 
TRP CB  CG   sing N N 357 
TRP CB  HB2  sing N N 358 
TRP CB  HB3  sing N N 359 
TRP CG  CD1  doub Y N 360 
TRP CG  CD2  sing Y N 361 
TRP CD1 NE1  sing Y N 362 
TRP CD1 HD1  sing N N 363 
TRP CD2 CE2  doub Y N 364 
TRP CD2 CE3  sing Y N 365 
TRP NE1 CE2  sing Y N 366 
TRP NE1 HE1  sing N N 367 
TRP CE2 CZ2  sing Y N 368 
TRP CE3 CZ3  doub Y N 369 
TRP CE3 HE3  sing N N 370 
TRP CZ2 CH2  doub Y N 371 
TRP CZ2 HZ2  sing N N 372 
TRP CZ3 CH2  sing Y N 373 
TRP CZ3 HZ3  sing N N 374 
TRP CH2 HH2  sing N N 375 
TRP OXT HXT  sing N N 376 
TYR N   CA   sing N N 377 
TYR N   H    sing N N 378 
TYR N   H2   sing N N 379 
TYR CA  C    sing N N 380 
TYR CA  CB   sing N N 381 
TYR CA  HA   sing N N 382 
TYR C   O    doub N N 383 
TYR C   OXT  sing N N 384 
TYR CB  CG   sing N N 385 
TYR CB  HB2  sing N N 386 
TYR CB  HB3  sing N N 387 
TYR CG  CD1  doub Y N 388 
TYR CG  CD2  sing Y N 389 
TYR CD1 CE1  sing Y N 390 
TYR CD1 HD1  sing N N 391 
TYR CD2 CE2  doub Y N 392 
TYR CD2 HD2  sing N N 393 
TYR CE1 CZ   doub Y N 394 
TYR CE1 HE1  sing N N 395 
TYR CE2 CZ   sing Y N 396 
TYR CE2 HE2  sing N N 397 
TYR CZ  OH   sing N N 398 
TYR OH  HH   sing N N 399 
TYR OXT HXT  sing N N 400 
U6Q N1  C6   doub Y N 401 
U6Q N1  C7   sing Y N 402 
U6Q S1  C6   sing Y N 403 
U6Q S1  C3   sing Y N 404 
U6Q C1  C2   sing N N 405 
U6Q C6  C5   sing Y N 406 
U6Q C7  N2   doub Y N 407 
U6Q C3  C2   sing N N 408 
U6Q C3  C4   doub Y N 409 
U6Q N2  C8   sing Y N 410 
U6Q C5  C4   sing Y N 411 
U6Q C5  C8   doub Y N 412 
U6Q C4  C18  sing N N 413 
U6Q C8  N3   sing N N 414 
U6Q O1  C17  doub N N 415 
U6Q C18 C24  doub Y N 416 
U6Q C18 C19  sing Y N 417 
U6Q C17 O2   sing N N 418 
U6Q C17 C9   sing N N 419 
U6Q N3  C9   sing N N 420 
U6Q C24 C23  sing Y N 421 
U6Q C20 C19  sing N N 422 
U6Q C9  C10  sing N N 423 
U6Q C19 C21  doub Y N 424 
U6Q C23 C22  doub Y N 425 
U6Q C21 C22  sing Y N 426 
U6Q C21 CL1  sing N N 427 
U6Q C10 C11  sing N N 428 
U6Q C11 C12  doub Y N 429 
U6Q C11 C16  sing Y N 430 
U6Q C12 C13  sing Y N 431 
U6Q C16 C15  doub Y N 432 
U6Q C13 C14  doub Y N 433 
U6Q C15 C14  sing Y N 434 
U6Q C1  H1   sing N N 435 
U6Q C1  H2   sing N N 436 
U6Q C1  H3   sing N N 437 
U6Q C2  H4   sing N N 438 
U6Q C2  H5   sing N N 439 
U6Q C7  H6   sing N N 440 
U6Q N3  H7   sing N N 441 
U6Q C9  H8   sing N N 442 
U6Q C10 H9   sing N N 443 
U6Q C10 H10  sing N N 444 
U6Q C12 H11  sing N N 445 
U6Q C13 H12  sing N N 446 
U6Q C14 H13  sing N N 447 
U6Q C15 H14  sing N N 448 
U6Q C16 H15  sing N N 449 
U6Q O2  H16  sing N N 450 
U6Q C20 H17  sing N N 451 
U6Q C20 H18  sing N N 452 
U6Q C20 H19  sing N N 453 
U6Q C22 H20  sing N N 454 
U6Q C23 H21  sing N N 455 
U6Q C24 H22  sing N N 456 
VAL N   CA   sing N N 457 
VAL N   H    sing N N 458 
VAL N   H2   sing N N 459 
VAL CA  C    sing N N 460 
VAL CA  CB   sing N N 461 
VAL CA  HA   sing N N 462 
VAL C   O    doub N N 463 
VAL C   OXT  sing N N 464 
VAL CB  CG1  sing N N 465 
VAL CB  CG2  sing N N 466 
VAL CB  HB   sing N N 467 
VAL CG1 HG11 sing N N 468 
VAL CG1 HG12 sing N N 469 
VAL CG1 HG13 sing N N 470 
VAL CG2 HG21 sing N N 471 
VAL CG2 HG22 sing N N 472 
VAL CG2 HG23 sing N N 473 
VAL OXT HXT  sing N N 474 
# 
_pdbx_entity_instance_feature.ordinal        1 
_pdbx_entity_instance_feature.comp_id        U6Q 
_pdbx_entity_instance_feature.asym_id        ? 
_pdbx_entity_instance_feature.seq_num        ? 
_pdbx_entity_instance_feature.auth_comp_id   U6Q 
_pdbx_entity_instance_feature.auth_asym_id   ? 
_pdbx_entity_instance_feature.auth_seq_num   ? 
_pdbx_entity_instance_feature.feature_type   'SUBJECT OF INVESTIGATION' 
_pdbx_entity_instance_feature.details        ? 
# 
_pdbx_initial_refinement_model.id               1 
_pdbx_initial_refinement_model.entity_id_list   ? 
_pdbx_initial_refinement_model.type             'experimental model' 
_pdbx_initial_refinement_model.source_name      PDB 
_pdbx_initial_refinement_model.accession_code   6QZ6 
_pdbx_initial_refinement_model.details          ? 
# 
_atom_sites.entry_id                    7NB4 
_atom_sites.Cartn_transf_matrix[1][1]   ? 
_atom_sites.Cartn_transf_matrix[1][2]   ? 
_atom_sites.Cartn_transf_matrix[1][3]   ? 
_atom_sites.Cartn_transf_matrix[2][1]   ? 
_atom_sites.Cartn_transf_matrix[2][2]   ? 
_atom_sites.Cartn_transf_matrix[2][3]   ? 
_atom_sites.Cartn_transf_matrix[3][1]   ? 
_atom_sites.Cartn_transf_matrix[3][2]   ? 
_atom_sites.Cartn_transf_matrix[3][3]   ? 
_atom_sites.Cartn_transf_vector[1]      ? 
_atom_sites.Cartn_transf_vector[2]      ? 
_atom_sites.Cartn_transf_vector[3]      ? 
_atom_sites.fract_transf_matrix[1][1]   0.01357098 
_atom_sites.fract_transf_matrix[1][2]   0.02198027 
_atom_sites.fract_transf_matrix[1][3]   0.01330470 
_atom_sites.fract_transf_matrix[2][1]   0.02622894 
_atom_sites.fract_transf_matrix[2][2]   -0.00413118 
_atom_sites.fract_transf_matrix[2][3]   0.01180193 
_atom_sites.fract_transf_matrix[3][1]   0.00130962 
_atom_sites.fract_transf_matrix[3][2]   0.00078652 
_atom_sites.fract_transf_matrix[3][3]   -0.00263522 
_atom_sites.fract_transf_vector[1]      0.081387 
_atom_sites.fract_transf_vector[2]      0.243991 
_atom_sites.fract_transf_vector[3]      -0.038765 
_atom_sites.solution_primary            ? 
_atom_sites.solution_secondary          ? 
_atom_sites.solution_hydrogens          ? 
_atom_sites.special_details             ? 
# 
loop_
_atom_type.symbol 
C  
CL 
MG 
N  
O  
S  
# 
loop_
_atom_site.group_PDB 
_atom_site.id 
_atom_site.type_symbol 
_atom_site.label_atom_id 
_atom_site.label_alt_id 
_atom_site.label_comp_id 
_atom_site.label_asym_id 
_atom_site.label_entity_id 
_atom_site.label_seq_id 
_atom_site.pdbx_PDB_ins_code 
_atom_site.Cartn_x 
_atom_site.Cartn_y 
_atom_site.Cartn_z 
_atom_site.occupancy 
_atom_site.B_iso_or_equiv 
_atom_site.pdbx_formal_charge 
_atom_site.auth_seq_id 
_atom_site.auth_comp_id 
_atom_site.auth_asym_id 
_atom_site.auth_atom_id 
_atom_site.pdbx_PDB_model_num 
ATOM   1    N  N   . SER A 1 13  ? -9.753  -6.753  17.478  1.00 80.98  ?  170 SER A N   1 
ATOM   2    C  CA  . SER A 1 13  ? -9.479  -7.136  16.048  1.00 85.13  ?  170 SER A CA  1 
ATOM   3    C  C   . SER A 1 13  ? -10.121 -8.494  15.708  1.00 74.04  ?  170 SER A C   1 
ATOM   4    O  O   . SER A 1 13  ? -9.400  -9.475  15.476  1.00 86.44  ?  170 SER A O   1 
ATOM   5    C  CB  . SER A 1 13  ? -7.991  -7.105  15.732  1.00 91.27  ?  170 SER A CB  1 
ATOM   6    O  OG  . SER A 1 13  ? -7.317  -8.277  16.184  1.00 91.21  ?  170 SER A OG  1 
ATOM   7    N  N   . GLU A 1 14  ? -11.447 -8.530  15.678  1.00 56.98  ?  171 GLU A N   1 
ATOM   8    C  CA  . GLU A 1 14  ? -12.253 -9.529  14.932  1.00 52.67  ?  171 GLU A CA  1 
ATOM   9    C  C   . GLU A 1 14  ? -12.479 -8.954  13.521  1.00 43.17  ?  171 GLU A C   1 
ATOM   10   O  O   . GLU A 1 14  ? -13.643 -8.671  13.205  1.00 36.92  ?  171 GLU A O   1 
ATOM   11   C  CB  . GLU A 1 14  ? -13.526 -9.775  15.761  1.00 63.82  ?  171 GLU A CB  1 
ATOM   12   C  CG  . GLU A 1 14  ? -14.519 -10.774 15.200  1.00 64.51  ?  171 GLU A CG  1 
ATOM   13   C  CD  . GLU A 1 14  ? -14.563 -12.135 15.885  1.00 77.22  ?  171 GLU A CD  1 
ATOM   14   O  OE1 . GLU A 1 14  ? -14.515 -12.187 17.143  1.00 75.36  ?  171 GLU A OE1 1 
ATOM   15   O  OE2 . GLU A 1 14  ? -14.663 -13.148 15.156  1.00 69.41  ?  171 GLU A OE2 1 
ATOM   16   N  N   . ASP A 1 15  ? -11.414 -8.755  12.722  1.00 38.85  ?  172 ASP A N   1 
ATOM   17   C  CA  . ASP A 1 15  ? -11.477 -8.119  11.364  1.00 37.68  ?  172 ASP A CA  1 
ATOM   18   C  C   . ASP A 1 15  ? -10.372 -8.682  10.481  1.00 35.68  ?  172 ASP A C   1 
ATOM   19   O  O   . ASP A 1 15  ? -9.327  -8.033  10.345  1.00 38.96  ?  172 ASP A O   1 
ATOM   20   C  CB  . ASP A 1 15  ? -11.434 -6.588  11.450  1.00 35.15  ?  172 ASP A CB  1 
ATOM   21   C  CG  . ASP A 1 15  ? -11.729 -5.820  10.155  1.00 36.89  ?  172 ASP A CG  1 
ATOM   22   O  OD1 . ASP A 1 15  ? -11.764 -6.428  9.055   1.00 36.87  ?  172 ASP A OD1 1 
ATOM   23   O  OD2 . ASP A 1 15  ? -11.883 -4.590  10.267  1.00 37.66  ?  172 ASP A OD2 1 
ATOM   24   N  N   . GLU A 1 16  ? -10.651 -9.819  9.850   1.00 38.69  ?  173 GLU A N   1 
ATOM   25   C  CA  . GLU A 1 16  ? -9.702  -10.600 9.025   1.00 39.81  ?  173 GLU A CA  1 
ATOM   26   C  C   . GLU A 1 16  ? -9.320  -9.771  7.795   1.00 41.08  ?  173 GLU A C   1 
ATOM   27   O  O   . GLU A 1 16  ? -8.135  -9.784  7.438   1.00 39.66  ?  173 GLU A O   1 
ATOM   28   C  CB  . GLU A 1 16  ? -10.337 -11.949 8.680   1.00 41.59  ?  173 GLU A CB  1 
ATOM   29   C  CG  . GLU A 1 16  ? -9.546  -12.757 7.676   1.00 54.27  ?  173 GLU A CG  1 
ATOM   30   C  CD  . GLU A 1 16  ? -8.141  -13.176 8.088   1.00 61.95  ?  173 GLU A CD  1 
ATOM   31   O  OE1 . GLU A 1 16  ? -7.814  -13.120 9.308   1.00 65.78  ?  173 GLU A OE1 1 
ATOM   32   O  OE2 . GLU A 1 16  ? -7.372  -13.566 7.178   1.00 65.79  ?  173 GLU A OE2 1 
ATOM   33   N  N   . LEU A 1 17  ? -10.269 -9.061  7.173   1.00 37.24  ?  174 LEU A N   1 
ATOM   34   C  CA  . LEU A 1 17  ? -9.944  -8.261  5.971   1.00 38.79  ?  174 LEU A CA  1 
ATOM   35   C  C   . LEU A 1 17  ? -8.895  -7.209  6.357   1.00 35.25  ?  174 LEU A C   1 
ATOM   36   O  O   . LEU A 1 17  ? -7.958  -7.031  5.604   1.00 36.02  ?  174 LEU A O   1 
ATOM   37   C  CB  . LEU A 1 17  ? -11.189 -7.603  5.368   1.00 38.08  ?  174 LEU A CB  1 
ATOM   38   C  CG  . LEU A 1 17  ? -10.892 -6.757  4.118   1.00 38.88  ?  174 LEU A CG  1 
ATOM   39   C  CD1 . LEU A 1 17  ? -10.228 -7.612  3.045   1.00 42.00  ?  174 LEU A CD1 1 
ATOM   40   C  CD2 . LEU A 1 17  ? -12.127 -6.073  3.576   1.00 42.02  ?  174 LEU A CD2 1 
ATOM   41   N  N   . TYR A 1 18  ? -9.080  -6.470  7.442   1.00 29.87  ?  175 TYR A N   1 
ATOM   42   C  CA  . TYR A 1 18  ? -8.126  -5.435  7.863   1.00 32.94  ?  175 TYR A CA  1 
ATOM   43   C  C   . TYR A 1 18  ? -6.778  -6.104  8.126   1.00 35.01  ?  175 TYR A C   1 
ATOM   44   O  O   . TYR A 1 18  ? -5.723  -5.624  7.671   1.00 36.17  ?  175 TYR A O   1 
ATOM   45   C  CB  . TYR A 1 18  ? -8.625  -4.644  9.068   1.00 33.93  ?  175 TYR A CB  1 
ATOM   46   C  CG  . TYR A 1 18  ? -7.670  -3.561  9.472   1.00 37.06  ?  175 TYR A CG  1 
ATOM   47   C  CD1 . TYR A 1 18  ? -6.571  -3.850  10.263  1.00 43.94  ?  175 TYR A CD1 1 
ATOM   48   C  CD2 . TYR A 1 18  ? -7.836  -2.264  9.043   1.00 43.15  ?  175 TYR A CD2 1 
ATOM   49   C  CE1 . TYR A 1 18  ? -5.654  -2.872  10.613  1.00 46.38  ?  175 TYR A CE1 1 
ATOM   50   C  CE2 . TYR A 1 18  ? -6.935  -1.269  9.392   1.00 45.77  ?  175 TYR A CE2 1 
ATOM   51   C  CZ  . TYR A 1 18  ? -5.848  -1.572  10.186  1.00 49.93  ?  175 TYR A CZ  1 
ATOM   52   O  OH  . TYR A 1 18  ? -4.968  -0.584  10.537  1.00 64.93  ?  175 TYR A OH  1 
ATOM   53   N  N   . ARG A 1 19  ? -6.787  -7.180  8.902   1.00 37.83  ?  176 ARG A N   1 
ATOM   54   C  CA  . ARG A 1 19  ? -5.525  -7.853  9.318   1.00 40.02  ?  176 ARG A CA  1 
ATOM   55   C  C   . ARG A 1 19  ? -4.761  -8.288  8.064   1.00 38.05  ?  176 ARG A C   1 
ATOM   56   O  O   . ARG A 1 19  ? -3.530  -8.046  7.990   1.00 38.35  ?  176 ARG A O   1 
ATOM   57   C  CB  . ARG A 1 19  ? -5.820  -9.070  10.198  1.00 44.79  ?  176 ARG A CB  1 
ATOM   58   C  CG  . ARG A 1 19  ? -4.570  -9.809  10.667  1.00 52.18  ?  176 ARG A CG  1 
ATOM   59   C  CD  . ARG A 1 19  ? -4.842  -11.260 11.045  1.00 59.32  ?  176 ARG A CD  1 
ATOM   60   N  NE  . ARG A 1 19  ? -5.179  -12.075 9.883   1.00 64.13  ?  176 ARG A NE  1 
ATOM   61   C  CZ  . ARG A 1 19  ? -4.331  -12.449 8.927   1.00 63.88  ?  176 ARG A CZ  1 
ATOM   62   N  NH1 . ARG A 1 19  ? -4.784  -13.163 7.911   1.00 63.79  ?  176 ARG A NH1 1 
ATOM   63   N  NH2 . ARG A 1 19  ? -3.044  -12.126 8.982   1.00 61.77  ?  176 ARG A NH2 1 
ATOM   64   N  N   . GLN A 1 20  ? -5.439  -8.941  7.124   1.00 36.93  ?  177 GLN A N   1 
ATOM   65   C  CA  . GLN A 1 20  ? -4.810  -9.492  5.899   1.00 38.35  ?  177 GLN A CA  1 
ATOM   66   C  C   . GLN A 1 20  ? -4.283  -8.339  5.038   1.00 39.00  ?  177 GLN A C   1 
ATOM   67   O  O   . GLN A 1 20  ? -3.143  -8.458  4.508   1.00 40.08  ?  177 GLN A O   1 
ATOM   68   C  CB  . GLN A 1 20  ? -5.808  -10.323 5.112   1.00 41.34  ?  177 GLN A CB  1 
ATOM   69   C  CG  . GLN A 1 20  ? -5.222  -10.867 3.833   1.00 42.59  ?  177 GLN A CG  1 
ATOM   70   C  CD  . GLN A 1 20  ? -6.206  -11.790 3.171   1.00 44.44  ?  177 GLN A CD  1 
ATOM   71   O  OE1 . GLN A 1 20  ? -7.396  -11.503 3.104   1.00 43.03  ?  177 GLN A OE1 1 
ATOM   72   N  NE2 . GLN A 1 20  ? -5.685  -12.861 2.609   1.00 43.88  ?  177 GLN A NE2 1 
ATOM   73   N  N   . SER A 1 21  ? -5.052  -7.261  4.948   1.00 36.11  ?  178 SER A N   1 
ATOM   74   C  CA  . SER A 1 21  ? -4.672  -6.044  4.182   1.00 35.52  ?  178 SER A CA  1 
ATOM   75   C  C   . SER A 1 21  ? -3.411  -5.436  4.809   1.00 39.07  ?  178 SER A C   1 
ATOM   76   O  O   . SER A 1 21  ? -2.473  -5.108  4.085   1.00 36.34  ?  178 SER A O   1 
ATOM   77   C  CB  . SER A 1 21  ? -5.786  -5.067  4.129   1.00 35.19  ?  178 SER A CB  1 
ATOM   78   O  OG  . SER A 1 21  ? -6.887  -5.618  3.431   1.00 34.78  ?  178 SER A OG  1 
ATOM   79   N  N   . LEU A 1 22  ? -3.386  -5.319  6.130   1.00 36.31  ?  179 LEU A N   1 
ATOM   80   C  CA  . LEU A 1 22  ? -2.261  -4.647  6.826   1.00 38.11  ?  179 LEU A CA  1 
ATOM   81   C  C   . LEU A 1 22  ? -0.996  -5.470  6.573   1.00 38.75  ?  179 LEU A C   1 
ATOM   82   O  O   . LEU A 1 22  ? 0.015   -4.901  6.245   1.00 39.35  ?  179 LEU A O   1 
ATOM   83   C  CB  . LEU A 1 22  ? -2.536  -4.522  8.325   1.00 40.69  ?  179 LEU A CB  1 
ATOM   84   C  CG  . LEU A 1 22  ? -1.380  -3.894  9.110   1.00 42.13  ?  179 LEU A CG  1 
ATOM   85   C  CD1 . LEU A 1 22  ? -1.115  -2.486  8.615   1.00 46.48  ?  179 LEU A CD1 1 
ATOM   86   C  CD2 . LEU A 1 22  ? -1.663  -3.893  10.610  1.00 45.04  ?  179 LEU A CD2 1 
ATOM   87   N  N   . GLU A 1 23  ? -1.095  -6.782  6.684   1.00 40.51  ?  180 GLU A N   1 
ATOM   88   C  CA  . GLU A 1 23  ? 0.035   -7.709  6.464   1.00 41.04  ?  180 GLU A CA  1 
ATOM   89   C  C   . GLU A 1 23  ? 0.610   -7.528  5.045   1.00 45.61  ?  180 GLU A C   1 
ATOM   90   O  O   . GLU A 1 23  ? 1.854   -7.430  4.907   1.00 37.39  ?  180 GLU A O   1 
ATOM   91   C  CB  . GLU A 1 23  ? -0.460  -9.128  6.708   1.00 43.61  ?  180 GLU A CB  1 
ATOM   92   C  CG  . GLU A 1 23  ? 0.584   -10.195 6.445   0.75 50.83  ?  180 GLU A CG  1 
ATOM   93   C  CD  . GLU A 1 23  ? 0.209   -11.571 6.968   0.75 61.65  ?  180 GLU A CD  1 
ATOM   94   O  OE1 . GLU A 1 23  ? -0.918  -12.025 6.683   0.75 66.39  ?  180 GLU A OE1 1 
ATOM   95   O  OE2 . GLU A 1 23  ? 1.053   -12.189 7.648   0.75 69.50  ?  180 GLU A OE2 1 
ATOM   96   N  N   . ILE A 1 24  ? -0.237  -7.598  4.008   1.00 40.18  ?  181 ILE A N   1 
ATOM   97   C  CA  . ILE A 1 24  ? 0.212   -7.487  2.591   1.00 37.52  ?  181 ILE A CA  1 
ATOM   98   C  C   . ILE A 1 24  ? 0.877   -6.134  2.381   1.00 37.88  ?  181 ILE A C   1 
ATOM   99   O  O   . ILE A 1 24  ? 2.006   -6.098  1.798   1.00 38.64  ?  181 ILE A O   1 
ATOM   100  C  CB  . ILE A 1 24  ? -0.978  -7.695  1.638   1.00 37.12  ?  181 ILE A CB  1 
ATOM   101  C  CG1 . ILE A 1 24  ? -1.509  -9.121  1.776   1.00 36.57  ?  181 ILE A CG1 1 
ATOM   102  C  CG2 . ILE A 1 24  ? -0.621  -7.351  0.197   1.00 36.50  ?  181 ILE A CG2 1 
ATOM   103  C  CD1 . ILE A 1 24  ? -2.886  -9.303  1.140   1.00 35.27  ?  181 ILE A CD1 1 
ATOM   104  N  N   . ILE A 1 25  ? 0.195   -5.054  2.763   1.00 34.59  ?  182 ILE A N   1 
ATOM   105  C  CA  . ILE A 1 25  ? 0.653   -3.666  2.466   1.00 33.32  ?  182 ILE A CA  1 
ATOM   106  C  C   . ILE A 1 25  ? 1.911   -3.328  3.275   1.00 35.09  ?  182 ILE A C   1 
ATOM   107  O  O   . ILE A 1 25  ? 2.866   -2.788  2.682   1.00 31.94  ?  182 ILE A O   1 
ATOM   108  C  CB  . ILE A 1 25  ? -0.484  -2.662  2.701   1.00 33.52  ?  182 ILE A CB  1 
ATOM   109  C  CG1 . ILE A 1 25  ? -1.619  -2.955  1.705   1.00 32.25  ?  182 ILE A CG1 1 
ATOM   110  C  CG2 . ILE A 1 25  ? 0.044   -1.254  2.612   1.00 32.55  ?  182 ILE A CG2 1 
ATOM   111  C  CD1 . ILE A 1 25  ? -2.856  -2.137  1.993   1.00 32.64  ?  182 ILE A CD1 1 
ATOM   112  N  N   . SER A 1 26  ? 1.933   -3.693  4.555   1.00 36.13  ?  183 SER A N   1 
ATOM   113  C  CA  . SER A 1 26  ? 3.106   -3.498  5.431   1.00 36.52  ?  183 SER A CA  1 
ATOM   114  C  C   . SER A 1 26  ? 4.314   -4.264  4.852   1.00 39.91  ?  183 SER A C   1 
ATOM   115  O  O   . SER A 1 26  ? 5.380   -3.667  4.734   1.00 39.32  ?  183 SER A O   1 
ATOM   116  C  CB  . SER A 1 26  ? 2.792   -3.911  6.851   1.00 42.20  ?  183 SER A CB  1 
ATOM   117  O  OG  . SER A 1 26  ? 3.948   -3.708  7.644   1.00 57.28  ?  183 SER A OG  1 
ATOM   118  N  N   . ARG A 1 27  ? 4.142   -5.515  4.422   1.00 38.49  ?  184 ARG A N   1 
ATOM   119  C  CA  . ARG A 1 27  ? 5.264   -6.331  3.886   1.00 38.78  ?  184 ARG A CA  1 
ATOM   120  C  C   . ARG A 1 27  ? 5.781   -5.718  2.591   1.00 43.59  ?  184 ARG A C   1 
ATOM   121  O  O   . ARG A 1 27  ? 7.021   -5.610  2.438   1.00 37.62  ?  184 ARG A O   1 
ATOM   122  C  CB  . ARG A 1 27  ? 4.833   -7.768  3.673   1.00 42.69  ?  184 ARG A CB  1 
ATOM   123  C  CG  . ARG A 1 27  ? 4.966   -8.626  4.924   1.00 54.12  ?  184 ARG A CG  1 
ATOM   124  C  CD  . ARG A 1 27  ? 4.246   -9.944  4.743   1.00 57.39  ?  184 ARG A CD  1 
ATOM   125  N  NE  . ARG A 1 27  ? 4.028   -10.568 6.038   1.00 64.48  ?  184 ARG A NE  1 
ATOM   126  C  CZ  . ARG A 1 27  ? 4.812   -11.500 6.595   1.00 71.01  ?  184 ARG A CZ  1 
ATOM   127  N  NH1 . ARG A 1 27  ? 5.885   -11.957 5.967   1.00 66.67  ?  184 ARG A NH1 1 
ATOM   128  N  NH2 . ARG A 1 27  ? 4.505   -11.978 7.789   1.00 65.02  ?  184 ARG A NH2 1 
ATOM   129  N  N   . TYR A 1 28  ? 4.889   -5.327  1.680   1.00 35.85  ?  185 TYR A N   1 
ATOM   130  C  CA  . TYR A 1 28  ? 5.280   -4.665  0.405   1.00 36.85  ?  185 TYR A CA  1 
ATOM   131  C  C   . TYR A 1 28  ? 6.118   -3.399  0.667   1.00 35.22  ?  185 TYR A C   1 
ATOM   132  O  O   . TYR A 1 28  ? 7.190   -3.233  -0.008  1.00 34.36  ?  185 TYR A O   1 
ATOM   133  C  CB  . TYR A 1 28  ? 4.059   -4.351  -0.476  1.00 33.02  ?  185 TYR A CB  1 
ATOM   134  C  CG  . TYR A 1 28  ? 4.437   -3.837  -1.842  1.00 31.52  ?  185 TYR A CG  1 
ATOM   135  C  CD1 . TYR A 1 28  ? 5.317   -4.538  -2.654  1.00 36.10  ?  185 TYR A CD1 1 
ATOM   136  C  CD2 . TYR A 1 28  ? 3.905   -2.659  -2.340  1.00 32.08  ?  185 TYR A CD2 1 
ATOM   137  C  CE1 . TYR A 1 28  ? 5.697   -4.059  -3.896  1.00 39.20  ?  185 TYR A CE1 1 
ATOM   138  C  CE2 . TYR A 1 28  ? 4.257   -2.176  -3.586  1.00 32.40  ?  185 TYR A CE2 1 
ATOM   139  C  CZ  . TYR A 1 28  ? 5.162   -2.872  -4.363  1.00 35.34  ?  185 TYR A CZ  1 
ATOM   140  O  OH  . TYR A 1 28  ? 5.507   -2.381  -5.587  1.00 34.43  ?  185 TYR A OH  1 
ATOM   141  N  N   . LEU A 1 29  ? 5.637   -2.486  1.522   1.00 34.13  ?  186 LEU A N   1 
ATOM   142  C  CA  . LEU A 1 29  ? 6.299   -1.183  1.765   1.00 34.27  ?  186 LEU A CA  1 
ATOM   143  C  C   . LEU A 1 29  ? 7.680   -1.434  2.419   1.00 40.65  ?  186 LEU A C   1 
ATOM   144  O  O   . LEU A 1 29  ? 8.649   -0.729  2.074   1.00 37.53  ?  186 LEU A O   1 
ATOM   145  C  CB  . LEU A 1 29  ? 5.408   -0.285  2.612   1.00 31.40  ?  186 LEU A CB  1 
ATOM   146  C  CG  . LEU A 1 29  ? 4.543   0.693   1.793   1.00 31.87  ?  186 LEU A CG  1 
ATOM   147  C  CD1 . LEU A 1 29  ? 3.673   -0.055  0.776   1.00 32.53  ?  186 LEU A CD1 1 
ATOM   148  C  CD2 . LEU A 1 29  ? 3.707   1.581   2.703   1.00 34.27  ?  186 LEU A CD2 1 
ATOM   149  N  N   . ARG A 1 30  ? 7.765   -2.423  3.300   1.00 38.37  ?  187 ARG A N   1 
ATOM   150  C  CA  . ARG A 1 30  ? 9.012   -2.733  4.042   1.00 43.38  ?  187 ARG A CA  1 
ATOM   151  C  C   . ARG A 1 30  ? 10.030  -3.267  3.043   1.00 42.48  ?  187 ARG A C   1 
ATOM   152  O  O   . ARG A 1 30  ? 11.174  -2.787  3.088   1.00 47.52  ?  187 ARG A O   1 
ATOM   153  C  CB  . ARG A 1 30  ? 8.722   -3.697  5.200   1.00 47.80  ?  187 ARG A CB  1 
ATOM   154  C  CG  . ARG A 1 30  ? 8.249   -3.005  6.473   1.00 60.72  ?  187 ARG A CG  1 
ATOM   155  C  CD  . ARG A 1 30  ? 8.234   -3.853  7.755   1.00 70.05  ?  187 ARG A CD  1 
ATOM   156  N  NE  . ARG A 1 30  ? 7.013   -4.657  7.870   1.00 71.50  ?  187 ARG A NE  1 
ATOM   157  C  CZ  . ARG A 1 30  ? 6.902   -5.972  7.617   1.00 70.75  ?  187 ARG A CZ  1 
ATOM   158  N  NH1 . ARG A 1 30  ? 5.720   -6.560  7.727   1.00 63.87  ?  187 ARG A NH1 1 
ATOM   159  N  NH2 . ARG A 1 30  ? 7.951   -6.700  7.260   1.00 61.93  ?  187 ARG A NH2 1 
ATOM   160  N  N   . GLU A 1 31  ? 9.656   -4.235  2.193   1.00 43.14  ?  188 GLU A N   1 
ATOM   161  C  CA  . GLU A 1 31  ? 10.605  -4.850  1.234   1.00 42.84  ?  188 GLU A CA  1 
ATOM   162  C  C   . GLU A 1 31  ? 10.997  -3.846  0.151   1.00 49.20  ?  188 GLU A C   1 
ATOM   163  O  O   . GLU A 1 31  ? 12.181  -3.824  -0.283  1.00 40.60  ?  188 GLU A O   1 
ATOM   164  C  CB  . GLU A 1 31  ? 10.086  -6.175  0.697   1.00 43.79  ?  188 GLU A CB  1 
ATOM   165  C  CG  . GLU A 1 31  ? 8.997   -6.082  -0.297  1.00 52.01  ?  188 GLU A CG  1 
ATOM   166  C  CD  . GLU A 1 31  ? 8.637   -7.462  -0.792  1.00 59.63  ?  188 GLU A CD  1 
ATOM   167  O  OE1 . GLU A 1 31  ? 8.465   -7.588  -2.011  1.00 64.86  ?  188 GLU A OE1 1 
ATOM   168  O  OE2 . GLU A 1 31  ? 8.570   -8.403  0.049   1.00 48.07  ?  188 GLU A OE2 1 
ATOM   169  N  N   . GLN A 1 32  ? 10.074  -2.976  -0.242  1.00 43.07  ?  189 GLN A N   1 
ATOM   170  C  CA  . GLN A 1 32  ? 10.392  -1.943  -1.260  1.00 43.76  ?  189 GLN A CA  1 
ATOM   171  C  C   . GLN A 1 32  ? 11.431  -0.999  -0.655  1.00 42.45  ?  189 GLN A C   1 
ATOM   172  O  O   . GLN A 1 32  ? 12.390  -0.674  -1.374  1.00 45.18  ?  189 GLN A O   1 
ATOM   173  C  CB  . GLN A 1 32  ? 9.130   -1.226  -1.717  1.00 38.81  ?  189 GLN A CB  1 
ATOM   174  C  CG  . GLN A 1 32  ? 8.283   -2.112  -2.606  1.00 40.29  ?  189 GLN A CG  1 
ATOM   175  C  CD  . GLN A 1 32  ? 8.822   -2.125  -4.018  1.00 41.50  ?  189 GLN A CD  1 
ATOM   176  O  OE1 . GLN A 1 32  ? 8.867   -1.096  -4.692  1.00 39.81  ?  189 GLN A OE1 1 
ATOM   177  N  NE2 . GLN A 1 32  ? 9.258   -3.303  -4.471  1.00 41.35  ?  189 GLN A NE2 1 
ATOM   178  N  N   . ALA A 1 33  ? 11.259  -0.588  0.603   1.00 40.83  ?  190 ALA A N   1 
ATOM   179  C  CA  . ALA A 1 33  ? 12.174  0.392   1.243   1.00 51.79  ?  190 ALA A CA  1 
ATOM   180  C  C   . ALA A 1 33  ? 13.564  -0.231  1.392   1.00 48.42  ?  190 ALA A C   1 
ATOM   181  O  O   . ALA A 1 33  ? 14.526  0.450   1.061   1.00 56.85  ?  190 ALA A O   1 
ATOM   182  C  CB  . ALA A 1 33  ? 11.675  0.867   2.584   1.00 49.31  ?  190 ALA A CB  1 
ATOM   183  N  N   . THR A 1 34  ? 13.657  -1.454  1.905   1.00 56.54  ?  191 THR A N   1 
ATOM   184  C  CA  . THR A 1 34  ? 14.928  -2.077  2.370   1.00 59.24  ?  191 THR A CA  1 
ATOM   185  C  C   . THR A 1 34  ? 15.580  -2.973  1.302   1.00 63.36  ?  191 THR A C   1 
ATOM   186  O  O   . THR A 1 34  ? 16.767  -3.259  1.461   1.00 62.91  ?  191 THR A O   1 
ATOM   187  C  CB  . THR A 1 34  ? 14.693  -2.892  3.650   1.00 56.68  ?  191 THR A CB  1 
ATOM   188  O  OG1 . THR A 1 34  ? 13.960  -4.063  3.294   1.00 51.87  ?  191 THR A OG1 1 
ATOM   189  C  CG2 . THR A 1 34  ? 13.977  -2.114  4.731   1.00 51.64  ?  191 THR A CG2 1 
ATOM   190  N  N   . GLY A 1 35  ? 14.841  -3.468  0.304   1.00 63.35  ?  192 GLY A N   1 
ATOM   191  C  CA  . GLY A 1 35  ? 15.326  -4.479  -0.663  1.00 58.62  ?  192 GLY A CA  1 
ATOM   192  C  C   . GLY A 1 35  ? 15.370  -5.894  -0.095  1.00 55.54  ?  192 GLY A C   1 
ATOM   193  O  O   . GLY A 1 35  ? 15.786  -6.796  -0.831  1.00 59.50  ?  192 GLY A O   1 
ATOM   194  N  N   . ALA A 1 36  ? 14.945  -6.125  1.152   1.00 63.81  ?  193 ALA A N   1 
ATOM   195  C  CA  . ALA A 1 36  ? 14.933  -7.467  1.790   1.00 67.22  ?  193 ALA A CA  1 
ATOM   196  C  C   . ALA A 1 36  ? 13.496  -7.985  1.940   1.00 72.13  ?  193 ALA A C   1 
ATOM   197  O  O   . ALA A 1 36  ? 12.652  -7.234  2.472   1.00 74.87  ?  193 ALA A O   1 
ATOM   198  C  CB  . ALA A 1 36  ? 15.606  -7.400  3.133   1.00 66.50  ?  193 ALA A CB  1 
ATOM   199  N  N   . LYS A 1 37  ? 13.242  -9.228  1.515   1.00 76.08  ?  194 LYS A N   1 
ATOM   200  C  CA  . LYS A 1 37  ? 11.969  -9.960  1.775   1.00 84.77  ?  194 LYS A CA  1 
ATOM   201  C  C   . LYS A 1 37  ? 11.903  -10.285 3.277   1.00 85.75  ?  194 LYS A C   1 
ATOM   202  O  O   . LYS A 1 37  ? 12.966  -10.567 3.875   1.00 83.96  ?  194 LYS A O   1 
ATOM   203  C  CB  . LYS A 1 37  ? 11.861  -11.215 0.898   1.00 75.55  ?  194 LYS A CB  1 
ATOM   204  C  CG  . LYS A 1 37  ? 10.610  -12.058 1.111   1.00 81.11  ?  194 LYS A CG  1 
ATOM   205  C  CD  . LYS A 1 37  ? 10.771  -13.512 0.676   1.00 87.51  ?  194 LYS A CD  1 
ATOM   206  C  CE  . LYS A 1 37  ? 9.471   -14.296 0.646   1.00 83.92  ?  194 LYS A CE  1 
ATOM   207  N  NZ  . LYS A 1 37  ? 8.679   -14.015 -0.579  1.00 86.07  ?  194 LYS A NZ  1 
ATOM   208  N  N   . ASP A 1 38  ? 10.709  -10.181 3.872   1.00 84.73  ?  195 ASP A N   1 
ATOM   209  C  CA  . ASP A 1 38  ? 10.431  -10.553 5.286   1.00 88.04  ?  195 ASP A CA  1 
ATOM   210  C  C   . ASP A 1 38  ? 10.195  -12.064 5.327   1.00 90.04  ?  195 ASP A C   1 
ATOM   211  O  O   . ASP A 1 38  ? 9.456   -12.563 4.451   1.00 80.67  ?  195 ASP A O   1 
ATOM   212  C  CB  . ASP A 1 38  ? 9.214   -9.806  5.836   1.00 85.22  ?  195 ASP A CB  1 
ATOM   213  C  CG  . ASP A 1 38  ? 9.061   -9.935  7.338   1.00 83.80  ?  195 ASP A CG  1 
ATOM   214  O  OD1 . ASP A 1 38  ? 9.922   -9.390  8.054   1.00 91.79  ?  195 ASP A OD1 1 
ATOM   215  O  OD2 . ASP A 1 38  ? 8.090   -10.580 7.779   1.00 82.79  ?  195 ASP A OD2 1 
ATOM   216  N  N   . THR A 1 39  ? 10.805  -12.777 6.274   1.00 88.55  ?  196 THR A N   1 
ATOM   217  C  CA  . THR A 1 39  ? 10.686  -14.258 6.344   1.00 94.09  ?  196 THR A CA  1 
ATOM   218  C  C   . THR A 1 39  ? 9.724   -14.660 7.468   1.00 93.53  ?  196 THR A C   1 
ATOM   219  O  O   . THR A 1 39  ? 9.585   -15.884 7.675   1.00 92.80  ?  196 THR A O   1 
ATOM   220  C  CB  . THR A 1 39  ? 12.060  -14.929 6.466   1.00 93.75  ?  196 THR A CB  1 
ATOM   221  O  OG1 . THR A 1 39  ? 12.619  -14.569 7.729   1.00 97.50  ?  196 THR A OG1 1 
ATOM   222  C  CG2 . THR A 1 39  ? 12.991  -14.545 5.337   1.00 90.88  ?  196 THR A CG2 1 
ATOM   223  N  N   . LYS A 1 40  ? 9.069   -13.703 8.146   1.00 87.51  ?  197 LYS A N   1 
ATOM   224  C  CA  . LYS A 1 40  ? 8.049   -14.020 9.193   1.00 92.47  ?  197 LYS A CA  1 
ATOM   225  C  C   . LYS A 1 40  ? 6.876   -14.724 8.511   1.00 94.42  ?  197 LYS A C   1 
ATOM   226  O  O   . LYS A 1 40  ? 6.542   -14.426 7.363   1.00 88.88  ?  197 LYS A O   1 
ATOM   227  C  CB  . LYS A 1 40  ? 7.587   -12.779 9.969   1.00 86.73  ?  197 LYS A CB  1 
ATOM   228  N  N   . PRO A 1 41  ? 6.215   -15.689 9.182   1.00 99.61  ?  198 PRO A N   1 
ATOM   229  C  CA  . PRO A 1 41  ? 5.132   -16.444 8.547   1.00 101.11 ?  198 PRO A CA  1 
ATOM   230  C  C   . PRO A 1 41  ? 3.884   -15.570 8.328   1.00 104.29 ?  198 PRO A C   1 
ATOM   231  O  O   . PRO A 1 41  ? 3.713   -14.611 9.068   1.00 99.51  ?  198 PRO A O   1 
ATOM   232  C  CB  . PRO A 1 41  ? 4.868   -17.569 9.562   1.00 100.08 ?  198 PRO A CB  1 
ATOM   233  C  CG  . PRO A 1 41  ? 5.239   -16.947 10.898  1.00 98.30  ?  198 PRO A CG  1 
ATOM   234  C  CD  . PRO A 1 41  ? 6.432   -16.067 10.590  1.00 99.19  ?  198 PRO A CD  1 
ATOM   235  N  N   . MET A 1 42  ? 3.054   -15.913 7.334   1.00 104.46 ?  199 MET A N   1 
ATOM   236  C  CA  . MET A 1 42  ? 1.731   -15.275 7.080   1.00 100.01 ?  199 MET A CA  1 
ATOM   237  C  C   . MET A 1 42  ? 0.703   -15.833 8.074   1.00 99.79  ?  199 MET A C   1 
ATOM   238  O  O   . MET A 1 42  ? 0.999   -16.860 8.713   1.00 105.84 ?  199 MET A O   1 
ATOM   239  C  CB  . MET A 1 42  ? 1.256   -15.549 5.652   1.00 96.77  ?  199 MET A CB  1 
ATOM   240  C  CG  . MET A 1 42  ? 2.171   -14.972 4.588   1.00 97.40  ?  199 MET A CG  1 
ATOM   241  S  SD  . MET A 1 42  ? 1.776   -13.244 4.195   1.00 97.82  ?  199 MET A SD  1 
ATOM   242  C  CE  . MET A 1 42  ? 3.216   -12.778 3.238   1.00 94.24  ?  199 MET A CE  1 
ATOM   243  N  N   . GLY A 1 43  ? -0.460  -15.187 8.196   1.00 96.96  ?  200 GLY A N   1 
ATOM   244  C  CA  . GLY A 1 43  ? -1.531  -15.588 9.129   1.00 100.07 ?  200 GLY A CA  1 
ATOM   245  C  C   . GLY A 1 43  ? -2.808  -15.965 8.397   1.00 102.97 ?  200 GLY A C   1 
ATOM   246  O  O   . GLY A 1 43  ? -3.077  -15.372 7.331   1.00 107.77 ?  200 GLY A O   1 
ATOM   247  N  N   . ARG A 1 44  ? -3.591  -16.887 8.966   1.00 97.94  ?  201 ARG A N   1 
ATOM   248  C  CA  . ARG A 1 44  ? -4.867  -17.390 8.385   1.00 95.95  ?  201 ARG A CA  1 
ATOM   249  C  C   . ARG A 1 44  ? -4.598  -17.763 6.921   1.00 95.83  ?  201 ARG A C   1 
ATOM   250  O  O   . ARG A 1 44  ? -3.723  -18.635 6.714   1.00 104.73 ?  201 ARG A O   1 
ATOM   251  C  CB  . ARG A 1 44  ? -5.984  -16.361 8.577   1.00 88.62  ?  201 ARG A CB  1 
ATOM   252  N  N   . SER A 1 45  ? -5.261  -17.133 5.939   1.00 86.84  ?  202 SER A N   1 
ATOM   253  C  CA  . SER A 1 45  ? -5.075  -17.498 4.505   1.00 87.12  ?  202 SER A CA  1 
ATOM   254  C  C   . SER A 1 45  ? -3.783  -16.877 3.966   1.00 82.68  ?  202 SER A C   1 
ATOM   255  O  O   . SER A 1 45  ? -3.851  -15.867 3.219   1.00 70.43  ?  202 SER A O   1 
ATOM   256  C  CB  . SER A 1 45  ? -6.246  -17.176 3.622   1.00 85.23  ?  202 SER A CB  1 
ATOM   257  O  OG  . SER A 1 45  ? -6.118  -17.907 2.403   1.00 79.80  ?  202 SER A OG  1 
ATOM   258  N  N   . GLY A 1 46  ? -2.660  -17.499 4.344   1.00 77.58  ?  203 GLY A N   1 
ATOM   259  C  CA  . GLY A 1 46  ? -1.298  -17.168 3.897   1.00 69.54  ?  203 GLY A CA  1 
ATOM   260  C  C   . GLY A 1 46  ? -1.138  -17.437 2.415   1.00 63.96  ?  203 GLY A C   1 
ATOM   261  O  O   . GLY A 1 46  ? -0.361  -16.709 1.790   1.00 65.91  ?  203 GLY A O   1 
ATOM   262  N  N   . ALA A 1 47  ? -1.847  -18.432 1.870   0.75 58.12  ?  204 ALA A N   1 
ATOM   263  C  CA  . ALA A 1 47  ? -1.741  -18.835 0.450   0.75 54.55  ?  204 ALA A CA  1 
ATOM   264  C  C   . ALA A 1 47  ? -2.229  -17.669 -0.412  0.75 50.21  ?  204 ALA A C   1 
ATOM   265  O  O   . ALA A 1 47  ? -1.613  -17.381 -1.445  0.75 44.72  ?  204 ALA A O   1 
ATOM   266  C  CB  . ALA A 1 47  ? -2.527  -20.094 0.190   0.75 56.69  ?  204 ALA A CB  1 
ATOM   267  N  N   . THR A 1 48  ? -3.301  -17.006 0.014   1.00 60.90  ?  205 THR A N   1 
ATOM   268  C  CA  . THR A 1 48  ? -3.869  -15.838 -0.712  1.00 57.62  ?  205 THR A CA  1 
ATOM   269  C  C   . THR A 1 48  ? -2.934  -14.640 -0.517  1.00 53.73  ?  205 THR A C   1 
ATOM   270  O  O   . THR A 1 48  ? -2.617  -13.960 -1.515  1.00 48.01  ?  205 THR A O   1 
ATOM   271  C  CB  . THR A 1 48  ? -5.311  -15.537 -0.285  1.00 57.59  ?  205 THR A CB  1 
ATOM   272  O  OG1 . THR A 1 48  ? -6.121  -16.488 -0.977  1.00 55.19  ?  205 THR A OG1 1 
ATOM   273  C  CG2 . THR A 1 48  ? -5.746  -14.132 -0.634  1.00 57.11  ?  205 THR A CG2 1 
ATOM   274  N  N   . SER A 1 49  ? -2.496  -14.410 0.713   1.00 42.69  ?  206 SER A N   1 
ATOM   275  C  CA  . SER A 1 49  ? -1.643  -13.255 1.065   1.00 47.39  ?  206 SER A CA  1 
ATOM   276  C  C   . SER A 1 49  ? -0.337  -13.317 0.282   1.00 49.12  ?  206 SER A C   1 
ATOM   277  O  O   . SER A 1 49  ? 0.104   -12.259 -0.216  1.00 41.43  ?  206 SER A O   1 
ATOM   278  C  CB  . SER A 1 49  ? -1.429  -13.211 2.525   1.00 44.87  ?  206 SER A CB  1 
ATOM   279  O  OG  . SER A 1 49  ? -2.678  -12.974 3.132   1.00 54.22  ?  206 SER A OG  1 
ATOM   280  N  N   . ARG A 1 50  ? 0.246   -14.518 0.185   1.00 47.17  ?  207 ARG A N   1 
ATOM   281  C  CA  . ARG A 1 50  ? 1.501   -14.777 -0.565  1.00 51.41  ?  207 ARG A CA  1 
ATOM   282  C  C   . ARG A 1 50  ? 1.291   -14.441 -2.033  1.00 44.43  ?  207 ARG A C   1 
ATOM   283  O  O   . ARG A 1 50  ? 2.167   -13.775 -2.591  1.00 44.56  ?  207 ARG A O   1 
ATOM   284  C  CB  . ARG A 1 50  ? 1.986   -16.227 -0.431  1.00 59.74  ?  207 ARG A CB  1 
ATOM   285  C  CG  . ARG A 1 50  ? 2.919   -16.437 0.752   1.00 66.19  ?  207 ARG A CG  1 
ATOM   286  C  CD  . ARG A 1 50  ? 3.276   -17.894 1.015   1.00 66.05  ?  207 ARG A CD  1 
ATOM   287  N  NE  . ARG A 1 50  ? 3.051   -18.163 2.435   0.75 70.05  ?  207 ARG A NE  1 
ATOM   288  C  CZ  . ARG A 1 50  ? 2.153   -19.007 2.938   0.75 66.70  ?  207 ARG A CZ  1 
ATOM   289  N  NH1 . ARG A 1 50  ? 2.059   -19.142 4.249   0.75 70.72  ?  207 ARG A NH1 1 
ATOM   290  N  NH2 . ARG A 1 50  ? 1.389   -19.747 2.149   0.75 72.09  ?  207 ARG A NH2 1 
ATOM   291  N  N   . LYS A 1 51  ? 0.186   -14.879 -2.634  1.00 45.92  ?  208 LYS A N   1 
ATOM   292  C  CA  . LYS A 1 51  ? -0.094  -14.658 -4.072  1.00 47.85  ?  208 LYS A CA  1 
ATOM   293  C  C   . LYS A 1 51  ? -0.378  -13.176 -4.285  1.00 41.77  ?  208 LYS A C   1 
ATOM   294  O  O   . LYS A 1 51  ? 0.052   -12.626 -5.318  1.00 45.62  ?  208 LYS A O   1 
ATOM   295  C  CB  . LYS A 1 51  ? -1.282  -15.490 -4.578  1.00 52.64  ?  208 LYS A CB  1 
ATOM   296  C  CG  . LYS A 1 51  ? -0.951  -16.910 -5.004  1.00 58.82  ?  208 LYS A CG  1 
ATOM   297  C  CD  . LYS A 1 51  ? -0.100  -17.007 -6.260  1.00 63.84  ?  208 LYS A CD  1 
ATOM   298  C  CE  . LYS A 1 51  ? 1.178   -17.778 -6.000  1.00 66.96  ?  208 LYS A CE  1 
ATOM   299  N  NZ  . LYS A 1 51  ? 1.870   -18.152 -7.252  1.00 69.95  ?  208 LYS A NZ  1 
ATOM   300  N  N   . ALA A 1 52  ? -1.095  -12.548 -3.360  1.00 41.70  ?  209 ALA A N   1 
ATOM   301  C  CA  . ALA A 1 52  ? -1.386  -11.093 -3.442  1.00 42.93  ?  209 ALA A CA  1 
ATOM   302  C  C   . ALA A 1 52  ? -0.065  -10.307 -3.383  1.00 38.54  ?  209 ALA A C   1 
ATOM   303  O  O   . ALA A 1 52  ? 0.148   -9.400  -4.178  1.00 36.38  ?  209 ALA A O   1 
ATOM   304  C  CB  . ALA A 1 52  ? -2.331  -10.713 -2.333  1.00 42.66  ?  209 ALA A CB  1 
ATOM   305  N  N   . LEU A 1 53  ? 0.813   -10.644 -2.446  1.00 37.78  ?  210 LEU A N   1 
ATOM   306  C  CA  . LEU A 1 53  ? 2.128   -9.982  -2.343  1.00 34.00  ?  210 LEU A CA  1 
ATOM   307  C  C   . LEU A 1 53  ? 2.929   -10.195 -3.626  1.00 36.91  ?  210 LEU A C   1 
ATOM   308  O  O   . LEU A 1 53  ? 3.466   -9.208  -4.130  1.00 39.19  ?  210 LEU A O   1 
ATOM   309  C  CB  . LEU A 1 53  ? 2.846   -10.510 -1.103  1.00 39.83  ?  210 LEU A CB  1 
ATOM   310  C  CG  . LEU A 1 53  ? 4.157   -9.820  -0.776  1.00 42.56  ?  210 LEU A CG  1 
ATOM   311  C  CD1 . LEU A 1 53  ? 3.994   -8.314  -0.660  1.00 45.46  ?  210 LEU A CD1 1 
ATOM   312  C  CD2 . LEU A 1 53  ? 4.725   -10.372 0.517   1.00 47.53  ?  210 LEU A CD2 1 
ATOM   313  N  N   . GLU A 1 54  ? 2.957   -11.400 -4.212  1.00 40.87  ?  211 GLU A N   1 
ATOM   314  C  CA  . GLU A 1 54  ? 3.681   -11.622 -5.499  1.00 44.57  ?  211 GLU A CA  1 
ATOM   315  C  C   . GLU A 1 54  ? 3.070   -10.771 -6.625  1.00 41.40  ?  211 GLU A C   1 
ATOM   316  O  O   . GLU A 1 54  ? 3.821   -10.197 -7.435  1.00 40.50  ?  211 GLU A O   1 
ATOM   317  C  CB  . GLU A 1 54  ? 3.681   -13.095 -5.895  1.00 48.54  ?  211 GLU A CB  1 
ATOM   318  C  CG  . GLU A 1 54  ? 4.574   -13.936 -5.005  0.75 49.77  ?  211 GLU A CG  1 
ATOM   319  C  CD  . GLU A 1 54  ? 4.439   -15.440 -5.199  0.50 47.99  ?  211 GLU A CD  1 
ATOM   320  O  OE1 . GLU A 1 54  ? 3.751   -15.858 -6.137  0.50 48.40  ?  211 GLU A OE1 1 
ATOM   321  O  OE2 . GLU A 1 54  ? 5.012   -16.183 -4.385  0.50 54.09  ?  211 GLU A OE2 1 
ATOM   322  N  N   . THR A 1 55  ? 1.758   -10.660 -6.674  1.00 38.36  ?  212 THR A N   1 
ATOM   323  C  CA  . THR A 1 55  ? 1.056   -9.815  -7.662  1.00 38.30  ?  212 THR A CA  1 
ATOM   324  C  C   . THR A 1 55  ? 1.448   -8.351  -7.443  1.00 37.92  ?  212 THR A C   1 
ATOM   325  O  O   . THR A 1 55  ? 1.831   -7.674  -8.392  1.00 37.75  ?  212 THR A O   1 
ATOM   326  C  CB  . THR A 1 55  ? -0.449  -10.065 -7.566  1.00 40.31  ?  212 THR A CB  1 
ATOM   327  O  OG1 . THR A 1 55  ? -0.571  -11.457 -7.830  1.00 44.83  ?  212 THR A OG1 1 
ATOM   328  C  CG2 . THR A 1 55  ? -1.274  -9.249  -8.532  1.00 42.11  ?  212 THR A CG2 1 
ATOM   329  N  N   . LEU A 1 56  ? 1.357   -7.884  -6.212  1.00 39.69  ?  213 LEU A N   1 
ATOM   330  C  CA  . LEU A 1 56  ? 1.695   -6.480  -5.865  1.00 43.35  ?  213 LEU A CA  1 
ATOM   331  C  C   . LEU A 1 56  ? 3.082   -6.158  -6.368  1.00 44.49  ?  213 LEU A C   1 
ATOM   332  O  O   . LEU A 1 56  ? 3.272   -5.034  -6.913  1.00 45.03  ?  213 LEU A O   1 
ATOM   333  C  CB  . LEU A 1 56  ? 1.657   -6.279  -4.354  1.00 44.28  ?  213 LEU A CB  1 
ATOM   334  C  CG  . LEU A 1 56  ? 0.564   -5.397  -3.821  1.00 44.54  ?  213 LEU A CG  1 
ATOM   335  C  CD1 . LEU A 1 56  ? 0.875   -5.042  -2.387  1.00 41.79  ?  213 LEU A CD1 1 
ATOM   336  C  CD2 . LEU A 1 56  ? 0.351   -4.158  -4.688  1.00 35.82  ?  213 LEU A CD2 1 
ATOM   337  N  N   . ARG A 1 57  ? 4.018   -7.107  -6.171  1.00 46.24  ?  214 ARG A N   1 
ATOM   338  C  CA  . ARG A 1 57  ? 5.424   -6.925  -6.595  1.00 45.19  ?  214 ARG A CA  1 
ATOM   339  C  C   . ARG A 1 57  ? 5.468   -6.647  -8.089  1.00 42.29  ?  214 ARG A C   1 
ATOM   340  O  O   . ARG A 1 57  ? 6.144   -5.697  -8.437  1.00 51.61  ?  214 ARG A O   1 
ATOM   341  C  CB  . ARG A 1 57  ? 6.344   -8.114  -6.323  1.00 44.43  ?  214 ARG A CB  1 
ATOM   342  C  CG  . ARG A 1 57  ? 6.524   -8.430  -4.860  1.00 46.47  ?  214 ARG A CG  1 
ATOM   343  C  CD  . ARG A 1 57  ? 7.708   -9.362  -4.678  1.00 51.20  ?  214 ARG A CD  1 
ATOM   344  N  NE  . ARG A 1 57  ? 7.792   -9.683  -3.268  1.00 45.13  ?  214 ARG A NE  1 
ATOM   345  C  CZ  . ARG A 1 57  ? 7.465   -10.843 -2.704  1.00 53.66  ?  214 ARG A CZ  1 
ATOM   346  N  NH1 . ARG A 1 57  ? 7.050   -11.876 -3.430  1.00 52.89  ?  214 ARG A NH1 1 
ATOM   347  N  NH2 . ARG A 1 57  ? 7.608   -10.959 -1.394  1.00 53.36  ?  214 ARG A NH2 1 
ATOM   348  N  N   . ARG A 1 58  ? 4.803   -7.452  -8.915  1.00 40.78  ?  215 ARG A N   1 
ATOM   349  C  CA  . ARG A 1 58  ? 4.874   -7.324  -10.390 1.00 41.87  ?  215 ARG A CA  1 
ATOM   350  C  C   . ARG A 1 58  ? 4.169   -6.025  -10.765 1.00 40.73  ?  215 ARG A C   1 
ATOM   351  O  O   . ARG A 1 58  ? 4.820   -5.171  -11.371 1.00 37.85  ?  215 ARG A O   1 
ATOM   352  C  CB  . ARG A 1 58  ? 4.303   -8.564  -11.080 1.00 48.13  ?  215 ARG A CB  1 
ATOM   353  C  CG  . ARG A 1 58  ? 3.936   -8.362  -12.544 1.00 62.44  ?  215 ARG A CG  1 
ATOM   354  C  CD  . ARG A 1 58  ? 3.459   -9.643  -13.213 1.00 72.19  ?  215 ARG A CD  1 
ATOM   355  N  NE  . ARG A 1 58  ? 2.047   -9.915  -12.963 1.00 75.33  ?  215 ARG A NE  1 
ATOM   356  C  CZ  . ARG A 1 58  ? 1.573   -10.791 -12.072 1.00 79.94  ?  215 ARG A CZ  1 
ATOM   357  N  NH1 . ARG A 1 58  ? 2.401   -11.495 -11.311 1.00 76.83  ?  215 ARG A NH1 1 
ATOM   358  N  NH2 . ARG A 1 58  ? 0.263   -10.951 -11.935 1.00 74.20  ?  215 ARG A NH2 1 
ATOM   359  N  N   . VAL A 1 59  ? 2.900   -5.853  -10.348 1.00 38.01  ?  216 VAL A N   1 
ATOM   360  C  CA  . VAL A 1 59  ? 2.072   -4.698  -10.802 1.00 37.95  ?  216 VAL A CA  1 
ATOM   361  C  C   . VAL A 1 59  ? 2.528   -3.390  -10.122 1.00 31.86  ?  216 VAL A C   1 
ATOM   362  O  O   . VAL A 1 59  ? 2.636   -2.382  -10.809 1.00 33.26  ?  216 VAL A O   1 
ATOM   363  C  CB  . VAL A 1 59  ? 0.569   -4.985  -10.598 1.00 37.86  ?  216 VAL A CB  1 
ATOM   364  C  CG1 . VAL A 1 59  ? -0.239  -3.840  -11.116 1.00 42.25  ?  216 VAL A CG1 1 
ATOM   365  C  CG2 . VAL A 1 59  ? 0.137   -6.271  -11.285 1.00 42.40  ?  216 VAL A CG2 1 
ATOM   366  N  N   . GLY A 1 60  ? 2.773   -3.385  -8.814  1.00 31.66  ?  217 GLY A N   1 
ATOM   367  C  CA  . GLY A 1 60  ? 3.238   -2.171  -8.098  1.00 34.20  ?  217 GLY A CA  1 
ATOM   368  C  C   . GLY A 1 60  ? 4.600   -1.677  -8.571  1.00 34.10  ?  217 GLY A C   1 
ATOM   369  O  O   . GLY A 1 60  ? 4.793   -0.451  -8.708  1.00 31.15  ?  217 GLY A O   1 
ATOM   370  N  N   . ASP A 1 61  ? 5.549   -2.579  -8.769  1.00 35.32  ?  218 ASP A N   1 
ATOM   371  C  CA  . ASP A 1 61  ? 6.866   -2.234  -9.367  1.00 37.44  ?  218 ASP A CA  1 
ATOM   372  C  C   . ASP A 1 61  ? 6.629   -1.591  -10.749 1.00 38.28  ?  218 ASP A C   1 
ATOM   373  O  O   . ASP A 1 61  ? 7.252   -0.563  -11.024 1.00 35.90  ?  218 ASP A O   1 
ATOM   374  C  CB  . ASP A 1 61  ? 7.791   -3.457  -9.406  1.00 38.19  ?  218 ASP A CB  1 
ATOM   375  C  CG  . ASP A 1 61  ? 8.257   -3.904  -8.008  1.00 43.44  ?  218 ASP A CG  1 
ATOM   376  O  OD1 . ASP A 1 61  ? 7.718   -3.395  -6.991  1.00 46.12  ?  218 ASP A OD1 1 
ATOM   377  O  OD2 . ASP A 1 61  ? 9.114   -4.811  -7.924  1.00 47.03  ?  218 ASP A OD2 1 
ATOM   378  N  N   . GLY A 1 62  ? 5.724   -2.149  -11.558 1.00 32.62  ?  219 GLY A N   1 
ATOM   379  C  CA  . GLY A 1 62  ? 5.350   -1.640  -12.893 1.00 32.44  ?  219 GLY A CA  1 
ATOM   380  C  C   . GLY A 1 62  ? 4.855   -0.212  -12.829 1.00 31.66  ?  219 GLY A C   1 
ATOM   381  O  O   . GLY A 1 62  ? 5.324   0.643   -13.609 1.00 31.26  ?  219 GLY A O   1 
ATOM   382  N  N   . VAL A 1 63  ? 3.950   0.064   -11.897 1.00 31.26  ?  220 VAL A N   1 
ATOM   383  C  CA  . VAL A 1 63  ? 3.354   1.405   -11.735 1.00 29.17  ?  220 VAL A CA  1 
ATOM   384  C  C   . VAL A 1 63  ? 4.461   2.398   -11.358 1.00 30.21  ?  220 VAL A C   1 
ATOM   385  O  O   . VAL A 1 63  ? 4.498   3.481   -11.917 1.00 30.66  ?  220 VAL A O   1 
ATOM   386  C  CB  . VAL A 1 63  ? 2.202   1.409   -10.695 1.00 31.62  ?  220 VAL A CB  1 
ATOM   387  C  CG1 . VAL A 1 63  ? 1.739   2.815   -10.457 1.00 33.20  ?  220 VAL A CG1 1 
ATOM   388  C  CG2 . VAL A 1 63  ? 1.053   0.525   -11.199 1.00 35.70  ?  220 VAL A CG2 1 
ATOM   389  N  N   . GLN A 1 64  ? 5.357   2.040   -10.451 1.00 28.24  ?  221 GLN A N   1 
ATOM   390  C  CA  . GLN A 1 64  ? 6.387   3.000   -10.003 1.00 31.21  ?  221 GLN A CA  1 
ATOM   391  C  C   . GLN A 1 64  ? 7.355   3.293   -11.148 1.00 29.17  ?  221 GLN A C   1 
ATOM   392  O  O   . GLN A 1 64  ? 7.796   4.431   -11.220 1.00 33.91  ?  221 GLN A O   1 
ATOM   393  C  CB  . GLN A 1 64  ? 7.145   2.426   -8.810  1.00 32.97  ?  221 GLN A CB  1 
ATOM   394  C  CG  . GLN A 1 64  ? 6.294   2.292   -7.556  1.00 37.29  ?  221 GLN A CG  1 
ATOM   395  C  CD  . GLN A 1 64  ? 7.132   1.675   -6.464  1.00 36.77  ?  221 GLN A CD  1 
ATOM   396  O  OE1 . GLN A 1 64  ? 8.049   2.318   -5.981  1.00 39.15  ?  221 GLN A OE1 1 
ATOM   397  N  NE2 . GLN A 1 64  ? 6.899   0.398   -6.172  1.00 33.04  ?  221 GLN A NE2 1 
ATOM   398  N  N   . ARG A 1 65  ? 7.746   2.281   -11.920 1.00 31.48  ?  222 ARG A N   1 
ATOM   399  C  CA  . ARG A 1 65  ? 8.676   2.421   -13.070 1.00 35.38  ?  222 ARG A CA  1 
ATOM   400  C  C   . ARG A 1 65  ? 7.993   3.261   -14.147 1.00 36.26  ?  222 ARG A C   1 
ATOM   401  O  O   . ARG A 1 65  ? 8.597   4.187   -14.657 1.00 30.89  ?  222 ARG A O   1 
ATOM   402  C  CB  . ARG A 1 65  ? 9.006   1.015   -13.562 1.00 39.16  ?  222 ARG A CB  1 
ATOM   403  C  CG  . ARG A 1 65  ? 9.945   0.932   -14.755 1.00 51.95  ?  222 ARG A CG  1 
ATOM   404  C  CD  . ARG A 1 65  ? 9.756   -0.458  -15.362 1.00 57.55  ?  222 ARG A CD  1 
ATOM   405  N  NE  . ARG A 1 65  ? 9.788   -1.464  -14.298 1.00 65.35  ?  222 ARG A NE  1 
ATOM   406  C  CZ  . ARG A 1 65  ? 8.986   -2.529  -14.193 1.00 58.09  ?  222 ARG A CZ  1 
ATOM   407  N  NH1 . ARG A 1 65  ? 9.142   -3.349  -13.171 1.00 57.73  ?  222 ARG A NH1 1 
ATOM   408  N  NH2 . ARG A 1 65  ? 8.048   -2.785  -15.092 1.00 55.55  ?  222 ARG A NH2 1 
ATOM   409  N  N   . ASN A 1 66  ? 6.731   2.982   -14.447 1.00 33.59  ?  223 ASN A N   1 
ATOM   410  C  CA  . ASN A 1 66  ? 6.065   3.555   -15.652 1.00 35.42  ?  223 ASN A CA  1 
ATOM   411  C  C   . ASN A 1 66  ? 5.696   5.006   -15.386 1.00 31.83  ?  223 ASN A C   1 
ATOM   412  O  O   . ASN A 1 66  ? 5.670   5.836   -16.346 1.00 35.54  ?  223 ASN A O   1 
ATOM   413  C  CB  . ASN A 1 66  ? 4.818   2.768   -16.054 1.00 33.76  ?  223 ASN A CB  1 
ATOM   414  C  CG  . ASN A 1 66  ? 5.057   1.444   -16.749 1.00 41.61  ?  223 ASN A CG  1 
ATOM   415  O  OD1 . ASN A 1 66  ? 6.155   1.111   -17.194 1.00 39.78  ?  223 ASN A OD1 1 
ATOM   416  N  ND2 . ASN A 1 66  ? 3.991   0.665   -16.843 1.00 45.42  ?  223 ASN A ND2 1 
ATOM   417  N  N   . HIS A 1 67  ? 5.380   5.317   -14.137 1.00 29.49  ?  224 HIS A N   1 
ATOM   418  C  CA  . HIS A 1 67  ? 4.897   6.650   -13.733 1.00 29.56  ?  224 HIS A CA  1 
ATOM   419  C  C   . HIS A 1 67  ? 5.884   7.305   -12.790 1.00 27.51  ?  224 HIS A C   1 
ATOM   420  O  O   . HIS A 1 67  ? 5.475   8.108   -11.982 1.00 31.07  ?  224 HIS A O   1 
ATOM   421  C  CB  . HIS A 1 67  ? 3.460   6.580   -13.214 1.00 32.84  ?  224 HIS A CB  1 
ATOM   422  C  CG  . HIS A 1 67  ? 2.579   5.965   -14.233 1.00 33.22  ?  224 HIS A CG  1 
ATOM   423  N  ND1 . HIS A 1 67  ? 2.134   6.663   -15.344 1.00 33.96  ?  224 HIS A ND1 1 
ATOM   424  C  CD2 . HIS A 1 67  ? 2.121   4.696   -14.351 1.00 34.41  ?  224 HIS A CD2 1 
ATOM   425  C  CE1 . HIS A 1 67  ? 1.406   5.848   -16.086 1.00 34.15  ?  224 HIS A CE1 1 
ATOM   426  N  NE2 . HIS A 1 67  ? 1.396   4.622   -15.511 1.00 34.07  ?  224 HIS A NE2 1 
ATOM   427  N  N   . GLU A 1 68  ? 7.181   7.046   -12.972 1.00 34.32  ?  225 GLU A N   1 
ATOM   428  C  CA  . GLU A 1 68  ? 8.202   7.572   -12.018 1.00 34.16  ?  225 GLU A CA  1 
ATOM   429  C  C   . GLU A 1 68  ? 8.154   9.097   -11.934 1.00 31.88  ?  225 GLU A C   1 
ATOM   430  O  O   . GLU A 1 68  ? 8.218   9.631   -10.811 1.00 36.28  ?  225 GLU A O   1 
ATOM   431  C  CB  . GLU A 1 68  ? 9.602   7.080   -12.392 1.00 38.69  ?  225 GLU A CB  1 
ATOM   432  C  CG  . GLU A 1 68  ? 10.665  7.580   -11.428 1.00 42.28  ?  225 GLU A CG  1 
ATOM   433  C  CD  . GLU A 1 68  ? 11.979  6.874   -11.700 0.75 47.25  ?  225 GLU A CD  1 
ATOM   434  O  OE1 . GLU A 1 68  ? 12.361  6.803   -12.888 0.75 46.00  ?  225 GLU A OE1 1 
ATOM   435  O  OE2 . GLU A 1 68  ? 12.566  6.344   -10.738 0.75 57.88  ?  225 GLU A OE2 1 
ATOM   436  N  N   . THR A 1 69  ? 8.078   9.806   -13.067 1.00 34.23  ?  226 THR A N   1 
ATOM   437  C  CA  . THR A 1 69  ? 8.127   11.293  -13.075 1.00 40.17  ?  226 THR A CA  1 
ATOM   438  C  C   . THR A 1 69  ? 6.918   11.861  -12.329 1.00 33.59  ?  226 THR A C   1 
ATOM   439  O  O   . THR A 1 69  ? 7.095   12.814  -11.536 1.00 35.68  ?  226 THR A O   1 
ATOM   440  C  CB  . THR A 1 69  ? 8.186   11.869  -14.491 1.00 41.45  ?  226 THR A CB  1 
ATOM   441  O  OG1 . THR A 1 69  ? 9.223   11.175  -15.169 1.00 49.27  ?  226 THR A OG1 1 
ATOM   442  C  CG2 . THR A 1 69  ? 8.504   13.343  -14.474 1.00 51.11  ?  226 THR A CG2 1 
ATOM   443  N  N   . ALA A 1 70  ? 5.734   11.274  -12.538 1.00 33.88  ?  227 ALA A N   1 
ATOM   444  C  CA  . ALA A 1 70  ? 4.496   11.681  -11.826 1.00 36.10  ?  227 ALA A CA  1 
ATOM   445  C  C   . ALA A 1 70  ? 4.650   11.483  -10.312 1.00 35.39  ?  227 ALA A C   1 
ATOM   446  O  O   . ALA A 1 70  ? 4.256   12.374  -9.539  1.00 35.24  ?  227 ALA A O   1 
ATOM   447  C  CB  . ALA A 1 70  ? 3.329   10.899  -12.380 1.00 36.59  ?  227 ALA A CB  1 
ATOM   448  N  N   . PHE A 1 71  ? 5.168   10.329  -9.906  1.00 32.73  ?  228 PHE A N   1 
ATOM   449  C  CA  . PHE A 1 71  ? 5.314   9.956   -8.474  1.00 32.27  ?  228 PHE A CA  1 
ATOM   450  C  C   . PHE A 1 71  ? 6.348   10.921  -7.873  1.00 34.26  ?  228 PHE A C   1 
ATOM   451  O  O   . PHE A 1 71  ? 6.136   11.443  -6.787  1.00 36.10  ?  228 PHE A O   1 
ATOM   452  C  CB  . PHE A 1 71  ? 5.727   8.482   -8.370  1.00 33.77  ?  228 PHE A CB  1 
ATOM   453  C  CG  . PHE A 1 71  ? 4.605   7.452   -8.350  1.00 34.40  ?  228 PHE A CG  1 
ATOM   454  C  CD1 . PHE A 1 71  ? 3.374   7.727   -8.917  1.00 37.29  ?  228 PHE A CD1 1 
ATOM   455  C  CD2 . PHE A 1 71  ? 4.795   6.203   -7.779  1.00 34.25  ?  228 PHE A CD2 1 
ATOM   456  C  CE1 . PHE A 1 71  ? 2.346   6.804   -8.852  1.00 31.58  ?  228 PHE A CE1 1 
ATOM   457  C  CE2 . PHE A 1 71  ? 3.769   5.267   -7.716  1.00 35.28  ?  228 PHE A CE2 1 
ATOM   458  C  CZ  . PHE A 1 71  ? 2.536   5.578   -8.255  1.00 29.84  ?  228 PHE A CZ  1 
ATOM   459  N  N   . GLN A 1 72  ? 7.446   11.153  -8.606  1.00 38.70  ?  229 GLN A N   1 
ATOM   460  C  CA  . GLN A 1 72  ? 8.533   12.046  -8.090  1.00 40.95  ?  229 GLN A CA  1 
ATOM   461  C  C   . GLN A 1 72  ? 7.950   13.444  -7.915  1.00 41.49  ?  229 GLN A C   1 
ATOM   462  O  O   . GLN A 1 72  ? 8.186   14.043  -6.855  1.00 43.85  ?  229 GLN A O   1 
ATOM   463  C  CB  . GLN A 1 72  ? 9.759   12.001  -9.001  1.00 47.07  ?  229 GLN A CB  1 
ATOM   464  C  CG  . GLN A 1 72  ? 10.976  12.698  -8.405  1.00 54.63  ?  229 GLN A CG  1 
ATOM   465  C  CD  . GLN A 1 72  ? 11.349  12.218  -7.015  1.00 61.85  ?  229 GLN A CD  1 
ATOM   466  O  OE1 . GLN A 1 72  ? 11.736  11.065  -6.824  1.00 63.60  ?  229 GLN A OE1 1 
ATOM   467  N  NE2 . GLN A 1 72  ? 11.241  13.109  -6.032  1.00 59.15  ?  229 GLN A NE2 1 
ATOM   468  N  N   . GLY A 1 73  ? 7.150   13.904  -8.875  1.00 41.59  ?  230 GLY A N   1 
ATOM   469  C  CA  . GLY A 1 73  ? 6.440   15.193  -8.840  1.00 42.90  ?  230 GLY A CA  1 
ATOM   470  C  C   . GLY A 1 73  ? 5.545   15.324  -7.632  1.00 44.55  ?  230 GLY A C   1 
ATOM   471  O  O   . GLY A 1 73  ? 5.651   16.325  -6.921  1.00 45.49  ?  230 GLY A O   1 
ATOM   472  N  N   . MET A 1 74  ? 4.724   14.315  -7.348  1.00 40.95  ?  231 MET A N   1 
ATOM   473  C  CA  . MET A 1 74  ? 3.838   14.334  -6.160  1.00 38.01  ?  231 MET A CA  1 
ATOM   474  C  C   . MET A 1 74  ? 4.701   14.307  -4.885  1.00 39.24  ?  231 MET A C   1 
ATOM   475  O  O   . MET A 1 74  ? 4.404   15.086  -3.978  1.00 40.21  ?  231 MET A O   1 
ATOM   476  C  CB  . MET A 1 74  ? 2.859   13.148  -6.188  1.00 38.61  ?  231 MET A CB  1 
ATOM   477  C  CG  . MET A 1 74  ? 1.887   13.102  -5.012  1.00 44.27  ?  231 MET A CG  1 
ATOM   478  S  SD  . MET A 1 74  ? 0.812   14.548  -4.836  1.00 51.33  ?  231 MET A SD  1 
ATOM   479  C  CE  . MET A 1 74  ? -0.193  14.429  -6.310  1.00 50.58  ?  231 MET A CE  1 
ATOM   480  N  N   . LEU A 1 75  ? 5.713   13.436  -4.811  1.00 41.43  ?  232 LEU A N   1 
ATOM   481  C  CA  . LEU A 1 75  ? 6.597   13.333  -3.606  1.00 41.74  ?  232 LEU A CA  1 
ATOM   482  C  C   . LEU A 1 75  ? 7.229   14.699  -3.288  1.00 46.37  ?  232 LEU A C   1 
ATOM   483  O  O   . LEU A 1 75  ? 7.165   15.136  -2.117  1.00 44.63  ?  232 LEU A O   1 
ATOM   484  C  CB  . LEU A 1 75  ? 7.680   12.294  -3.859  1.00 40.96  ?  232 LEU A CB  1 
ATOM   485  C  CG  . LEU A 1 75  ? 8.650   12.058  -2.707  1.00 42.66  ?  232 LEU A CG  1 
ATOM   486  C  CD1 . LEU A 1 75  ? 7.916   11.609  -1.460  1.00 40.44  ?  232 LEU A CD1 1 
ATOM   487  C  CD2 . LEU A 1 75  ? 9.693   11.043  -3.116  1.00 44.71  ?  232 LEU A CD2 1 
ATOM   488  N  N   . ARG A 1 76  ? 7.833   15.334  -4.289  1.00 50.12  ?  233 ARG A N   1 
ATOM   489  C  CA  . ARG A 1 76  ? 8.469   16.680  -4.173  1.00 54.08  ?  233 ARG A CA  1 
ATOM   490  C  C   . ARG A 1 76  ? 7.446   17.666  -3.581  1.00 56.82  ?  233 ARG A C   1 
ATOM   491  O  O   . ARG A 1 76  ? 7.765   18.305  -2.555  1.00 53.45  ?  233 ARG A O   1 
ATOM   492  C  CB  . ARG A 1 76  ? 9.018   17.115  -5.531  1.00 54.22  ?  233 ARG A CB  1 
ATOM   493  C  CG  . ARG A 1 76  ? 9.545   18.543  -5.553  1.00 68.06  ?  233 ARG A CG  1 
ATOM   494  C  CD  . ARG A 1 76  ? 10.201  18.884  -6.882  1.00 75.74  ?  233 ARG A CD  1 
ATOM   495  N  NE  . ARG A 1 76  ? 10.563  20.298  -6.993  1.00 82.60  ?  233 ARG A NE  1 
ATOM   496  C  CZ  . ARG A 1 76  ? 9.817   21.259  -7.549  1.00 90.99  ?  233 ARG A CZ  1 
ATOM   497  N  NH1 . ARG A 1 76  ? 8.628   20.986  -8.066  1.00 91.30  ?  233 ARG A NH1 1 
ATOM   498  N  NH2 . ARG A 1 76  ? 10.271  22.501  -7.595  1.00 92.69  ?  233 ARG A NH2 1 
ATOM   499  N  N   . LYS A 1 77  ? 6.229   17.726  -4.135  1.00 55.09  ?  234 LYS A N   1 
ATOM   500  C  CA  . LYS A 1 77  ? 5.124   18.613  -3.649  1.00 58.16  ?  234 LYS A CA  1 
ATOM   501  C  C   . LYS A 1 77  ? 4.787   18.377  -2.169  1.00 56.08  ?  234 LYS A C   1 
ATOM   502  O  O   . LYS A 1 77  ? 4.467   19.360  -1.468  1.00 54.46  ?  234 LYS A O   1 
ATOM   503  C  CB  . LYS A 1 77  ? 3.846   18.431  -4.479  1.00 62.30  ?  234 LYS A CB  1 
ATOM   504  C  CG  . LYS A 1 77  ? 3.861   19.158  -5.818  1.00 72.56  ?  234 LYS A CG  1 
ATOM   505  C  CD  . LYS A 1 77  ? 2.560   19.093  -6.606  1.00 79.67  ?  234 LYS A CD  1 
ATOM   506  C  CE  . LYS A 1 77  ? 2.753   19.342  -8.092  1.00 84.15  ?  234 LYS A CE  1 
ATOM   507  N  NZ  . LYS A 1 77  ? 1.530   19.016  -8.864  1.00 86.26  ?  234 LYS A NZ  1 
ATOM   508  N  N   . LEU A 1 78  ? 4.793   17.129  -1.709  1.00 51.04  ?  235 LEU A N   1 
ATOM   509  C  CA  . LEU A 1 78  ? 4.358   16.776  -0.334  1.00 51.94  ?  235 LEU A CA  1 
ATOM   510  C  C   . LEU A 1 78  ? 5.469   17.083  0.668   1.00 51.16  ?  235 LEU A C   1 
ATOM   511  O  O   . LEU A 1 78  ? 5.162   17.119  1.849   1.00 54.08  ?  235 LEU A O   1 
ATOM   512  C  CB  . LEU A 1 78  ? 3.998   15.291  -0.266  1.00 54.70  ?  235 LEU A CB  1 
ATOM   513  C  CG  . LEU A 1 78  ? 2.778   14.861  -1.078  1.00 50.18  ?  235 LEU A CG  1 
ATOM   514  C  CD1 . LEU A 1 78  ? 2.754   13.340  -1.181  1.00 53.05  ?  235 LEU A CD1 1 
ATOM   515  C  CD2 . LEU A 1 78  ? 1.497   15.395  -0.463  1.00 50.80  ?  235 LEU A CD2 1 
ATOM   516  N  N   . ASP A 1 79  ? 6.701   17.252  0.208   1.00 52.66  ?  236 ASP A N   1 
ATOM   517  C  CA  . ASP A 1 79  ? 7.860   17.628  1.060   1.00 64.50  ?  236 ASP A CA  1 
ATOM   518  C  C   . ASP A 1 79  ? 7.819   16.815  2.363   1.00 64.84  ?  236 ASP A C   1 
ATOM   519  O  O   . ASP A 1 79  ? 7.651   17.409  3.438   1.00 69.73  ?  236 ASP A O   1 
ATOM   520  C  CB  . ASP A 1 79  ? 7.867   19.136  1.319   1.00 65.27  ?  236 ASP A CB  1 
ATOM   521  C  CG  . ASP A 1 79  ? 9.179   19.633  1.903   1.00 69.33  ?  236 ASP A CG  1 
ATOM   522  O  OD1 . ASP A 1 79  ? 10.244  19.229  1.385   1.00 65.46  ?  236 ASP A OD1 1 
ATOM   523  O  OD2 . ASP A 1 79  ? 9.127   20.401  2.878   1.00 78.27  ?  236 ASP A OD2 1 
ATOM   524  N  N   . ILE A 1 80  ? 7.989   15.496  2.267   1.00 63.49  ?  237 ILE A N   1 
ATOM   525  C  CA  . ILE A 1 80  ? 7.939   14.564  3.431   1.00 63.03  ?  237 ILE A CA  1 
ATOM   526  C  C   . ILE A 1 80  ? 9.286   14.610  4.150   1.00 65.54  ?  237 ILE A C   1 
ATOM   527  O  O   . ILE A 1 80  ? 10.306  14.314  3.523   1.00 59.76  ?  237 ILE A O   1 
ATOM   528  C  CB  . ILE A 1 80  ? 7.548   13.154  2.971   1.00 62.06  ?  237 ILE A CB  1 
ATOM   529  C  CG1 . ILE A 1 80  ? 6.165   13.196  2.307   1.00 63.48  ?  237 ILE A CG1 1 
ATOM   530  C  CG2 . ILE A 1 80  ? 7.624   12.171  4.127   1.00 57.62  ?  237 ILE A CG2 1 
ATOM   531  C  CD1 . ILE A 1 80  ? 5.645   11.858  1.810   1.00 68.31  ?  237 ILE A CD1 1 
ATOM   532  N  N   . LYS A 1 81  ? 9.283   15.004  5.422   1.00 69.15  ?  238 LYS A N   1 
ATOM   533  C  CA  . LYS A 1 81  ? 10.529  15.166  6.216   1.00 72.72  ?  238 LYS A CA  1 
ATOM   534  C  C   . LYS A 1 81  ? 10.459  14.353  7.510   1.00 71.43  ?  238 LYS A C   1 
ATOM   535  O  O   . LYS A 1 81  ? 11.543  14.094  8.052   1.00 86.37  ?  238 LYS A O   1 
ATOM   536  C  CB  . LYS A 1 81  ? 10.806  16.650  6.472   1.00 71.13  ?  238 LYS A CB  1 
ATOM   537  C  CG  . LYS A 1 81  ? 11.828  17.259  5.523   1.00 75.20  ?  238 LYS A CG  1 
ATOM   538  C  CD  . LYS A 1 81  ? 11.495  18.651  5.049   1.00 79.43  ?  238 LYS A CD  1 
ATOM   539  C  CE  . LYS A 1 81  ? 12.151  19.751  5.855   1.00 80.52  ?  238 LYS A CE  1 
ATOM   540  N  NZ  . LYS A 1 81  ? 12.167  21.024  5.100   1.00 79.57  ?  238 LYS A NZ  1 
ATOM   541  N  N   . ASN A 1 82  ? 9.271   13.943  7.972   1.00 69.04  ?  239 ASN A N   1 
ATOM   542  C  CA  . ASN A 1 82  ? 9.116   13.291  9.299   1.00 72.87  ?  239 ASN A CA  1 
ATOM   543  C  C   . ASN A 1 82  ? 7.703   12.718  9.488   1.00 77.81  ?  239 ASN A C   1 
ATOM   544  O  O   . ASN A 1 82  ? 6.866   12.839  8.573   1.00 64.56  ?  239 ASN A O   1 
ATOM   545  C  CB  . ASN A 1 82  ? 9.385   14.310  10.404  1.00 78.13  ?  239 ASN A CB  1 
ATOM   546  C  CG  . ASN A 1 82  ? 8.443   15.485  10.269  1.00 82.56  ?  239 ASN A CG  1 
ATOM   547  O  OD1 . ASN A 1 82  ? 7.234   15.291  10.164  1.00 90.54  ?  239 ASN A OD1 1 
ATOM   548  N  ND2 . ASN A 1 82  ? 8.989   16.689  10.190  1.00 77.79  ?  239 ASN A ND2 1 
ATOM   549  N  N   . GLU A 1 83  ? 7.452   12.173  10.686  1.00 75.77  ?  240 GLU A N   1 
ATOM   550  C  CA  . GLU A 1 83  ? 6.160   11.577  11.124  1.00 83.38  ?  240 GLU A CA  1 
ATOM   551  C  C   . GLU A 1 83  ? 5.011   12.572  10.903  1.00 76.27  ?  240 GLU A C   1 
ATOM   552  O  O   . GLU A 1 83  ? 3.906   12.108  10.552  1.00 85.71  ?  240 GLU A O   1 
ATOM   553  C  CB  . GLU A 1 83  ? 6.274   11.108  12.584  1.00 87.12  ?  240 GLU A CB  1 
ATOM   554  C  CG  . GLU A 1 83  ? 4.982   10.556  13.193  1.00 93.82  ?  240 GLU A CG  1 
ATOM   555  C  CD  . GLU A 1 83  ? 4.857   9.043   13.404  1.00 99.02  ?  240 GLU A CD  1 
ATOM   556  O  OE1 . GLU A 1 83  ? 5.879   8.316   13.344  1.00 100.16 ?  240 GLU A OE1 1 
ATOM   557  O  OE2 . GLU A 1 83  ? 3.717   8.581   13.644  1.00 92.96  ?  240 GLU A OE2 1 
ATOM   558  N  N   . ASP A 1 84  ? 5.230   13.874  11.106  1.00 73.03  ?  241 ASP A N   1 
ATOM   559  C  CA  . ASP A 1 84  ? 4.151   14.896  10.955  1.00 77.08  ?  241 ASP A CA  1 
ATOM   560  C  C   . ASP A 1 84  ? 3.726   14.936  9.480   1.00 66.64  ?  241 ASP A C   1 
ATOM   561  O  O   . ASP A 1 84  ? 2.521   14.924  9.206   1.00 63.42  ?  241 ASP A O   1 
ATOM   562  C  CB  . ASP A 1 84  ? 4.561   16.276  11.499  1.00 74.14  ?  241 ASP A CB  1 
ATOM   563  C  CG  . ASP A 1 84  ? 5.306   16.230  12.827  1.00 81.58  ?  241 ASP A CG  1 
ATOM   564  O  OD1 . ASP A 1 84  ? 5.021   15.309  13.638  1.00 68.10  ?  241 ASP A OD1 1 
ATOM   565  O  OD2 . ASP A 1 84  ? 6.198   17.094  13.028  1.00 83.70  ?  241 ASP A OD2 1 
ATOM   566  N  N   . ASP A 1 85  ? 4.687   14.927  8.562   1.00 68.84  ?  242 ASP A N   1 
ATOM   567  C  CA  . ASP A 1 85  ? 4.425   15.009  7.098   1.00 68.46  ?  242 ASP A CA  1 
ATOM   568  C  C   . ASP A 1 85  ? 3.740   13.733  6.596   1.00 67.96  ?  242 ASP A C   1 
ATOM   569  O  O   . ASP A 1 85  ? 2.979   13.798  5.601   1.00 68.89  ?  242 ASP A O   1 
ATOM   570  C  CB  . ASP A 1 85  ? 5.729   15.280  6.350   1.00 66.13  ?  242 ASP A CB  1 
ATOM   571  C  CG  . ASP A 1 85  ? 6.351   16.592  6.779   1.00 65.99  ?  242 ASP A CG  1 
ATOM   572  O  OD1 . ASP A 1 85  ? 5.578   17.534  7.065   1.00 72.92  ?  242 ASP A OD1 1 
ATOM   573  O  OD2 . ASP A 1 85  ? 7.583   16.659  6.843   1.00 73.93  ?  242 ASP A OD2 1 
ATOM   574  N  N   . VAL A 1 86  ? 4.013   12.597  7.232   1.00 64.64  ?  243 VAL A N   1 
ATOM   575  C  CA  . VAL A 1 86  ? 3.417   11.297  6.822   1.00 65.13  ?  243 VAL A CA  1 
ATOM   576  C  C   . VAL A 1 86  ? 1.957   11.325  7.277   1.00 71.99  ?  243 VAL A C   1 
ATOM   577  O  O   . VAL A 1 86  ? 1.109   10.827  6.541   1.00 74.40  ?  243 VAL A O   1 
ATOM   578  C  CB  . VAL A 1 86  ? 4.227   10.120  7.391   1.00 66.42  ?  243 VAL A CB  1 
ATOM   579  C  CG1 . VAL A 1 86  ? 3.579   8.776   7.111   1.00 68.01  ?  243 VAL A CG1 1 
ATOM   580  C  CG2 . VAL A 1 86  ? 5.666   10.154  6.881   1.00 65.92  ?  243 VAL A CG2 1 
ATOM   581  N  N   . LYS A 1 87  ? 1.675   11.963  8.418   1.00 70.70  ?  244 LYS A N   1 
ATOM   582  C  CA  . LYS A 1 87  ? 0.297   12.090  8.956   1.00 67.09  ?  244 LYS A CA  1 
ATOM   583  C  C   . LYS A 1 87  ? -0.557  12.914  7.983   1.00 69.71  ?  244 LYS A C   1 
ATOM   584  O  O   . LYS A 1 87  ? -1.715  12.547  7.780   1.00 79.59  ?  244 LYS A O   1 
ATOM   585  C  CB  . LYS A 1 87  ? 0.308   12.677  10.372  1.00 71.40  ?  244 LYS A CB  1 
ATOM   586  N  N   . SER A 1 88  ? -0.032  13.981  7.379   1.00 64.42  ?  245 SER A N   1 
ATOM   587  C  CA  . SER A 1 88  ? -0.827  14.819  6.446   1.00 64.15  ?  245 SER A CA  1 
ATOM   588  C  C   . SER A 1 88  ? -0.936  14.138  5.067   1.00 60.83  ?  245 SER A C   1 
ATOM   589  O  O   . SER A 1 88  ? -1.937  14.411  4.376   1.00 60.55  ?  245 SER A O   1 
ATOM   590  C  CB  . SER A 1 88  ? -0.306  16.232  6.358   1.00 66.47  ?  245 SER A CB  1 
ATOM   591  O  OG  . SER A 1 88  ? 1.071   16.252  6.042   1.00 76.93  ?  245 SER A OG  1 
ATOM   592  N  N   . LEU A 1 89  ? 0.025   13.289  4.680   1.00 61.18  ?  246 LEU A N   1 
ATOM   593  C  CA  . LEU A 1 89  ? -0.113  12.392  3.495   1.00 54.42  ?  246 LEU A CA  1 
ATOM   594  C  C   . LEU A 1 89  ? -1.421  11.609  3.625   1.00 59.43  ?  246 LEU A C   1 
ATOM   595  O  O   . LEU A 1 89  ? -2.221  11.656  2.679   1.00 56.94  ?  246 LEU A O   1 
ATOM   596  C  CB  . LEU A 1 89  ? 1.091   11.465  3.375   1.00 57.00  ?  246 LEU A CB  1 
ATOM   597  C  CG  . LEU A 1 89  ? 1.042   10.468  2.216   1.00 62.79  ?  246 LEU A CG  1 
ATOM   598  C  CD1 . LEU A 1 89  ? 0.609   11.130  0.905   1.00 56.37  ?  246 LEU A CD1 1 
ATOM   599  C  CD2 . LEU A 1 89  ? 2.384   9.765   2.063   1.00 61.14  ?  246 LEU A CD2 1 
ATOM   600  N  N   . SER A 1 90  ? -1.688  11.012  4.788   1.00 53.67  ?  247 SER A N   1 
ATOM   601  C  CA  . SER A 1 90  ? -2.926  10.235  5.041   1.00 59.70  ?  247 SER A CA  1 
ATOM   602  C  C   . SER A 1 90  ? -4.152  11.040  4.606   1.00 62.65  ?  247 SER A C   1 
ATOM   603  O  O   . SER A 1 90  ? -5.055  10.464  3.973   1.00 63.16  ?  247 SER A O   1 
ATOM   604  C  CB  . SER A 1 90  ? -3.057  9.825   6.486   1.00 66.18  ?  247 SER A CB  1 
ATOM   605  O  OG  . SER A 1 90  ? -3.785  10.788  7.227   1.00 74.79  ?  247 SER A OG  1 
ATOM   606  N  N   . ARG A 1 91  ? -4.199  12.318  4.973   1.00 64.29  ?  248 ARG A N   1 
ATOM   607  C  CA  . ARG A 1 91  ? -5.373  13.190  4.730   1.00 56.80  ?  248 ARG A CA  1 
ATOM   608  C  C   . ARG A 1 91  ? -5.499  13.425  3.215   1.00 54.11  ?  248 ARG A C   1 
ATOM   609  O  O   . ARG A 1 91  ? -6.636  13.482  2.717   1.00 49.92  ?  248 ARG A O   1 
ATOM   610  C  CB  . ARG A 1 91  ? -5.224  14.483  5.544   1.00 60.57  ?  248 ARG A CB  1 
ATOM   611  N  N   . VAL A 1 92  ? -4.383  13.549  2.493   1.00 50.35  ?  249 VAL A N   1 
ATOM   612  C  CA  . VAL A 1 92  ? -4.398  13.805  1.017   1.00 48.87  ?  249 VAL A CA  1 
ATOM   613  C  C   . VAL A 1 92  ? -4.935  12.532  0.334   1.00 44.07  ?  249 VAL A C   1 
ATOM   614  O  O   . VAL A 1 92  ? -5.714  12.622  -0.654  1.00 45.69  ?  249 VAL A O   1 
ATOM   615  C  CB  . VAL A 1 92  ? -2.999  14.213  0.494   1.00 51.34  ?  249 VAL A CB  1 
ATOM   616  C  CG1 . VAL A 1 92  ? -3.011  14.503  -0.998  1.00 55.25  ?  249 VAL A CG1 1 
ATOM   617  C  CG2 . VAL A 1 92  ? -2.399  15.405  1.226   1.00 57.41  ?  249 VAL A CG2 1 
ATOM   618  N  N   . MET A 1 93  ? -4.580  11.372  0.878   1.00 44.77  ?  250 MET A N   1 
ATOM   619  C  CA  . MET A 1 93  ? -4.959  10.037  0.343   1.00 44.25  ?  250 MET A CA  1 
ATOM   620  C  C   . MET A 1 93  ? -6.465  9.846   0.462   1.00 53.16  ?  250 MET A C   1 
ATOM   621  O  O   . MET A 1 93  ? -7.058  9.332   -0.488  1.00 49.13  ?  250 MET A O   1 
ATOM   622  C  CB  . MET A 1 93  ? -4.242  8.939   1.106   1.00 42.33  ?  250 MET A CB  1 
ATOM   623  C  CG  . MET A 1 93  ? -2.826  8.819   0.619   1.00 45.97  ?  250 MET A CG  1 
ATOM   624  S  SD  . MET A 1 93  ? -1.962  7.553   1.491   0.75 42.84  ?  250 MET A SD  1 
ATOM   625  C  CE  . MET A 1 93  ? -0.452  7.481   0.523   1.00 51.31  ?  250 MET A CE  1 
ATOM   626  N  N   . ILE A 1 94  ? -7.075  10.294  1.556   1.00 46.35  ?  251 ILE A N   1 
ATOM   627  C  CA  . ILE A 1 94  ? -8.549  10.158  1.731   1.00 50.12  ?  251 ILE A CA  1 
ATOM   628  C  C   . ILE A 1 94  ? -9.230  11.039  0.690   1.00 47.10  ?  251 ILE A C   1 
ATOM   629  O  O   . ILE A 1 94  ? -10.117 10.548  0.006   1.00 57.26  ?  251 ILE A O   1 
ATOM   630  C  CB  . ILE A 1 94  ? -8.998  10.500  3.167   1.00 50.86  ?  251 ILE A CB  1 
ATOM   631  C  CG1 . ILE A 1 94  ? -8.562  9.387   4.120   1.00 53.30  ?  251 ILE A CG1 1 
ATOM   632  C  CG2 . ILE A 1 94  ? -10.501 10.748  3.199   1.00 51.82  ?  251 ILE A CG2 1 
ATOM   633  C  CD1 . ILE A 1 94  ? -9.293  9.370   5.439   1.00 61.19  ?  251 ILE A CD1 1 
ATOM   634  N  N   . HIS A 1 95  ? -8.780  12.271  0.544   1.00 48.56  ?  252 HIS A N   1 
ATOM   635  C  CA  . HIS A 1 95  ? -9.341  13.221  -0.445  1.00 57.85  ?  252 HIS A CA  1 
ATOM   636  C  C   . HIS A 1 95  ? -9.140  12.646  -1.846  1.00 58.61  ?  252 HIS A C   1 
ATOM   637  O  O   . HIS A 1 95  ? -10.106 12.637  -2.622  1.00 58.54  ?  252 HIS A O   1 
ATOM   638  C  CB  . HIS A 1 95  ? -8.711  14.620  -0.334  1.00 64.65  ?  252 HIS A CB  1 
ATOM   639  C  CG  . HIS A 1 95  ? -9.263  15.590  -1.330  0.75 65.95  ?  252 HIS A CG  1 
ATOM   640  N  ND1 . HIS A 1 95  ? -10.626 15.813  -1.457  0.75 67.41  ?  252 HIS A ND1 1 
ATOM   641  C  CD2 . HIS A 1 95  ? -8.659  16.396  -2.238  0.75 68.38  ?  252 HIS A CD2 1 
ATOM   642  C  CE1 . HIS A 1 95  ? -10.837 16.718  -2.396  0.75 69.35  ?  252 HIS A CE1 1 
ATOM   643  N  NE2 . HIS A 1 95  ? -9.642  17.091  -2.893  0.75 67.03  ?  252 HIS A NE2 1 
ATOM   644  N  N   . VAL A 1 96  ? -7.924  12.212  -2.178  1.00 54.21  ?  253 VAL A N   1 
ATOM   645  C  CA  . VAL A 1 96  ? -7.627  11.817  -3.580  1.00 51.44  ?  253 VAL A CA  1 
ATOM   646  C  C   . VAL A 1 96  ? -8.278  10.465  -3.798  1.00 48.00  ?  253 VAL A C   1 
ATOM   647  O  O   . VAL A 1 96  ? -9.126  10.332  -4.679  1.00 45.75  ?  253 VAL A O   1 
ATOM   648  C  CB  . VAL A 1 96  ? -6.127  11.786  -3.881  1.00 50.09  ?  253 VAL A CB  1 
ATOM   649  C  CG1 . VAL A 1 96  ? -5.868  11.128  -5.221  1.00 52.37  ?  253 VAL A CG1 1 
ATOM   650  C  CG2 . VAL A 1 96  ? -5.544  13.196  -3.845  1.00 53.89  ?  253 VAL A CG2 1 
ATOM   651  N  N   . PHE A 1 97  ? -7.922  9.511   -2.953  1.00 52.45  ?  254 PHE A N   1 
ATOM   652  C  CA  . PHE A 1 97  ? -8.333  8.105   -3.139  1.00 50.58  ?  254 PHE A CA  1 
ATOM   653  C  C   . PHE A 1 97  ? -9.826  7.949   -2.865  1.00 53.37  ?  254 PHE A C   1 
ATOM   654  O  O   . PHE A 1 97  ? -10.485 7.292   -3.655  1.00 49.99  ?  254 PHE A O   1 
ATOM   655  C  CB  . PHE A 1 97  ? -7.484  7.177   -2.273  1.00 44.94  ?  254 PHE A CB  1 
ATOM   656  C  CG  . PHE A 1 97  ? -7.917  5.743   -2.384  1.00 40.67  ?  254 PHE A CG  1 
ATOM   657  C  CD1 . PHE A 1 97  ? -7.620  4.998   -3.512  1.00 35.49  ?  254 PHE A CD1 1 
ATOM   658  C  CD2 . PHE A 1 97  ? -8.636  5.158   -1.358  1.00 42.61  ?  254 PHE A CD2 1 
ATOM   659  C  CE1 . PHE A 1 97  ? -8.024  3.677   -3.610  1.00 36.93  ?  254 PHE A CE1 1 
ATOM   660  C  CE2 . PHE A 1 97  ? -9.042  3.848   -1.456  1.00 36.25  ?  254 PHE A CE2 1 
ATOM   661  C  CZ  . PHE A 1 97  ? -8.699  3.099   -2.562  1.00 37.23  ?  254 PHE A CZ  1 
ATOM   662  N  N   . SER A 1 98  ? -10.328 8.449   -1.743  1.00 45.78  ?  255 SER A N   1 
ATOM   663  C  CA  . SER A 1 98  ? -11.697 8.127   -1.292  1.00 55.11  ?  255 SER A CA  1 
ATOM   664  C  C   . SER A 1 98  ? -12.704 8.884   -2.153  1.00 59.57  ?  255 SER A C   1 
ATOM   665  O  O   . SER A 1 98  ? -13.785 8.349   -2.367  1.00 66.91  ?  255 SER A O   1 
ATOM   666  C  CB  . SER A 1 98  ? -11.888 8.395   0.186   1.00 61.92  ?  255 SER A CB  1 
ATOM   667  O  OG  . SER A 1 98  ? -10.974 7.594   0.941   1.00 61.46  ?  255 SER A OG  1 
ATOM   668  N  N   . ASP A 1 99  ? -12.364 10.065  -2.671  1.00 66.50  ?  256 ASP A N   1 
ATOM   669  C  CA  . ASP A 1 99  ? -13.367 10.885  -3.405  1.00 67.53  ?  256 ASP A CA  1 
ATOM   670  C  C   . ASP A 1 99  ? -13.438 10.455  -4.882  1.00 68.42  ?  256 ASP A C   1 
ATOM   671  O  O   . ASP A 1 99  ? -14.448 10.751  -5.527  1.00 78.30  ?  256 ASP A O   1 
ATOM   672  C  CB  . ASP A 1 99  ? -13.141 12.373  -3.136  1.00 76.08  ?  256 ASP A CB  1 
ATOM   673  C  CG  . ASP A 1 99  ? -13.288 12.721  -1.659  1.00 74.99  ?  256 ASP A CG  1 
ATOM   674  O  OD1 . ASP A 1 99  ? -13.661 11.813  -0.867  1.00 68.69  ?  256 ASP A OD1 1 
ATOM   675  O  OD2 . ASP A 1 99  ? -13.028 13.892  -1.307  1.00 86.15  ?  256 ASP A OD2 1 
ATOM   676  N  N   . GLY A 1 100 ? -12.457 9.705   -5.384  1.00 64.13  ?  257 GLY A N   1 
ATOM   677  C  CA  . GLY A 1 100 ? -12.510 9.137   -6.734  1.00 48.49  ?  257 GLY A CA  1 
ATOM   678  C  C   . GLY A 1 100 ? -13.216 7.791   -6.749  1.00 51.31  ?  257 GLY A C   1 
ATOM   679  O  O   . GLY A 1 100 ? -13.457 7.233   -5.674  1.00 65.56  ?  257 GLY A O   1 
ATOM   680  N  N   . VAL A 1 101 ? -13.430 7.248   -7.955  1.00 53.40  ?  258 VAL A N   1 
ATOM   681  C  CA  . VAL A 1 101 ? -14.079 5.926   -8.258  1.00 46.79  ?  258 VAL A CA  1 
ATOM   682  C  C   . VAL A 1 101 ? -13.276 4.767   -7.629  1.00 41.88  ?  258 VAL A C   1 
ATOM   683  O  O   . VAL A 1 101 ? -12.114 4.991   -7.250  1.00 44.63  ?  258 VAL A O   1 
ATOM   684  C  CB  . VAL A 1 101 ? -14.194 5.808   -9.789  1.00 47.23  ?  258 VAL A CB  1 
ATOM   685  C  CG1 . VAL A 1 101 ? -15.005 6.957   -10.394 1.00 46.87  ?  258 VAL A CG1 1 
ATOM   686  C  CG2 . VAL A 1 101 ? -12.831 5.709   -10.445 1.00 49.76  ?  258 VAL A CG2 1 
ATOM   687  N  N   . THR A 1 102 ? -13.818 3.549   -7.535  1.00 35.97  ?  259 THR A N   1 
ATOM   688  C  CA  . THR A 1 102 ? -13.117 2.431   -6.863  1.00 37.94  ?  259 THR A CA  1 
ATOM   689  C  C   . THR A 1 102 ? -12.836 1.302   -7.838  1.00 37.52  ?  259 THR A C   1 
ATOM   690  O  O   . THR A 1 102 ? -13.768 0.811   -8.451  1.00 35.54  ?  259 THR A O   1 
ATOM   691  C  CB  . THR A 1 102 ? -13.922 1.788   -5.723  1.00 42.46  ?  259 THR A CB  1 
ATOM   692  O  OG1 . THR A 1 102 ? -14.416 2.832   -4.901  1.00 39.04  ?  259 THR A OG1 1 
ATOM   693  C  CG2 . THR A 1 102 ? -13.063 0.868   -4.886  1.00 42.17  ?  259 THR A CG2 1 
ATOM   694  N  N   . ASN A 1 103 ? -11.588 0.856   -7.931  1.00 33.25  ?  260 ASN A N   1 
ATOM   695  C  CA  . ASN A 1 103 ? -11.180 -0.274  -8.789  1.00 30.52  ?  260 ASN A CA  1 
ATOM   696  C  C   . ASN A 1 103 ? -9.754  -0.664  -8.396  1.00 29.09  ?  260 ASN A C   1 
ATOM   697  O  O   . ASN A 1 103 ? -9.078  0.155   -7.664  1.00 31.50  ?  260 ASN A O   1 
ATOM   698  C  CB  . ASN A 1 103 ? -11.279 0.121   -10.273 1.00 35.27  ?  260 ASN A CB  1 
ATOM   699  C  CG  . ASN A 1 103 ? -10.481 1.372   -10.557 1.00 36.92  ?  260 ASN A CG  1 
ATOM   700  O  OD1 . ASN A 1 103 ? -9.254  1.300   -10.606 1.00 33.14  ?  260 ASN A OD1 1 
ATOM   701  N  ND2 . ASN A 1 103 ? -11.159 2.505   -10.704 1.00 35.39  ?  260 ASN A ND2 1 
ATOM   702  N  N   . TRP A 1 104 ? -9.313  -1.826  -8.819  1.00 32.63  ?  261 TRP A N   1 
ATOM   703  C  CA  . TRP A 1 104 ? -7.976  -2.331  -8.413  1.00 34.28  ?  261 TRP A CA  1 
ATOM   704  C  C   . TRP A 1 104 ? -6.874  -1.459  -9.017  1.00 35.38  ?  261 TRP A C   1 
ATOM   705  O  O   . TRP A 1 104 ? -5.777  -1.439  -8.420  1.00 32.88  ?  261 TRP A O   1 
ATOM   706  C  CB  . TRP A 1 104 ? -7.768  -3.776  -8.794  1.00 33.85  ?  261 TRP A CB  1 
ATOM   707  C  CG  . TRP A 1 104 ? -8.574  -4.787  -8.033  1.00 35.47  ?  261 TRP A CG  1 
ATOM   708  C  CD1 . TRP A 1 104 ? -9.477  -5.671  -8.566  1.00 36.49  ?  261 TRP A CD1 1 
ATOM   709  C  CD2 . TRP A 1 104 ? -8.555  -5.043  -6.622  1.00 37.75  ?  261 TRP A CD2 1 
ATOM   710  N  NE1 . TRP A 1 104 ? -9.989  -6.471  -7.589  1.00 40.18  ?  261 TRP A NE1 1 
ATOM   711  C  CE2 . TRP A 1 104 ? -9.440  -6.127  -6.388  1.00 40.20  ?  261 TRP A CE2 1 
ATOM   712  C  CE3 . TRP A 1 104 ? -7.834  -4.526  -5.543  1.00 39.44  ?  261 TRP A CE3 1 
ATOM   713  C  CZ2 . TRP A 1 104 ? -9.677  -6.636  -5.111  1.00 44.13  ?  261 TRP A CZ2 1 
ATOM   714  C  CZ3 . TRP A 1 104 ? -8.054  -5.047  -4.282  1.00 38.06  ?  261 TRP A CZ3 1 
ATOM   715  C  CH2 . TRP A 1 104 ? -8.982  -6.062  -4.068  1.00 36.68  ?  261 TRP A CH2 1 
ATOM   716  N  N   . GLY A 1 105 ? -7.108  -0.829  -10.166 1.00 33.08  ?  262 GLY A N   1 
ATOM   717  C  CA  . GLY A 1 105 ? -6.155  0.153   -10.735 1.00 33.69  ?  262 GLY A CA  1 
ATOM   718  C  C   . GLY A 1 105 ? -5.773  1.274   -9.771  1.00 35.39  ?  262 GLY A C   1 
ATOM   719  O  O   . GLY A 1 105 ? -4.530  1.506   -9.508  1.00 34.51  ?  262 GLY A O   1 
ATOM   720  N  N   . ARG A 1 106 ? -6.763  1.927   -9.177  1.00 31.83  ?  263 ARG A N   1 
ATOM   721  C  CA  . ARG A 1 106 ? -6.548  3.013   -8.197  1.00 32.82  ?  263 ARG A CA  1 
ATOM   722  C  C   . ARG A 1 106 ? -5.999  2.444   -6.884  1.00 29.23  ?  263 ARG A C   1 
ATOM   723  O  O   . ARG A 1 106 ? -5.211  3.136   -6.271  1.00 31.66  ?  263 ARG A O   1 
ATOM   724  C  CB  . ARG A 1 106 ? -7.849  3.778   -8.002  1.00 33.86  ?  263 ARG A CB  1 
ATOM   725  C  CG  . ARG A 1 106 ? -8.283  4.493   -9.266  1.00 38.02  ?  263 ARG A CG  1 
ATOM   726  C  CD  . ARG A 1 106 ? -9.299  5.527   -8.901  1.00 33.24  ?  263 ARG A CD  1 
ATOM   727  N  NE  . ARG A 1 106 ? -8.647  6.736   -8.445  1.00 34.78  ?  263 ARG A NE  1 
ATOM   728  C  CZ  . ARG A 1 106 ? -9.023  7.461   -7.419  1.00 43.89  ?  263 ARG A CZ  1 
ATOM   729  N  NH1 . ARG A 1 106 ? -10.066 7.080   -6.705  1.00 57.70  ?  263 ARG A NH1 1 
ATOM   730  N  NH2 . ARG A 1 106 ? -8.351  8.541   -7.068  1.00 47.23  ?  263 ARG A NH2 1 
ATOM   731  N  N   . ILE A 1 107 ? -6.401  1.242   -6.482  1.00 29.96  ?  264 ILE A N   1 
ATOM   732  C  CA  . ILE A 1 107 ? -5.945  0.647   -5.209  1.00 29.75  ?  264 ILE A CA  1 
ATOM   733  C  C   . ILE A 1 107 ? -4.447  0.325   -5.381  1.00 32.81  ?  264 ILE A C   1 
ATOM   734  O  O   . ILE A 1 107 ? -3.660  0.617   -4.466  1.00 28.30  ?  264 ILE A O   1 
ATOM   735  C  CB  . ILE A 1 107 ? -6.777  -0.581  -4.845  1.00 30.33  ?  264 ILE A CB  1 
ATOM   736  C  CG1 . ILE A 1 107 ? -8.208  -0.173  -4.442  1.00 33.08  ?  264 ILE A CG1 1 
ATOM   737  C  CG2 . ILE A 1 107 ? -6.122  -1.417  -3.757  1.00 30.94  ?  264 ILE A CG2 1 
ATOM   738  C  CD1 . ILE A 1 107 ? -9.075  -1.395  -4.322  1.00 33.45  ?  264 ILE A CD1 1 
ATOM   739  N  N   . VAL A 1 108 ? -4.088  -0.269  -6.512  1.00 29.33  ?  265 VAL A N   1 
ATOM   740  C  CA  . VAL A 1 108 ? -2.641  -0.539  -6.809  1.00 33.58  ?  265 VAL A CA  1 
ATOM   741  C  C   . VAL A 1 108 ? -1.872  0.784   -6.886  1.00 31.62  ?  265 VAL A C   1 
ATOM   742  O  O   . VAL A 1 108 ? -0.695  0.823   -6.392  1.00 30.33  ?  265 VAL A O   1 
ATOM   743  C  CB  . VAL A 1 108 ? -2.429  -1.391  -8.073  1.00 33.82  ?  265 VAL A CB  1 
ATOM   744  C  CG1 . VAL A 1 108 ? -0.952  -1.347  -8.487  1.00 37.25  ?  265 VAL A CG1 1 
ATOM   745  C  CG2 . VAL A 1 108 ? -2.850  -2.827  -7.805  1.00 35.16  ?  265 VAL A CG2 1 
ATOM   746  N  N   . THR A 1 109 ? -2.443  1.839   -7.452  1.00 28.60  ?  266 THR A N   1 
ATOM   747  C  CA  . THR A 1 109 ? -1.775  3.162   -7.522  1.00 30.98  ?  266 THR A CA  1 
ATOM   748  C  C   . THR A 1 109 ? -1.498  3.718   -6.102  1.00 33.22  ?  266 THR A C   1 
ATOM   749  O  O   . THR A 1 109 ? -0.356  4.196   -5.843  1.00 29.16  ?  266 THR A O   1 
ATOM   750  C  CB  . THR A 1 109 ? -2.555  4.171   -8.373  1.00 30.38  ?  266 THR A CB  1 
ATOM   751  O  OG1 . THR A 1 109 ? -2.695  3.630   -9.689  1.00 29.98  ?  266 THR A OG1 1 
ATOM   752  C  CG2 . THR A 1 109 ? -1.871  5.506   -8.459  1.00 31.10  ?  266 THR A CG2 1 
ATOM   753  N  N   . LEU A 1 110 ? -2.476  3.673   -5.197  1.00 31.45  ?  267 LEU A N   1 
ATOM   754  C  CA  . LEU A 1 110 ? -2.331  4.125   -3.804  1.00 30.12  ?  267 LEU A CA  1 
ATOM   755  C  C   . LEU A 1 110 ? -1.177  3.353   -3.139  1.00 28.08  ?  267 LEU A C   1 
ATOM   756  O  O   . LEU A 1 110 ? -0.251  4.011   -2.530  1.00 30.24  ?  267 LEU A O   1 
ATOM   757  C  CB  . LEU A 1 110 ? -3.664  3.876   -3.088  1.00 30.95  ?  267 LEU A CB  1 
ATOM   758  C  CG  . LEU A 1 110 ? -3.628  4.053   -1.574  1.00 29.57  ?  267 LEU A CG  1 
ATOM   759  C  CD1 . LEU A 1 110 ? -3.399  5.481   -1.183  1.00 35.00  ?  267 LEU A CD1 1 
ATOM   760  C  CD2 . LEU A 1 110 ? -4.894  3.507   -0.926  1.00 31.12  ?  267 LEU A CD2 1 
ATOM   761  N  N   . ILE A 1 111 ? -1.211  2.038   -3.234  1.00 27.68  ?  268 ILE A N   1 
ATOM   762  C  CA  . ILE A 1 111 ? -0.231  1.164   -2.534  1.00 29.98  ?  268 ILE A CA  1 
ATOM   763  C  C   . ILE A 1 111 ? 1.165   1.386   -3.146  1.00 30.38  ?  268 ILE A C   1 
ATOM   764  O  O   . ILE A 1 111 ? 2.165   1.455   -2.335  1.00 32.48  ?  268 ILE A O   1 
ATOM   765  C  CB  . ILE A 1 111 ? -0.670  -0.289  -2.533  1.00 29.24  ?  268 ILE A CB  1 
ATOM   766  C  CG1 . ILE A 1 111 ? -1.962  -0.450  -1.732  1.00 32.44  ?  268 ILE A CG1 1 
ATOM   767  C  CG2 . ILE A 1 111 ? 0.405   -1.223  -1.978  1.00 34.12  ?  268 ILE A CG2 1 
ATOM   768  C  CD1 . ILE A 1 111 ? -2.580  -1.776  -1.945  1.00 31.31  ?  268 ILE A CD1 1 
ATOM   769  N  N   . SER A 1 112 ? 1.234   1.443   -4.482  1.00 29.91  ?  269 SER A N   1 
ATOM   770  C  CA  . SER A 1 112 ? 2.472   1.682   -5.272  1.00 28.89  ?  269 SER A CA  1 
ATOM   771  C  C   . SER A 1 112 ? 3.091   3.010   -4.810  1.00 30.07  ?  269 SER A C   1 
ATOM   772  O  O   . SER A 1 112 ? 4.386   3.103   -4.652  1.00 28.69  ?  269 SER A O   1 
ATOM   773  C  CB  . SER A 1 112 ? 2.197   1.701   -6.761  1.00 29.54  ?  269 SER A CB  1 
ATOM   774  O  OG  . SER A 1 112 ? 1.802   0.429   -7.218  1.00 39.47  ?  269 SER A OG  1 
ATOM   775  N  N   . PHE A 1 113 ? 2.277   4.063   -4.675  1.00 31.40  ?  270 PHE A N   1 
ATOM   776  C  CA  . PHE A 1 113 ? 2.781   5.390   -4.255  1.00 31.50  ?  270 PHE A CA  1 
ATOM   777  C  C   . PHE A 1 113 ? 3.262   5.300   -2.790  1.00 33.61  ?  270 PHE A C   1 
ATOM   778  O  O   . PHE A 1 113 ? 4.317   5.922   -2.439  1.00 32.09  ?  270 PHE A O   1 
ATOM   779  C  CB  . PHE A 1 113 ? 1.732   6.495   -4.427  1.00 35.04  ?  270 PHE A CB  1 
ATOM   780  C  CG  . PHE A 1 113 ? 2.287   7.863   -4.111  1.00 35.22  ?  270 PHE A CG  1 
ATOM   781  C  CD1 . PHE A 1 113 ? 3.264   8.415   -4.928  1.00 36.04  ?  270 PHE A CD1 1 
ATOM   782  C  CD2 . PHE A 1 113 ? 1.934   8.538   -2.963  1.00 34.62  ?  270 PHE A CD2 1 
ATOM   783  C  CE1 . PHE A 1 113 ? 3.806   9.657   -4.645  1.00 34.00  ?  270 PHE A CE1 1 
ATOM   784  C  CE2 . PHE A 1 113 ? 2.452   9.785   -2.692  1.00 35.71  ?  270 PHE A CE2 1 
ATOM   785  C  CZ  . PHE A 1 113 ? 3.400   10.329  -3.525  1.00 35.50  ?  270 PHE A CZ  1 
ATOM   786  N  N   . GLY A 1 114 ? 2.537   4.550   -1.946  1.00 30.15  ?  271 GLY A N   1 
ATOM   787  C  CA  . GLY A 1 114 ? 2.993   4.187   -0.587  1.00 31.89  ?  271 GLY A CA  1 
ATOM   788  C  C   . GLY A 1 114 ? 4.405   3.627   -0.613  1.00 30.26  ?  271 GLY A C   1 
ATOM   789  O  O   . GLY A 1 114 ? 5.254   4.096   0.216   1.00 32.14  ?  271 GLY A O   1 
ATOM   790  N  N   . ALA A 1 115 ? 4.662   2.674   -1.504  1.00 31.63  ?  272 ALA A N   1 
ATOM   791  C  CA  . ALA A 1 115 ? 5.972   1.984   -1.648  1.00 30.75  ?  272 ALA A CA  1 
ATOM   792  C  C   . ALA A 1 115 ? 7.011   3.008   -2.094  1.00 32.95  ?  272 ALA A C   1 
ATOM   793  O  O   . ALA A 1 115 ? 8.130   3.028   -1.518  1.00 34.26  ?  272 ALA A O   1 
ATOM   794  C  CB  . ALA A 1 115 ? 5.900   0.812   -2.608  1.00 32.16  ?  272 ALA A CB  1 
ATOM   795  N  N   . PHE A 1 116 ? 6.672   3.881   -3.036  1.00 32.03  ?  273 PHE A N   1 
ATOM   796  C  CA  . PHE A 1 116 ? 7.549   4.982   -3.501  1.00 32.82  ?  273 PHE A CA  1 
ATOM   797  C  C   . PHE A 1 116 ? 7.937   5.906   -2.344  1.00 34.86  ?  273 PHE A C   1 
ATOM   798  O  O   . PHE A 1 116 ? 9.162   6.275   -2.197  1.00 33.09  ?  273 PHE A O   1 
ATOM   799  C  CB  . PHE A 1 116 ? 6.872   5.759   -4.628  1.00 34.32  ?  273 PHE A CB  1 
ATOM   800  C  CG  . PHE A 1 116 ? 7.784   6.663   -5.405  1.00 30.73  ?  273 PHE A CG  1 
ATOM   801  C  CD1 . PHE A 1 116 ? 8.560   6.158   -6.434  1.00 36.53  ?  273 PHE A CD1 1 
ATOM   802  C  CD2 . PHE A 1 116 ? 7.820   8.022   -5.131  1.00 36.28  ?  273 PHE A CD2 1 
ATOM   803  C  CE1 . PHE A 1 116 ? 9.344   7.008   -7.203  1.00 37.61  ?  273 PHE A CE1 1 
ATOM   804  C  CE2 . PHE A 1 116 ? 8.632   8.855   -5.890  1.00 38.19  ?  273 PHE A CE2 1 
ATOM   805  C  CZ  . PHE A 1 116 ? 9.383   8.347   -6.911  1.00 34.33  ?  273 PHE A CZ  1 
ATOM   806  N  N   . VAL A 1 117 ? 6.971   6.285   -1.510  1.00 32.88  ?  274 VAL A N   1 
ATOM   807  C  CA  . VAL A 1 117 ? 7.215   7.157   -0.331  1.00 33.16  ?  274 VAL A CA  1 
ATOM   808  C  C   . VAL A 1 117 ? 8.077   6.385   0.680   1.00 37.67  ?  274 VAL A C   1 
ATOM   809  O  O   . VAL A 1 117 ? 9.030   6.988   1.259   1.00 38.21  ?  274 VAL A O   1 
ATOM   810  C  CB  . VAL A 1 117 ? 5.895   7.620   0.305   1.00 35.28  ?  274 VAL A CB  1 
ATOM   811  C  CG1 . VAL A 1 117 ? 6.123   8.230   1.669   1.00 38.36  ?  274 VAL A CG1 1 
ATOM   812  C  CG2 . VAL A 1 117 ? 5.162   8.589   -0.616  1.00 33.79  ?  274 VAL A CG2 1 
ATOM   813  N  N   . ALA A 1 118 ? 7.804   5.103   0.847   1.00 34.42  ?  275 ALA A N   1 
ATOM   814  C  CA  . ALA A 1 118 ? 8.583   4.229   1.742   1.00 38.26  ?  275 ALA A CA  1 
ATOM   815  C  C   . ALA A 1 118 ? 10.067  4.245   1.328   1.00 37.57  ?  275 ALA A C   1 
ATOM   816  O  O   . ALA A 1 118 ? 10.909  4.315   2.243   1.00 40.24  ?  275 ALA A O   1 
ATOM   817  C  CB  . ALA A 1 118 ? 8.014   2.845   1.779   1.00 38.28  ?  275 ALA A CB  1 
ATOM   818  N  N   . LYS A 1 119 ? 10.381  4.115   0.045   1.00 36.35  ?  276 LYS A N   1 
ATOM   819  C  CA  . LYS A 1 119 ? 11.794  4.171   -0.451  1.00 36.99  ?  276 LYS A CA  1 
ATOM   820  C  C   . LYS A 1 119 ? 12.405  5.533   -0.100  1.00 41.54  ?  276 LYS A C   1 
ATOM   821  O  O   . LYS A 1 119 ? 13.566  5.546   0.379   1.00 41.50  ?  276 LYS A O   1 
ATOM   822  C  CB  . LYS A 1 119 ? 11.891  3.930   -1.950  1.00 38.67  ?  276 LYS A CB  1 
ATOM   823  C  CG  . LYS A 1 119 ? 11.421  2.572   -2.433  1.00 41.01  ?  276 LYS A CG  1 
ATOM   824  C  CD  . LYS A 1 119 ? 11.293  2.570   -3.935  1.00 45.25  ?  276 LYS A CD  1 
ATOM   825  C  CE  . LYS A 1 119 ? 11.061  1.211   -4.530  1.00 49.96  ?  276 LYS A CE  1 
ATOM   826  N  NZ  . LYS A 1 119 ? 11.104  1.257   -6.009  1.00 56.69  ?  276 LYS A NZ  1 
ATOM   827  N  N   . HIS A 1 120 ? 11.659  6.634   -0.260  1.00 36.86  ?  277 HIS A N   1 
ATOM   828  C  CA  . HIS A 1 120 ? 12.070  7.991   0.173   1.00 37.19  ?  277 HIS A CA  1 
ATOM   829  C  C   . HIS A 1 120 ? 12.356  8.034   1.678   1.00 43.11  ?  277 HIS A C   1 
ATOM   830  O  O   . HIS A 1 120 ? 13.389  8.645   2.066   1.00 41.47  ?  277 HIS A O   1 
ATOM   831  C  CB  . HIS A 1 120 ? 11.037  9.034   -0.220  1.00 41.36  ?  277 HIS A CB  1 
ATOM   832  C  CG  . HIS A 1 120 ? 11.309  10.396  0.315   1.00 40.29  ?  277 HIS A CG  1 
ATOM   833  N  ND1 . HIS A 1 120 ? 12.223  11.271  -0.283  1.00 43.09  ?  277 HIS A ND1 1 
ATOM   834  C  CD2 . HIS A 1 120 ? 10.716  11.080  1.312   1.00 41.67  ?  277 HIS A CD2 1 
ATOM   835  C  CE1 . HIS A 1 120 ? 12.194  12.419  0.360   1.00 42.40  ?  277 HIS A CE1 1 
ATOM   836  N  NE2 . HIS A 1 120 ? 11.296  12.322  1.339   1.00 45.43  ?  277 HIS A NE2 1 
ATOM   837  N  N   . LEU A 1 121 ? 11.468  7.475   2.504   1.00 37.00  ?  278 LEU A N   1 
ATOM   838  C  CA  . LEU A 1 121 ? 11.644  7.454   3.967   1.00 42.30  ?  278 LEU A CA  1 
ATOM   839  C  C   . LEU A 1 121 ? 12.964  6.763   4.309   1.00 45.15  ?  278 LEU A C   1 
ATOM   840  O  O   . LEU A 1 121 ? 13.649  7.271   5.189   1.00 48.80  ?  278 LEU A O   1 
ATOM   841  C  CB  . LEU A 1 121 ? 10.460  6.754   4.621   1.00 40.33  ?  278 LEU A CB  1 
ATOM   842  C  CG  . LEU A 1 121 ? 9.168   7.550   4.533   1.00 40.98  ?  278 LEU A CG  1 
ATOM   843  C  CD1 . LEU A 1 121 ? 8.001   6.775   5.153   1.00 41.70  ?  278 LEU A CD1 1 
ATOM   844  C  CD2 . LEU A 1 121 ? 9.343   8.910   5.174   1.00 43.13  ?  278 LEU A CD2 1 
ATOM   845  N  N   . LYS A 1 122 ? 13.278  5.647   3.662   1.00 48.32  ?  279 LYS A N   1 
ATOM   846  C  CA  . LYS A 1 122 ? 14.564  4.925   3.857   1.00 48.49  ?  279 LYS A CA  1 
ATOM   847  C  C   . LYS A 1 122 ? 15.717  5.824   3.378   1.00 50.99  ?  279 LYS A C   1 
ATOM   848  O  O   . LYS A 1 122 ? 16.736  5.870   4.069   1.00 50.94  ?  279 LYS A O   1 
ATOM   849  C  CB  . LYS A 1 122 ? 14.571  3.581   3.135   1.00 53.73  ?  279 LYS A CB  1 
ATOM   850  C  CG  . LYS A 1 122 ? 15.917  2.863   3.108   1.00 59.54  ?  279 LYS A CG  1 
ATOM   851  C  CD  . LYS A 1 122 ? 16.227  2.169   4.399   1.00 65.98  ?  279 LYS A CD  1 
ATOM   852  C  CE  . LYS A 1 122 ? 17.426  1.251   4.298   1.00 76.41  ?  279 LYS A CE  1 
ATOM   853  N  NZ  . LYS A 1 122 ? 17.363  0.169   5.311   1.00 84.13  ?  279 LYS A NZ  1 
ATOM   854  N  N   . THR A 1 123 ? 15.555  6.544   2.274   1.00 51.64  ?  280 THR A N   1 
ATOM   855  C  CA  . THR A 1 123 ? 16.612  7.433   1.712   1.00 51.92  ?  280 THR A CA  1 
ATOM   856  C  C   . THR A 1 123 ? 16.944  8.556   2.703   1.00 57.43  ?  280 THR A C   1 
ATOM   857  O  O   . THR A 1 123 ? 18.116  8.972   2.717   1.00 57.32  ?  280 THR A O   1 
ATOM   858  C  CB  . THR A 1 123 ? 16.236  7.982   0.337   1.00 53.47  ?  280 THR A CB  1 
ATOM   859  O  OG1 . THR A 1 123 ? 16.218  6.843   -0.531  1.00 49.66  ?  280 THR A OG1 1 
ATOM   860  C  CG2 . THR A 1 123 ? 17.206  9.040   -0.146  1.00 53.55  ?  280 THR A CG2 1 
ATOM   861  N  N   . ILE A 1 124 ? 15.962  9.044   3.465   1.00 50.23  ?  281 ILE A N   1 
ATOM   862  C  CA  . ILE A 1 124 ? 16.140  10.186  4.411   1.00 51.96  ?  281 ILE A CA  1 
ATOM   863  C  C   . ILE A 1 124 ? 16.261  9.666   5.847   1.00 49.95  ?  281 ILE A C   1 
ATOM   864  O  O   . ILE A 1 124 ? 16.076  10.480  6.794   1.00 47.39  ?  281 ILE A O   1 
ATOM   865  C  CB  . ILE A 1 124 ? 15.009  11.220  4.257   1.00 48.92  ?  281 ILE A CB  1 
ATOM   866  C  CG1 . ILE A 1 124 ? 13.663  10.693  4.765   1.00 48.29  ?  281 ILE A CG1 1 
ATOM   867  C  CG2 . ILE A 1 124 ? 14.918  11.746  2.826   1.00 49.85  ?  281 ILE A CG2 1 
ATOM   868  C  CD1 . ILE A 1 124 ? 12.677  11.780  5.064   1.00 47.47  ?  281 ILE A CD1 1 
ATOM   869  N  N   . ASN A 1 125 ? 16.496  8.363   6.014   1.00 49.95  ?  282 ASN A N   1 
ATOM   870  C  CA  . ASN A 1 125 ? 16.758  7.740   7.335   1.00 54.78  ?  282 ASN A CA  1 
ATOM   871  C  C   . ASN A 1 125 ? 15.556  7.969   8.275   1.00 59.91  ?  282 ASN A C   1 
ATOM   872  O  O   . ASN A 1 125 ? 15.749  8.206   9.482   1.00 52.73  ?  282 ASN A O   1 
ATOM   873  C  CB  . ASN A 1 125 ? 18.096  8.258   7.887   1.00 58.97  ?  282 ASN A CB  1 
ATOM   874  C  CG  . ASN A 1 125 ? 18.533  7.557   9.155   1.00 61.30  ?  282 ASN A CG  1 
ATOM   875  O  OD1 . ASN A 1 125 ? 18.898  8.209   10.123  1.00 67.24  ?  282 ASN A OD1 1 
ATOM   876  N  ND2 . ASN A 1 125 ? 18.493  6.238   9.163   1.00 65.10  ?  282 ASN A ND2 1 
ATOM   877  N  N   . GLN A 1 126 ? 14.325  7.877   7.762   1.00 58.35  ?  283 GLN A N   1 
ATOM   878  C  CA  . GLN A 1 126 ? 13.086  7.860   8.590   1.00 45.29  ?  283 GLN A CA  1 
ATOM   879  C  C   . GLN A 1 126 ? 12.353  6.523   8.389   1.00 53.25  ?  283 GLN A C   1 
ATOM   880  O  O   . GLN A 1 126 ? 11.142  6.558   8.162   1.00 49.09  ?  283 GLN A O   1 
ATOM   881  C  CB  . GLN A 1 126 ? 12.205  9.043   8.209   1.00 54.28  ?  283 GLN A CB  1 
ATOM   882  C  CG  . GLN A 1 126 ? 12.840  10.398  8.496   1.00 57.64  ?  283 GLN A CG  1 
ATOM   883  C  CD  . GLN A 1 126 ? 12.518  10.926  9.873   1.00 60.60  ?  283 GLN A CD  1 
ATOM   884  O  OE1 . GLN A 1 126 ? 11.800  10.311  10.646  1.00 63.61  ?  283 GLN A OE1 1 
ATOM   885  N  NE2 . GLN A 1 126 ? 13.032  12.101  10.179  1.00 68.87  ?  283 GLN A NE2 1 
ATOM   886  N  N   . GLU A 1 127 ? 13.061  5.393   8.462   1.00 46.72  ?  284 GLU A N   1 
ATOM   887  C  CA  . GLU A 1 127 ? 12.496  4.015   8.411   1.00 56.58  ?  284 GLU A CA  1 
ATOM   888  C  C   . GLU A 1 127 ? 11.340  3.861   9.406   1.00 50.79  ?  284 GLU A C   1 
ATOM   889  O  O   . GLU A 1 127 ? 10.444  3.045   9.162   1.00 44.43  ?  284 GLU A O   1 
ATOM   890  C  CB  . GLU A 1 127 ? 13.534  2.961   8.803   1.00 61.19  ?  284 GLU A CB  1 
ATOM   891  C  CG  . GLU A 1 127 ? 14.560  2.616   7.737   1.00 73.25  ?  284 GLU A CG  1 
ATOM   892  C  CD  . GLU A 1 127 ? 15.565  1.551   8.177   1.00 87.49  ?  284 GLU A CD  1 
ATOM   893  O  OE1 . GLU A 1 127 ? 15.513  1.123   9.358   1.00 87.89  ?  284 GLU A OE1 1 
ATOM   894  O  OE2 . GLU A 1 127 ? 16.404  1.139   7.344   1.00 89.86  ?  284 GLU A OE2 1 
ATOM   895  N  N   . SER A 1 128 ? 11.404  4.530   10.556  1.00 48.43  ?  285 SER A N   1 
ATOM   896  C  CA  . SER A 1 128 ? 10.408  4.357   11.645  1.00 46.63  ?  285 SER A CA  1 
ATOM   897  C  C   . SER A 1 128 ? 9.005   4.790   11.169  1.00 45.32  ?  285 SER A C   1 
ATOM   898  O  O   . SER A 1 128 ? 8.034   4.465   11.855  1.00 47.33  ?  285 SER A O   1 
ATOM   899  C  CB  . SER A 1 128 ? 10.797  5.119   12.907  1.00 49.08  ?  285 SER A CB  1 
ATOM   900  O  OG  . SER A 1 128 ? 10.973  6.504   12.643  1.00 50.32  ?  285 SER A OG  1 
ATOM   901  N  N   . CYS A 1 129 ? 8.907   5.566   10.095  1.00 46.46  ?  286 CYS A N   1 
ATOM   902  C  CA  . CYS A 1 129 ? 7.617   6.089   9.558   1.00 47.29  ?  286 CYS A CA  1 
ATOM   903  C  C   . CYS A 1 129 ? 6.983   5.113   8.563   1.00 43.43  ?  286 CYS A C   1 
ATOM   904  O  O   . CYS A 1 129 ? 5.852   5.360   8.162   1.00 44.01  ?  286 CYS A O   1 
ATOM   905  C  CB  . CYS A 1 129 ? 7.828   7.411   8.843   1.00 50.42  ?  286 CYS A CB  1 
ATOM   906  S  SG  . CYS A 1 129 ? 8.310   8.748   9.960   1.00 53.55  ?  286 CYS A SG  1 
ATOM   907  N  N   . ILE A 1 130 ? 7.693   4.066   8.169   1.00 42.87  ?  287 ILE A N   1 
ATOM   908  C  CA  . ILE A 1 130 ? 7.197   3.135   7.130   1.00 41.90  ?  287 ILE A CA  1 
ATOM   909  C  C   . ILE A 1 130 ? 6.020   2.356   7.725   1.00 47.33  ?  287 ILE A C   1 
ATOM   910  O  O   . ILE A 1 130 ? 5.005   2.269   7.057   1.00 40.92  ?  287 ILE A O   1 
ATOM   911  C  CB  . ILE A 1 130 ? 8.336   2.262   6.594   1.00 41.71  ?  287 ILE A CB  1 
ATOM   912  C  CG1 . ILE A 1 130 ? 9.319   3.166   5.843   1.00 40.60  ?  287 ILE A CG1 1 
ATOM   913  C  CG2 . ILE A 1 130 ? 7.771   1.149   5.716   1.00 47.53  ?  287 ILE A CG2 1 
ATOM   914  C  CD1 . ILE A 1 130 ? 10.526  2.475   5.287   1.00 40.75  ?  287 ILE A CD1 1 
ATOM   915  N  N   . GLU A 1 131 ? 6.110   1.855   8.956   1.00 46.16  ?  288 GLU A N   1 
ATOM   916  C  CA  . GLU A 1 131 ? 5.023   1.015   9.512   1.00 48.39  ?  288 GLU A CA  1 
ATOM   917  C  C   . GLU A 1 131 ? 3.773   1.877   9.676   1.00 46.40  ?  288 GLU A C   1 
ATOM   918  O  O   . GLU A 1 131 ? 2.687   1.443   9.315   1.00 47.40  ?  288 GLU A O   1 
ATOM   919  C  CB  . GLU A 1 131 ? 5.424   0.297   10.804  1.00 54.51  ?  288 GLU A CB  1 
ATOM   920  C  CG  . GLU A 1 131 ? 4.357   -0.665  11.295  0.75 57.12  ?  288 GLU A CG  1 
ATOM   921  C  CD  . GLU A 1 131 ? 3.906   -1.700  10.281  0.50 55.39  ?  288 GLU A CD  1 
ATOM   922  O  OE1 . GLU A 1 131 ? 2.783   -2.225  10.424  0.50 57.83  ?  288 GLU A OE1 1 
ATOM   923  O  OE2 . GLU A 1 131 ? 4.683   -1.995  9.359   0.50 61.41  ?  288 GLU A OE2 1 
ATOM   924  N  N   . PRO A 1 132 ? 3.855   3.096   10.236  1.00 42.62  ?  289 PRO A N   1 
ATOM   925  C  CA  . PRO A 1 132 ? 2.707   4.007   10.289  1.00 45.94  ?  289 PRO A CA  1 
ATOM   926  C  C   . PRO A 1 132 ? 2.083   4.395   8.932   1.00 46.59  ?  289 PRO A C   1 
ATOM   927  O  O   . PRO A 1 132 ? 0.863   4.575   8.820   1.00 39.59  ?  289 PRO A O   1 
ATOM   928  C  CB  . PRO A 1 132 ? 3.319   5.271   10.911  1.00 44.31  ?  289 PRO A CB  1 
ATOM   929  C  CG  . PRO A 1 132 ? 4.395   4.724   11.827  1.00 47.68  ?  289 PRO A CG  1 
ATOM   930  C  CD  . PRO A 1 132 ? 5.003   3.601   11.022  1.00 50.58  ?  289 PRO A CD  1 
ATOM   931  N  N   . LEU A 1 133 ? 2.921   4.615   7.929   1.00 42.95  ?  290 LEU A N   1 
ATOM   932  C  CA  . LEU A 1 133 ? 2.407   4.889   6.555   1.00 40.86  ?  290 LEU A CA  1 
ATOM   933  C  C   . LEU A 1 133 ? 1.595   3.675   6.083   1.00 37.45  ?  290 LEU A C   1 
ATOM   934  O  O   . LEU A 1 133 ? 0.502   3.874   5.509   1.00 39.04  ?  290 LEU A O   1 
ATOM   935  C  CB  . LEU A 1 133 ? 3.598   5.175   5.647   1.00 40.65  ?  290 LEU A CB  1 
ATOM   936  C  CG  . LEU A 1 133 ? 3.304   5.308   4.159   1.00 36.36  ?  290 LEU A CG  1 
ATOM   937  C  CD1 . LEU A 1 133 ? 2.472   6.536   3.902   1.00 41.18  ?  290 LEU A CD1 1 
ATOM   938  C  CD2 . LEU A 1 133 ? 4.602   5.336   3.381   1.00 36.08  ?  290 LEU A CD2 1 
ATOM   939  N  N   . ALA A 1 134 ? 2.108   2.461   6.271   1.00 36.18  ?  291 ALA A N   1 
ATOM   940  C  CA  . ALA A 1 134 ? 1.397   1.221   5.872   1.00 38.07  ?  291 ALA A CA  1 
ATOM   941  C  C   . ALA A 1 134 ? 0.041   1.115   6.593   1.00 44.55  ?  291 ALA A C   1 
ATOM   942  O  O   . ALA A 1 134 ? -0.960  0.663   5.982   1.00 35.02  ?  291 ALA A O   1 
ATOM   943  C  CB  . ALA A 1 134 ? 2.257   0.012   6.092   1.00 34.84  ?  291 ALA A CB  1 
ATOM   944  N  N   . GLU A 1 135 ? -0.010  1.497   7.870   1.00 42.26  ?  292 GLU A N   1 
ATOM   945  C  CA  . GLU A 1 135 ? -1.230  1.461   8.713   1.00 40.06  ?  292 GLU A CA  1 
ATOM   946  C  C   . GLU A 1 135 ? -2.226  2.458   8.156   1.00 38.53  ?  292 GLU A C   1 
ATOM   947  O  O   . GLU A 1 135 ? -3.381  2.076   7.984   1.00 39.04  ?  292 GLU A O   1 
ATOM   948  C  CB  . GLU A 1 135 ? -0.910  1.792   10.177  1.00 47.29  ?  292 GLU A CB  1 
ATOM   949  C  CG  . GLU A 1 135 ? -0.471  0.579   10.978  0.75 52.55  ?  292 GLU A CG  1 
ATOM   950  C  CD  . GLU A 1 135 ? -0.326  0.790   12.481  0.75 57.67  ?  292 GLU A CD  1 
ATOM   951  O  OE1 . GLU A 1 135 ? -1.199  1.477   13.078  0.75 59.57  ?  292 GLU A OE1 1 
ATOM   952  O  OE2 . GLU A 1 135 ? 0.675   0.280   13.041  0.75 50.75  ?  292 GLU A OE2 1 
ATOM   953  N  N   . SER A 1 136 ? -1.746  3.661   7.859   1.00 39.20  ?  293 SER A N   1 
ATOM   954  C  CA  . SER A 1 136 ? -2.524  4.784   7.300   1.00 43.74  ?  293 SER A CA  1 
ATOM   955  C  C   . SER A 1 136 ? -3.135  4.405   5.929   1.00 42.96  ?  293 SER A C   1 
ATOM   956  O  O   . SER A 1 136 ? -4.333  4.626   5.709   1.00 41.94  ?  293 SER A O   1 
ATOM   957  C  CB  . SER A 1 136 ? -1.656  5.985   7.225   1.00 46.32  ?  293 SER A CB  1 
ATOM   958  O  OG  . SER A 1 136 ? -2.440  7.116   6.964   1.00 58.33  ?  293 SER A OG  1 
ATOM   959  N  N   . ILE A 1 137 ? -2.347  3.835   5.039   1.00 34.87  ?  294 ILE A N   1 
ATOM   960  C  CA  . ILE A 1 137 ? -2.846  3.352   3.716   1.00 37.83  ?  294 ILE A CA  1 
ATOM   961  C  C   . ILE A 1 137 ? -3.847  2.217   3.912   1.00 36.43  ?  294 ILE A C   1 
ATOM   962  O  O   . ILE A 1 137 ? -4.918  2.218   3.242   1.00 35.60  ?  294 ILE A O   1 
ATOM   963  C  CB  . ILE A 1 137 ? -1.672  2.917   2.833   1.00 35.33  ?  294 ILE A CB  1 
ATOM   964  C  CG1 . ILE A 1 137 ? -0.841  4.142   2.440   1.00 39.17  ?  294 ILE A CG1 1 
ATOM   965  C  CG2 . ILE A 1 137 ? -2.206  2.136   1.628   1.00 36.02  ?  294 ILE A CG2 1 
ATOM   966  C  CD1 . ILE A 1 137 ? 0.496   3.799   1.842   1.00 42.58  ?  294 ILE A CD1 1 
ATOM   967  N  N   . THR A 1 138 ? -3.580  1.286   4.818   1.00 33.73  ?  295 THR A N   1 
ATOM   968  C  CA  . THR A 1 138 ? -4.517  0.174   5.085   1.00 33.48  ?  295 THR A CA  1 
ATOM   969  C  C   . THR A 1 138 ? -5.842  0.758   5.601   1.00 38.01  ?  295 THR A C   1 
ATOM   970  O  O   . THR A 1 138 ? -6.914  0.248   5.190   1.00 33.17  ?  295 THR A O   1 
ATOM   971  C  CB  . THR A 1 138 ? -3.920  -0.868  6.036   1.00 36.65  ?  295 THR A CB  1 
ATOM   972  O  OG1 . THR A 1 138 ? -2.670  -1.304  5.474   1.00 33.62  ?  295 THR A OG1 1 
ATOM   973  C  CG2 . THR A 1 138 ? -4.883  -2.011  6.248   1.00 36.10  ?  295 THR A CG2 1 
ATOM   974  N  N   . ASP A 1 139 ? -5.765  1.745   6.489   1.00 35.39  ?  296 ASP A N   1 
ATOM   975  C  CA  . ASP A 1 139 ? -6.950  2.390   7.095   1.00 43.81  ?  296 ASP A CA  1 
ATOM   976  C  C   . ASP A 1 139 ? -7.786  3.037   5.988   1.00 42.36  ?  296 ASP A C   1 
ATOM   977  O  O   . ASP A 1 139 ? -9.005  2.769   5.927   1.00 40.25  ?  296 ASP A O   1 
ATOM   978  C  CB  . ASP A 1 139 ? -6.550  3.410   8.150   1.00 45.58  ?  296 ASP A CB  1 
ATOM   979  C  CG  . ASP A 1 139 ? -7.565  3.458   9.265   0.75 54.38  ?  296 ASP A CG  1 
ATOM   980  O  OD1 . ASP A 1 139 ? -7.774  2.398   9.897   0.75 58.90  ?  296 ASP A OD1 1 
ATOM   981  O  OD2 . ASP A 1 139 ? -8.152  4.525   9.459   0.75 63.62  ?  296 ASP A OD2 1 
ATOM   982  N  N   . VAL A 1 140 ? -7.148  3.842   5.140   1.00 40.23  ?  297 VAL A N   1 
ATOM   983  C  CA  . VAL A 1 140 ? -7.807  4.526   3.995   1.00 44.94  ?  297 VAL A CA  1 
ATOM   984  C  C   . VAL A 1 140 ? -8.512  3.437   3.178   1.00 39.57  ?  297 VAL A C   1 
ATOM   985  O  O   . VAL A 1 140 ? -9.742  3.543   2.953   1.00 42.73  ?  297 VAL A O   1 
ATOM   986  C  CB  . VAL A 1 140 ? -6.791  5.341   3.170   1.00 46.06  ?  297 VAL A CB  1 
ATOM   987  C  CG1 . VAL A 1 140 ? -7.294  5.672   1.782   1.00 49.13  ?  297 VAL A CG1 1 
ATOM   988  C  CG2 . VAL A 1 140 ? -6.405  6.612   3.904   1.00 54.09  ?  297 VAL A CG2 1 
ATOM   989  N  N   . LEU A 1 141 ? -7.764  2.425   2.748   1.00 37.58  ?  298 LEU A N   1 
ATOM   990  C  CA  . LEU A 1 141 ? -8.303  1.355   1.871   1.00 35.70  ?  298 LEU A CA  1 
ATOM   991  C  C   . LEU A 1 141 ? -9.504  0.679   2.519   1.00 39.03  ?  298 LEU A C   1 
ATOM   992  O  O   . LEU A 1 141 ? -10.582 0.650   1.890   1.00 36.63  ?  298 LEU A O   1 
ATOM   993  C  CB  . LEU A 1 141 ? -7.216  0.329   1.566   1.00 37.16  ?  298 LEU A CB  1 
ATOM   994  C  CG  . LEU A 1 141 ? -7.643  -0.823  0.684   1.00 35.35  ?  298 LEU A CG  1 
ATOM   995  C  CD1 . LEU A 1 141 ? -8.287  -0.346  -0.636  1.00 37.54  ?  298 LEU A CD1 1 
ATOM   996  C  CD2 . LEU A 1 141 ? -6.448  -1.704  0.371   1.00 37.63  ?  298 LEU A CD2 1 
ATOM   997  N  N   . VAL A 1 142 ? -9.335  0.094   3.707   1.00 40.07  ?  299 VAL A N   1 
ATOM   998  C  CA  . VAL A 1 142 ? -10.377 -0.806  4.277   1.00 37.16  ?  299 VAL A CA  1 
ATOM   999  C  C   . VAL A 1 142 ? -11.501 0.043   4.888   1.00 38.03  ?  299 VAL A C   1 
ATOM   1000 O  O   . VAL A 1 142 ? -12.659 -0.395  4.800   1.00 45.61  ?  299 VAL A O   1 
ATOM   1001 C  CB  . VAL A 1 142 ? -9.793  -1.824  5.272   1.00 41.58  ?  299 VAL A CB  1 
ATOM   1002 C  CG1 . VAL A 1 142 ? -10.854 -2.743  5.853   1.00 45.78  ?  299 VAL A CG1 1 
ATOM   1003 C  CG2 . VAL A 1 142 ? -8.699  -2.653  4.641   1.00 39.58  ?  299 VAL A CG2 1 
ATOM   1004 N  N   . ARG A 1 143 ? -11.203 1.218   5.446   1.00 39.65  ?  300 ARG A N   1 
ATOM   1005 C  CA  . ARG A 1 143 ? -12.266 2.080   6.037   1.00 42.61  ?  300 ARG A CA  1 
ATOM   1006 C  C   . ARG A 1 143 ? -13.149 2.638   4.928   1.00 42.60  ?  300 ARG A C   1 
ATOM   1007 O  O   . ARG A 1 143 ? -14.384 2.713   5.140   1.00 42.99  ?  300 ARG A O   1 
ATOM   1008 C  CB  . ARG A 1 143 ? -11.732 3.252   6.870   1.00 49.29  ?  300 ARG A CB  1 
ATOM   1009 C  CG  . ARG A 1 143 ? -11.381 2.917   8.317   1.00 65.88  ?  300 ARG A CG  1 
ATOM   1010 C  CD  . ARG A 1 143 ? -11.642 4.051   9.320   1.00 71.15  ?  300 ARG A CD  1 
ATOM   1011 N  NE  . ARG A 1 143 ? -10.672 5.144   9.267   1.00 82.72  ?  300 ARG A NE  1 
ATOM   1012 C  CZ  . ARG A 1 143 ? -10.769 6.249   8.517   1.00 86.13  ?  300 ARG A CZ  1 
ATOM   1013 N  NH1 . ARG A 1 143 ? -9.807  7.158   8.553   1.00 90.62  ?  300 ARG A NH1 1 
ATOM   1014 N  NH2 . ARG A 1 143 ? -11.810 6.447   7.730   1.00 89.57  ?  300 ARG A NH2 1 
ATOM   1015 N  N   . THR A 1 144 ? -12.566 3.057   3.803   1.00 37.72  ?  301 THR A N   1 
ATOM   1016 C  CA  . THR A 1 144 ? -13.341 3.790   2.788   1.00 40.65  ?  301 THR A CA  1 
ATOM   1017 C  C   . THR A 1 144 ? -13.916 2.837   1.742   1.00 35.77  ?  301 THR A C   1 
ATOM   1018 O  O   . THR A 1 144 ? -14.897 3.251   1.121   1.00 40.40  ?  301 THR A O   1 
ATOM   1019 C  CB  . THR A 1 144 ? -12.586 4.993   2.205   1.00 43.97  ?  301 THR A CB  1 
ATOM   1020 O  OG1 . THR A 1 144 ? -11.534 4.564   1.331   1.00 41.71  ?  301 THR A OG1 1 
ATOM   1021 C  CG2 . THR A 1 144 ? -12.033 5.887   3.293   1.00 51.58  ?  301 THR A CG2 1 
ATOM   1022 N  N   . LYS A 1 145 ? -13.380 1.645   1.512   1.00 34.79  ?  302 LYS A N   1 
ATOM   1023 C  CA  . LYS A 1 145 ? -13.851 0.773   0.389   1.00 35.89  ?  302 LYS A CA  1 
ATOM   1024 C  C   . LYS A 1 145 ? -14.282 -0.592  0.879   1.00 30.02  ?  302 LYS A C   1 
ATOM   1025 O  O   . LYS A 1 145 ? -14.290 -1.523  0.087   1.00 30.04  ?  302 LYS A O   1 
ATOM   1026 C  CB  . LYS A 1 145 ? -12.732 0.594   -0.637  1.00 34.29  ?  302 LYS A CB  1 
ATOM   1027 C  CG  . LYS A 1 145 ? -12.174 1.897   -1.150  1.00 38.48  ?  302 LYS A CG  1 
ATOM   1028 C  CD  . LYS A 1 145 ? -13.163 2.914   -1.654  1.00 41.72  ?  302 LYS A CD  1 
ATOM   1029 C  CE  . LYS A 1 145 ? -12.438 4.082   -2.291  1.00 46.63  ?  302 LYS A CE  1 
ATOM   1030 N  NZ  . LYS A 1 145 ? -13.324 4.885   -3.171  1.00 54.78  ?  302 LYS A NZ  1 
ATOM   1031 N  N   . ARG A 1 146 ? -14.605 -0.717  2.168   1.00 31.66  ?  303 ARG A N   1 
ATOM   1032 C  CA  . ARG A 1 146 ? -14.960 -2.014  2.785   1.00 31.81  ?  303 ARG A CA  1 
ATOM   1033 C  C   . ARG A 1 146 ? -15.932 -2.797  1.895   1.00 28.85  ?  303 ARG A C   1 
ATOM   1034 O  O   . ARG A 1 146 ? -15.618 -3.981  1.559   1.00 27.93  ?  303 ARG A O   1 
ATOM   1035 C  CB  . ARG A 1 146 ? -15.538 -1.714  4.172   1.00 35.68  ?  303 ARG A CB  1 
ATOM   1036 C  CG  . ARG A 1 146 ? -16.269 -2.862  4.847   1.00 45.63  ?  303 ARG A CG  1 
ATOM   1037 C  CD  . ARG A 1 146 ? -15.337 -3.804  5.538   1.00 44.68  ?  303 ARG A CD  1 
ATOM   1038 N  NE  . ARG A 1 146 ? -14.591 -3.178  6.621   1.00 47.60  ?  303 ARG A NE  1 
ATOM   1039 C  CZ  . ARG A 1 146 ? -13.706 -3.839  7.369   1.00 38.16  ?  303 ARG A CZ  1 
ATOM   1040 N  NH1 . ARG A 1 146 ? -13.548 -5.122  7.186   1.00 38.65  ?  303 ARG A NH1 1 
ATOM   1041 N  NH2 . ARG A 1 146 ? -13.012 -3.215  8.296   1.00 43.77  ?  303 ARG A NH2 1 
ATOM   1042 N  N   . ASP A 1 147 ? -17.093 -2.212  1.592   1.00 31.38  ?  304 ASP A N   1 
ATOM   1043 C  CA  . ASP A 1 147 ? -18.186 -2.986  0.918   1.00 33.23  ?  304 ASP A CA  1 
ATOM   1044 C  C   . ASP A 1 147 ? -17.736 -3.388  -0.496  1.00 30.88  ?  304 ASP A C   1 
ATOM   1045 O  O   . ASP A 1 147 ? -18.023 -4.539  -0.952  1.00 34.13  ?  304 ASP A O   1 
ATOM   1046 C  CB  . ASP A 1 147 ? -19.499 -2.197  0.954   1.00 35.67  ?  304 ASP A CB  1 
ATOM   1047 C  CG  . ASP A 1 147 ? -20.082 -2.100  2.356   1.00 37.07  ?  304 ASP A CG  1 
ATOM   1048 O  OD1 . ASP A 1 147 ? -19.632 -2.846  3.252   1.00 35.60  ?  304 ASP A OD1 1 
ATOM   1049 O  OD2 . ASP A 1 147 ? -20.896 -1.219  2.561   1.00 38.26  ?  304 ASP A OD2 1 
ATOM   1050 N  N   . TRP A 1 148 ? -17.019 -2.495  -1.182  1.00 33.23  ?  305 TRP A N   1 
ATOM   1051 C  CA  . TRP A 1 148 ? -16.463 -2.825  -2.514  1.00 34.49  ?  305 TRP A CA  1 
ATOM   1052 C  C   . TRP A 1 148 ? -15.476 -3.981  -2.379  1.00 31.53  ?  305 TRP A C   1 
ATOM   1053 O  O   . TRP A 1 148 ? -15.528 -4.996  -3.140  1.00 34.04  ?  305 TRP A O   1 
ATOM   1054 C  CB  . TRP A 1 148 ? -15.815 -1.591  -3.127  1.00 34.17  ?  305 TRP A CB  1 
ATOM   1055 C  CG  . TRP A 1 148 ? -15.368 -1.850  -4.541  1.00 39.95  ?  305 TRP A CG  1 
ATOM   1056 C  CD1 . TRP A 1 148 ? -16.090 -1.585  -5.675  1.00 41.26  ?  305 TRP A CD1 1 
ATOM   1057 C  CD2 . TRP A 1 148 ? -14.110 -2.397  -4.988  1.00 38.52  ?  305 TRP A CD2 1 
ATOM   1058 N  NE1 . TRP A 1 148 ? -15.383 -1.946  -6.787  1.00 39.86  ?  305 TRP A NE1 1 
ATOM   1059 C  CE2 . TRP A 1 148 ? -14.149 -2.419  -6.407  1.00 40.29  ?  305 TRP A CE2 1 
ATOM   1060 C  CE3 . TRP A 1 148 ? -12.937 -2.833  -4.347  1.00 40.18  ?  305 TRP A CE3 1 
ATOM   1061 C  CZ2 . TRP A 1 148 ? -13.092 -2.912  -7.183  1.00 37.69  ?  305 TRP A CZ2 1 
ATOM   1062 C  CZ3 . TRP A 1 148 ? -11.881 -3.305  -5.115  1.00 35.70  ?  305 TRP A CZ3 1 
ATOM   1063 C  CH2 . TRP A 1 148 ? -11.956 -3.352  -6.520  1.00 37.66  ?  305 TRP A CH2 1 
ATOM   1064 N  N   . LEU A 1 149 ? -14.569 -3.916  -1.420  1.00 30.98  ?  306 LEU A N   1 
ATOM   1065 C  CA  . LEU A 1 149 ? -13.574 -5.011  -1.284  1.00 29.68  ?  306 LEU A CA  1 
ATOM   1066 C  C   . LEU A 1 149 ? -14.277 -6.334  -1.006  1.00 29.88  ?  306 LEU A C   1 
ATOM   1067 O  O   . LEU A 1 149 ? -13.865 -7.342  -1.573  1.00 34.05  ?  306 LEU A O   1 
ATOM   1068 C  CB  . LEU A 1 149 ? -12.608 -4.676  -0.147  1.00 29.66  ?  306 LEU A CB  1 
ATOM   1069 C  CG  . LEU A 1 149 ? -11.651 -3.537  -0.443  1.00 31.62  ?  306 LEU A CG  1 
ATOM   1070 C  CD1 . LEU A 1 149 ? -10.947 -3.086  0.846   1.00 33.35  ?  306 LEU A CD1 1 
ATOM   1071 C  CD2 . LEU A 1 149 ? -10.641 -3.966  -1.463  1.00 33.79  ?  306 LEU A CD2 1 
ATOM   1072 N  N   . VAL A 1 150 ? -15.263 -6.349  -0.097  1.00 31.76  ?  307 VAL A N   1 
ATOM   1073 C  CA  . VAL A 1 150 ? -15.943 -7.623  0.253   1.00 34.75  ?  307 VAL A CA  1 
ATOM   1074 C  C   . VAL A 1 150 ? -16.674 -8.174  -0.990  1.00 31.69  ?  307 VAL A C   1 
ATOM   1075 O  O   . VAL A 1 150 ? -16.508 -9.400  -1.269  1.00 35.39  ?  307 VAL A O   1 
ATOM   1076 C  CB  . VAL A 1 150 ? -16.874 -7.425  1.462   1.00 37.50  ?  307 VAL A CB  1 
ATOM   1077 C  CG1 . VAL A 1 150 ? -17.751 -8.635  1.683   1.00 40.14  ?  307 VAL A CG1 1 
ATOM   1078 C  CG2 . VAL A 1 150 ? -16.059 -7.125  2.720   1.00 35.95  ?  307 VAL A CG2 1 
ATOM   1079 N  N   . LYS A 1 151 ? -17.349 -7.307  -1.741  1.00 37.87  ?  308 LYS A N   1 
ATOM   1080 C  CA  . LYS A 1 151 ? -18.101 -7.689  -2.983  1.00 43.48  ?  308 LYS A CA  1 
ATOM   1081 C  C   . LYS A 1 151 ? -17.134 -8.309  -3.991  1.00 44.45  ?  308 LYS A C   1 
ATOM   1082 O  O   . LYS A 1 151 ? -17.499 -9.280  -4.648  1.00 42.31  ?  308 LYS A O   1 
ATOM   1083 C  CB  . LYS A 1 151 ? -18.777 -6.481  -3.640  1.00 47.90  ?  308 LYS A CB  1 
ATOM   1084 C  CG  . LYS A 1 151 ? -20.129 -6.101  -3.069  1.00 65.53  ?  308 LYS A CG  1 
ATOM   1085 C  CD  . LYS A 1 151 ? -20.913 -5.178  -3.978  1.00 77.17  ?  308 LYS A CD  1 
ATOM   1086 C  CE  . LYS A 1 151 ? -22.312 -4.881  -3.464  1.00 93.09  ?  308 LYS A CE  1 
ATOM   1087 N  NZ  . LYS A 1 151 ? -23.211 -4.342  -4.523  1.00 96.07  ?  308 LYS A NZ  1 
ATOM   1088 N  N   . GLN A 1 152 ? -15.905 -7.796  -4.071  1.00 39.98  ?  309 GLN A N   1 
ATOM   1089 C  CA  . GLN A 1 152 ? -14.844 -8.278  -4.996  1.00 43.14  ?  309 GLN A CA  1 
ATOM   1090 C  C   . GLN A 1 152 ? -14.123 -9.494  -4.482  1.00 41.23  ?  309 GLN A C   1 
ATOM   1091 O  O   . GLN A 1 152 ? -13.194 -9.880  -5.179  1.00 46.15  ?  309 GLN A O   1 
ATOM   1092 C  CB  . GLN A 1 152 ? -13.717 -7.244  -5.160  1.00 49.52  ?  309 GLN A CB  1 
ATOM   1093 C  CG  . GLN A 1 152 ? -14.236 -5.973  -5.760  1.00 45.51  ?  309 GLN A CG  1 
ATOM   1094 C  CD  . GLN A 1 152 ? -15.020 -6.314  -6.996  1.00 51.41  ?  309 GLN A CD  1 
ATOM   1095 O  OE1 . GLN A 1 152 ? -14.592 -7.167  -7.768  1.00 62.73  ?  309 GLN A OE1 1 
ATOM   1096 N  NE2 . GLN A 1 152 ? -16.186 -5.708  -7.136  1.00 58.24  ?  309 GLN A NE2 1 
ATOM   1097 N  N   . ARG A 1 153 ? -14.504 -10.041 -3.317  1.00 39.16  ?  310 ARG A N   1 
ATOM   1098 C  CA  . ARG A 1 153 ? -13.878 -11.221 -2.671  1.00 42.80  ?  310 ARG A CA  1 
ATOM   1099 C  C   . ARG A 1 153 ? -12.464 -10.855 -2.171  1.00 40.25  ?  310 ARG A C   1 
ATOM   1100 O  O   . ARG A 1 153 ? -11.568 -11.715 -2.143  1.00 40.11  ?  310 ARG A O   1 
ATOM   1101 C  CB  . ARG A 1 153 ? -13.971 -12.416 -3.625  1.00 54.20  ?  310 ARG A CB  1 
ATOM   1102 C  CG  . ARG A 1 153 ? -15.416 -12.797 -3.955  1.00 60.90  ?  310 ARG A CG  1 
ATOM   1103 C  CD  . ARG A 1 153 ? -15.599 -13.788 -5.092  1.00 61.06  ?  310 ARG A CD  1 
ATOM   1104 N  NE  . ARG A 1 153 ? -14.733 -13.502 -6.225  0.75 65.39  ?  310 ARG A NE  1 
ATOM   1105 C  CZ  . ARG A 1 153 ? -13.629 -14.178 -6.530  0.75 68.19  ?  310 ARG A CZ  1 
ATOM   1106 N  NH1 . ARG A 1 153 ? -12.905 -13.811 -7.576  0.75 66.18  ?  310 ARG A NH1 1 
ATOM   1107 N  NH2 . ARG A 1 153 ? -13.250 -15.212 -5.792  0.75 72.82  ?  310 ARG A NH2 1 
ATOM   1108 N  N   . GLY A 1 154 ? -12.260 -9.612  -1.757  1.00 36.81  ?  311 GLY A N   1 
ATOM   1109 C  CA  . GLY A 1 154 ? -11.015 -9.232  -1.067  1.00 34.42  ?  311 GLY A CA  1 
ATOM   1110 C  C   . GLY A 1 154 ? -9.771  -9.506  -1.888  1.00 35.10  ?  311 GLY A C   1 
ATOM   1111 O  O   . GLY A 1 154 ? -9.754  -9.268  -3.127  1.00 36.33  ?  311 GLY A O   1 
ATOM   1112 N  N   . TRP A 1 155 ? -8.741  -10.002 -1.230  1.00 36.84  ?  312 TRP A N   1 
ATOM   1113 C  CA  . TRP A 1 155 ? -7.423  -10.264 -1.851  1.00 39.88  ?  312 TRP A CA  1 
ATOM   1114 C  C   . TRP A 1 155 ? -7.489  -11.483 -2.791  1.00 41.54  ?  312 TRP A C   1 
ATOM   1115 O  O   . TRP A 1 155 ? -6.729  -11.482 -3.762  1.00 40.60  ?  312 TRP A O   1 
ATOM   1116 C  CB  . TRP A 1 155 ? -6.366  -10.368 -0.757  1.00 39.55  ?  312 TRP A CB  1 
ATOM   1117 C  CG  . TRP A 1 155 ? -6.155  -9.034  -0.107  1.00 35.63  ?  312 TRP A CG  1 
ATOM   1118 C  CD1 . TRP A 1 155 ? -6.656  -8.621  1.089   1.00 36.84  ?  312 TRP A CD1 1 
ATOM   1119 C  CD2 . TRP A 1 155 ? -5.511  -7.888  -0.692  1.00 34.71  ?  312 TRP A CD2 1 
ATOM   1120 N  NE1 . TRP A 1 155 ? -6.332  -7.315  1.312   1.00 36.42  ?  312 TRP A NE1 1 
ATOM   1121 C  CE2 . TRP A 1 155 ? -5.590  -6.850  0.259   1.00 34.10  ?  312 TRP A CE2 1 
ATOM   1122 C  CE3 . TRP A 1 155 ? -4.760  -7.679  -1.861  1.00 39.29  ?  312 TRP A CE3 1 
ATOM   1123 C  CZ2 . TRP A 1 155 ? -5.005  -5.609  0.043   1.00 36.80  ?  312 TRP A CZ2 1 
ATOM   1124 C  CZ3 . TRP A 1 155 ? -4.180  -6.447  -2.084  1.00 35.91  ?  312 TRP A CZ3 1 
ATOM   1125 C  CH2 . TRP A 1 155 ? -4.312  -5.426  -1.144  1.00 38.46  ?  312 TRP A CH2 1 
ATOM   1126 N  N   . ASP A 1 156 ? -8.470  -12.380 -2.632  1.00 44.63  ?  313 ASP A N   1 
ATOM   1127 C  CA  . ASP A 1 156 ? -8.760  -13.457 -3.634  1.00 47.14  ?  313 ASP A CA  1 
ATOM   1128 C  C   . ASP A 1 156 ? -9.167  -12.823 -4.968  1.00 43.55  ?  313 ASP A C   1 
ATOM   1129 O  O   . ASP A 1 156 ? -8.646  -13.260 -6.026  1.00 46.71  ?  313 ASP A O   1 
ATOM   1130 C  CB  . ASP A 1 156 ? -9.827  -14.441 -3.133  1.00 51.90  ?  313 ASP A CB  1 
ATOM   1131 C  CG  . ASP A 1 156 ? -9.381  -15.230 -1.915  1.00 60.78  ?  313 ASP A CG  1 
ATOM   1132 O  OD1 . ASP A 1 156 ? -8.444  -16.013 -2.050  1.00 66.63  ?  313 ASP A OD1 1 
ATOM   1133 O  OD2 . ASP A 1 156 ? -9.934  -15.013 -0.826  1.00 64.30  ?  313 ASP A OD2 1 
ATOM   1134 N  N   . GLY A 1 157 ? -10.059 -11.831 -4.928  1.00 41.99  ?  314 GLY A N   1 
ATOM   1135 C  CA  . GLY A 1 157 ? -10.476 -11.001 -6.069  1.00 40.42  ?  314 GLY A CA  1 
ATOM   1136 C  C   . GLY A 1 157 ? -9.303  -10.283 -6.712  1.00 46.58  ?  314 GLY A C   1 
ATOM   1137 O  O   . GLY A 1 157 ? -9.227  -10.251 -7.948  1.00 47.05  ?  314 GLY A O   1 
ATOM   1138 N  N   . PHE A 1 158 ? -8.413  -9.715  -5.902  1.00 38.88  ?  315 PHE A N   1 
ATOM   1139 C  CA  . PHE A 1 158 ? -7.194  -9.021  -6.390  1.00 39.72  ?  315 PHE A CA  1 
ATOM   1140 C  C   . PHE A 1 158 ? -6.318  -9.977  -7.203  1.00 39.42  ?  315 PHE A C   1 
ATOM   1141 O  O   . PHE A 1 158 ? -5.871  -9.597  -8.337  1.00 41.67  ?  315 PHE A O   1 
ATOM   1142 C  CB  . PHE A 1 158 ? -6.415  -8.454  -5.209  1.00 41.60  ?  315 PHE A CB  1 
ATOM   1143 C  CG  . PHE A 1 158 ? -5.103  -7.803  -5.569  1.00 38.23  ?  315 PHE A CG  1 
ATOM   1144 C  CD1 . PHE A 1 158 ? -5.066  -6.493  -6.006  1.00 38.50  ?  315 PHE A CD1 1 
ATOM   1145 C  CD2 . PHE A 1 158 ? -3.908  -8.470  -5.377  1.00 40.01  ?  315 PHE A CD2 1 
ATOM   1146 C  CE1 . PHE A 1 158 ? -3.853  -5.876  -6.290  1.00 45.25  ?  315 PHE A CE1 1 
ATOM   1147 C  CE2 . PHE A 1 158 ? -2.695  -7.838  -5.632  1.00 42.10  ?  315 PHE A CE2 1 
ATOM   1148 C  CZ  . PHE A 1 158 ? -2.668  -6.544  -6.079  1.00 38.84  ?  315 PHE A CZ  1 
ATOM   1149 N  N   . VAL A 1 159 ? -6.021  -11.143 -6.628  1.00 46.35  ?  316 VAL A N   1 
ATOM   1150 C  CA  . VAL A 1 159 ? -5.164  -12.186 -7.279  1.00 49.06  ?  316 VAL A CA  1 
ATOM   1151 C  C   . VAL A 1 159 ? -5.803  -12.586 -8.615  1.00 55.77  ?  316 VAL A C   1 
ATOM   1152 O  O   . VAL A 1 159 ? -5.095  -12.558 -9.649  1.00 54.28  ?  316 VAL A O   1 
ATOM   1153 C  CB  . VAL A 1 159 ? -4.927  -13.394 -6.352  1.00 44.94  ?  316 VAL A CB  1 
ATOM   1154 C  CG1 . VAL A 1 159 ? -4.261  -14.553 -7.079  1.00 51.08  ?  316 VAL A CG1 1 
ATOM   1155 C  CG2 . VAL A 1 159 ? -4.080  -13.002 -5.168  1.00 45.90  ?  316 VAL A CG2 1 
ATOM   1156 N  N   . GLU A 1 160 ? -7.100  -12.890 -8.616  1.00 53.40  ?  317 GLU A N   1 
ATOM   1157 C  CA  . GLU A 1 160 ? -7.837  -13.345 -9.831  1.00 54.25  ?  317 GLU A CA  1 
ATOM   1158 C  C   . GLU A 1 160 ? -7.823  -12.251 -10.903 1.00 52.94  ?  317 GLU A C   1 
ATOM   1159 O  O   . GLU A 1 160 ? -7.548  -12.575 -12.063 1.00 55.61  ?  317 GLU A O   1 
ATOM   1160 C  CB  . GLU A 1 160 ? -9.267  -13.770 -9.489  1.00 53.91  ?  317 GLU A CB  1 
ATOM   1161 C  CG  . GLU A 1 160 ? -9.327  -15.163 -8.898  0.75 58.02  ?  317 GLU A CG  1 
ATOM   1162 C  CD  . GLU A 1 160 ? -10.695 -15.619 -8.424  0.50 60.03  ?  317 GLU A CD  1 
ATOM   1163 O  OE1 . GLU A 1 160 ? -11.705 -15.201 -9.028  0.50 65.85  ?  317 GLU A OE1 1 
ATOM   1164 O  OE2 . GLU A 1 160 ? -10.751 -16.371 -7.436  0.50 60.96  ?  317 GLU A OE2 1 
ATOM   1165 N  N   . PHE A 1 161 ? -8.072  -10.994 -10.544 1.00 45.98  ?  318 PHE A N   1 
ATOM   1166 C  CA  . PHE A 1 161 ? -8.153  -9.877  -11.511 1.00 51.02  ?  318 PHE A CA  1 
ATOM   1167 C  C   . PHE A 1 161 ? -6.833  -9.785  -12.304 1.00 55.99  ?  318 PHE A C   1 
ATOM   1168 O  O   . PHE A 1 161 ? -6.934  -9.552  -13.515 1.00 53.81  ?  318 PHE A O   1 
ATOM   1169 C  CB  . PHE A 1 161 ? -8.506  -8.581  -10.793 1.00 47.78  ?  318 PHE A CB  1 
ATOM   1170 C  CG  . PHE A 1 161 ? -8.543  -7.342  -11.646 1.00 50.27  ?  318 PHE A CG  1 
ATOM   1171 C  CD1 . PHE A 1 161 ? -9.653  -7.046  -12.428 1.00 55.24  ?  318 PHE A CD1 1 
ATOM   1172 C  CD2 . PHE A 1 161 ? -7.485  -6.443  -11.644 1.00 52.99  ?  318 PHE A CD2 1 
ATOM   1173 C  CE1 . PHE A 1 161 ? -9.709  -5.885  -13.182 1.00 50.40  ?  318 PHE A CE1 1 
ATOM   1174 C  CE2 . PHE A 1 161 ? -7.534  -5.293  -12.418 1.00 52.21  ?  318 PHE A CE2 1 
ATOM   1175 C  CZ  . PHE A 1 161 ? -8.658  -5.002  -13.164 1.00 53.25  ?  318 PHE A CZ  1 
ATOM   1176 N  N   . PHE A 1 162 ? -5.655  -9.940  -11.673 1.00 58.93  ?  319 PHE A N   1 
ATOM   1177 C  CA  . PHE A 1 162 ? -4.333  -9.709  -12.330 1.00 58.64  ?  319 PHE A CA  1 
ATOM   1178 C  C   . PHE A 1 162 ? -3.746  -11.043 -12.829 1.00 61.90  ?  319 PHE A C   1 
ATOM   1179 O  O   . PHE A 1 162 ? -2.535  -11.091 -13.134 1.00 73.74  ?  319 PHE A O   1 
ATOM   1180 C  CB  . PHE A 1 162 ? -3.367  -8.931  -11.428 1.00 50.54  ?  319 PHE A CB  1 
ATOM   1181 C  CG  . PHE A 1 162 ? -3.717  -7.486  -11.197 1.00 49.51  ?  319 PHE A CG  1 
ATOM   1182 C  CD1 . PHE A 1 162 ? -3.651  -6.556  -12.221 1.00 47.70  ?  319 PHE A CD1 1 
ATOM   1183 C  CD2 . PHE A 1 162 ? -4.133  -7.049  -9.948  1.00 46.91  ?  319 PHE A CD2 1 
ATOM   1184 C  CE1 . PHE A 1 162 ? -3.998  -5.231  -12.008 1.00 50.06  ?  319 PHE A CE1 1 
ATOM   1185 C  CE2 . PHE A 1 162 ? -4.457  -5.721  -9.728  1.00 50.26  ?  319 PHE A CE2 1 
ATOM   1186 C  CZ  . PHE A 1 162 ? -4.405  -4.811  -10.762 1.00 51.31  ?  319 PHE A CZ  1 
ATOM   1187 N  N   . HIS A 1 163 ? -4.579  -12.083 -12.943 1.00 75.39  ?  320 HIS A N   1 
ATOM   1188 C  CA  . HIS A 1 163 ? -4.291  -13.357 -13.663 1.00 79.48  ?  320 HIS A CA  1 
ATOM   1189 C  C   . HIS A 1 163 ? -3.168  -14.115 -12.945 1.00 84.50  ?  320 HIS A C   1 
ATOM   1190 O  O   . HIS A 1 163 ? -3.442  -15.079 -12.231 1.00 80.99  ?  320 HIS A O   1 
ATOM   1191 C  CB  . HIS A 1 163 ? -3.967  -13.071 -15.138 1.00 76.22  ?  320 HIS A CB  1 
HETATM 1192 C  C1  . U6Q B 2 .   ? -1.802  11.409  -2.993  1.00 45.45  ?  401 U6Q A C1  1 
HETATM 1193 C  C2  . U6Q B 2 .   ? -1.230  10.577  -4.041  1.00 42.38  ?  401 U6Q A C2  1 
HETATM 1194 C  C3  . U6Q B 2 .   ? -2.218  9.663   -4.690  1.00 36.94  ?  401 U6Q A C3  1 
HETATM 1195 C  C4  . U6Q B 2 .   ? -2.539  9.560   -6.002  1.00 33.58  ?  401 U6Q A C4  1 
HETATM 1196 C  C5  . U6Q B 2 .   ? -3.502  8.467   -6.271  1.00 34.55  ?  401 U6Q A C5  1 
HETATM 1197 C  C6  . U6Q B 2 .   ? -3.827  7.823   -5.096  1.00 33.47  ?  401 U6Q A C6  1 
HETATM 1198 S  S1  . U6Q B 2 .   ? -3.029  8.496   -3.723  1.00 37.77  ?  401 U6Q A S1  1 
HETATM 1199 N  N1  . U6Q B 2 .   ? -4.680  6.791   -5.050  1.00 35.32  ?  401 U6Q A N1  1 
HETATM 1200 C  C7  . U6Q B 2 .   ? -5.221  6.416   -6.210  1.00 37.39  ?  401 U6Q A C7  1 
HETATM 1201 N  N2  . U6Q B 2 .   ? -4.971  6.968   -7.411  1.00 33.91  ?  401 U6Q A N2  1 
HETATM 1202 C  C8  . U6Q B 2 .   ? -4.109  8.008   -7.483  1.00 31.12  ?  401 U6Q A C8  1 
HETATM 1203 N  N3  . U6Q B 2 .   ? -3.864  8.565   -8.660  1.00 34.64  ?  401 U6Q A N3  1 
HETATM 1204 C  C9  . U6Q B 2 .   ? -4.561  8.100   -9.847  1.00 32.64  ?  401 U6Q A C9  1 
HETATM 1205 C  C10 . U6Q B 2 .   ? -3.972  8.802   -11.082 1.00 33.90  ?  401 U6Q A C10 1 
HETATM 1206 C  C11 . U6Q B 2 .   ? -2.557  8.336   -11.356 1.00 34.64  ?  401 U6Q A C11 1 
HETATM 1207 C  C12 . U6Q B 2 .   ? -2.323  7.028   -11.747 1.00 33.85  ?  401 U6Q A C12 1 
HETATM 1208 C  C13 . U6Q B 2 .   ? -1.025  6.561   -11.933 1.00 35.99  ?  401 U6Q A C13 1 
HETATM 1209 C  C14 . U6Q B 2 .   ? 0.038   7.403   -11.710 1.00 36.58  ?  401 U6Q A C14 1 
HETATM 1210 C  C15 . U6Q B 2 .   ? -0.174  8.707   -11.309 1.00 35.90  ?  401 U6Q A C15 1 
HETATM 1211 C  C16 . U6Q B 2 .   ? -1.476  9.174   -11.130 1.00 37.73  ?  401 U6Q A C16 1 
HETATM 1212 C  C17 . U6Q B 2 .   ? -6.079  8.412   -9.748  1.00 36.48  ?  401 U6Q A C17 1 
HETATM 1213 O  O1  . U6Q B 2 .   ? -6.427  9.363   -8.995  1.00 37.21  -1 401 U6Q A O1  1 
HETATM 1214 O  O2  . U6Q B 2 .   ? -6.856  7.730   -10.473 1.00 35.63  ?  401 U6Q A O2  1 
HETATM 1215 C  C18 . U6Q B 2 .   ? -1.973  10.485  -7.004  1.00 36.92  ?  401 U6Q A C18 1 
HETATM 1216 C  C19 . U6Q B 2 .   ? -0.647  10.345  -7.428  1.00 37.33  ?  401 U6Q A C19 1 
HETATM 1217 C  C20 . U6Q B 2 .   ? 0.239   9.239   -6.910  1.00 37.84  ?  401 U6Q A C20 1 
HETATM 1218 C  C21 . U6Q B 2 .   ? -0.148  11.261  -8.338  1.00 37.84  ?  401 U6Q A C21 1 
HETATM 1219 CL CL1 . U6Q B 2 .   ? 1.514   11.105  -8.864  1.00 44.01  ?  401 U6Q A CL1 1 
HETATM 1220 C  C22 . U6Q B 2 .   ? -0.932  12.264  -8.883  1.00 41.84  ?  401 U6Q A C22 1 
HETATM 1221 C  C23 . U6Q B 2 .   ? -2.234  12.398  -8.463  1.00 42.91  ?  401 U6Q A C23 1 
HETATM 1222 C  C24 . U6Q B 2 .   ? -2.756  11.514  -7.534  1.00 36.34  ?  401 U6Q A C24 1 
HETATM 1223 MG MG  . MG  C 3 .   ? -1.320  0.372   -15.683 0.50 50.41  ?  402 MG  A MG  1 
HETATM 1224 C  C1  . PG6 D 4 .   ? -0.187  -3.066  -15.628 0.50 56.66  ?  403 PG6 A C1  1 
HETATM 1225 O  O1  . PG6 D 4 .   ? -0.175  -2.167  -14.527 0.50 51.12  ?  403 PG6 A O1  1 
HETATM 1226 C  C2  . PG6 D 4 .   ? -1.412  -2.154  -13.813 0.50 53.44  ?  403 PG6 A C2  1 
HETATM 1227 C  C3  . PG6 D 4 .   ? -1.359  -1.136  -12.702 0.50 48.52  ?  403 PG6 A C3  1 
HETATM 1228 O  O2  . PG6 D 4 .   ? -2.604  -0.462  -12.595 0.50 42.61  ?  403 PG6 A O2  1 
HETATM 1229 C  C4  . PG6 D 4 .   ? -2.473  0.900   -12.223 0.50 38.01  ?  403 PG6 A C4  1 
HETATM 1230 C  C5  . PG6 D 4 .   ? -1.671  1.626   -13.244 0.50 35.57  ?  403 PG6 A C5  1 
HETATM 1231 O  O3  . PG6 D 4 .   ? -2.493  2.488   -14.018 0.50 37.90  ?  403 PG6 A O3  1 
HETATM 1232 C  C6  . PG6 D 4 .   ? -1.731  3.389   -14.813 0.50 39.97  ?  403 PG6 A C6  1 
HETATM 1233 C  C7  . PG6 D 4 .   ? -2.523  3.831   -15.994 0.50 40.02  ?  403 PG6 A C7  1 
HETATM 1234 O  O4  . PG6 D 4 .   ? -1.829  3.505   -17.181 0.50 41.76  ?  403 PG6 A O4  1 
HETATM 1235 C  C8  . PG6 D 4 .   ? -2.204  2.249   -17.736 0.50 41.78  ?  403 PG6 A C8  1 
HETATM 1236 C  C9  . PG6 D 4 .   ? -1.103  1.763   -18.616 0.50 49.23  ?  403 PG6 A C9  1 
HETATM 1237 O  O5  . PG6 D 4 .   ? -1.109  0.342   -18.679 0.50 54.31  ?  403 PG6 A O5  1 
HETATM 1238 C  C10 . PG6 D 4 .   ? -2.373  -0.162  -19.116 0.50 60.43  ?  403 PG6 A C10 1 
HETATM 1239 C  C11 . PG6 D 4 .   ? -2.716  -1.406  -18.349 0.50 61.51  ?  403 PG6 A C11 1 
HETATM 1240 O  O6  . PG6 D 4 .   ? -2.464  -2.547  -19.166 0.50 56.61  ?  403 PG6 A O6  1 
HETATM 1241 C  C12 . PG6 D 4 .   ? -2.737  -3.770  -18.497 0.50 54.10  ?  403 PG6 A C12 1 
HETATM 1242 O  O   . HOH E 5 .   ? 0.758   -0.486  -18.611 1.00 65.13  ?  501 HOH A O   1 
HETATM 1243 O  O   . HOH E 5 .   ? 12.394  9.796   -8.513  1.00 71.54  ?  502 HOH A O   1 
HETATM 1244 O  O   . HOH E 5 .   ? 1.975   -2.394  -13.658 1.00 44.92  ?  503 HOH A O   1 
HETATM 1245 O  O   . HOH E 5 .   ? -21.773 0.323   1.034   1.00 53.19  ?  504 HOH A O   1 
HETATM 1246 O  O   . HOH E 5 .   ? 1.344   -2.028  12.265  1.00 57.24  ?  505 HOH A O   1 
HETATM 1247 O  O   . HOH E 5 .   ? 12.966  7.703   12.128  1.00 64.25  ?  506 HOH A O   1 
HETATM 1248 O  O   . HOH E 5 .   ? 9.751   -6.368  -6.154  1.00 53.57  ?  507 HOH A O   1 
HETATM 1249 O  O   . HOH E 5 .   ? 10.978  -2.475  -11.666 1.00 60.03  ?  508 HOH A O   1 
HETATM 1250 O  O   . HOH E 5 .   ? 9.545   -5.915  -3.603  1.00 50.51  ?  509 HOH A O   1 
HETATM 1251 O  O   . HOH E 5 .   ? -14.417 -0.688  7.164   1.00 49.05  ?  510 HOH A O   1 
HETATM 1252 O  O   . HOH E 5 .   ? 1.440   -19.228 6.743   1.00 64.18  ?  511 HOH A O   1 
HETATM 1253 O  O   . HOH E 5 .   ? -19.503 -5.426  3.155   1.00 48.01  ?  512 HOH A O   1 
HETATM 1254 O  O   . HOH E 5 .   ? 12.247  9.364   -4.944  1.00 54.46  ?  513 HOH A O   1 
HETATM 1255 O  O   . HOH E 5 .   ? -6.897  -9.547  13.970  1.00 64.12  ?  514 HOH A O   1 
HETATM 1256 O  O   . HOH E 5 .   ? -9.292  -11.088 1.392   1.00 38.87  ?  515 HOH A O   1 
HETATM 1257 O  O   . HOH E 5 .   ? -1.857  -7.882  9.976   1.00 50.14  ?  516 HOH A O   1 
HETATM 1258 O  O   . HOH E 5 .   ? 10.812  3.433   -7.409  1.00 68.66  ?  517 HOH A O   1 
HETATM 1259 O  O   . HOH E 5 .   ? 7.001   -5.462  -12.771 1.00 48.41  ?  518 HOH A O   1 
HETATM 1260 O  O   . HOH E 5 .   ? 10.221  -0.863  -7.262  1.00 51.67  ?  519 HOH A O   1 
HETATM 1261 O  O   . HOH E 5 .   ? 2.746   14.377  -10.339 1.00 40.55  ?  520 HOH A O   1 
HETATM 1262 O  O   . HOH E 5 .   ? 15.595  5.095   9.148   1.00 69.76  ?  521 HOH A O   1 
HETATM 1263 O  O   . HOH E 5 .   ? -20.348 -2.922  5.803   1.00 42.86  ?  522 HOH A O   1 
HETATM 1264 O  O   . HOH E 5 .   ? -5.766  11.939  -9.021  1.00 43.34  ?  523 HOH A O   1 
HETATM 1265 O  O   . HOH E 5 .   ? 8.184   -9.171  2.586   1.00 65.64  ?  524 HOH A O   1 
HETATM 1266 O  O   . HOH E 5 .   ? 6.097   -11.046 -8.567  1.00 53.74  ?  525 HOH A O   1 
HETATM 1267 O  O   . HOH E 5 .   ? 11.268  4.560   -14.498 1.00 48.74  ?  526 HOH A O   1 
HETATM 1268 O  O   . HOH E 5 .   ? 17.624  11.638  8.685   1.00 50.18  ?  527 HOH A O   1 
HETATM 1269 O  O   . HOH E 5 .   ? -1.423  -10.767 10.668  1.00 61.97  ?  528 HOH A O   1 
HETATM 1270 O  O   . HOH E 5 .   ? -12.220 -8.483  -7.904  1.00 45.08  ?  529 HOH A O   1 
HETATM 1271 O  O   . HOH E 5 .   ? 8.513   -7.183  4.076   1.00 51.64  ?  530 HOH A O   1 
HETATM 1272 O  O   . HOH E 5 .   ? -20.064 -5.751  0.391   1.00 43.40  ?  531 HOH A O   1 
HETATM 1273 O  O   . HOH E 5 .   ? -9.368  8.700   -10.917 1.00 36.78  ?  532 HOH A O   1 
HETATM 1274 O  O   . HOH E 5 .   ? -2.439  -11.964 -9.976  1.00 58.88  ?  533 HOH A O   1 
HETATM 1275 O  O   . HOH E 5 .   ? 8.970   14.409  -0.175  1.00 51.43  ?  534 HOH A O   1 
HETATM 1276 O  O   . HOH E 5 .   ? -8.760  10.814  -8.886  1.00 50.87  ?  535 HOH A O   1 
HETATM 1277 O  O   . HOH E 5 .   ? -10.160 12.129  -6.535  1.00 57.36  ?  536 HOH A O   1 
HETATM 1278 O  O   . HOH E 5 .   ? 8.823   14.994  -11.453 1.00 56.44  ?  537 HOH A O   1 
HETATM 1279 O  O   . HOH E 5 .   ? 7.142   -11.418 3.387   1.00 61.36  ?  538 HOH A O   1 
HETATM 1280 O  O   . HOH E 5 .   ? -14.666 -7.418  6.055   1.00 48.58  ?  539 HOH A O   1 
HETATM 1281 O  O   . HOH E 5 .   ? 8.497   1.280   10.301  1.00 44.74  ?  540 HOH A O   1 
HETATM 1282 O  O   . HOH E 5 .   ? -11.565 -10.399 -9.487  1.00 60.76  ?  541 HOH A O   1 
HETATM 1283 O  O   . HOH E 5 .   ? 7.338   -12.482 -6.170  1.00 55.29  ?  542 HOH A O   1 
HETATM 1284 O  O   . HOH E 5 .   ? 11.131  -6.367  4.696   1.00 54.46  ?  543 HOH A O   1 
HETATM 1285 O  O   . HOH E 5 .   ? 1.213   1.962   -16.494 1.00 38.31  ?  544 HOH A O   1 
HETATM 1286 O  O   . HOH E 5 .   ? 10.253  4.647   -9.771  1.00 49.36  ?  545 HOH A O   1 
HETATM 1287 O  O   . HOH E 5 .   ? 4.894   -13.603 -1.641  1.00 67.89  ?  546 HOH A O   1 
HETATM 1288 O  O   . HOH E 5 .   ? -7.682  -15.988 -6.083  1.00 63.32  ?  547 HOH A O   1 
HETATM 1289 O  O   . HOH E 5 .   ? -13.956 2.227   -11.399 1.00 43.16  ?  548 HOH A O   1 
HETATM 1290 O  O   . HOH E 5 .   ? 20.046  10.779  9.350   1.00 35.14  ?  549 HOH A O   1 
HETATM 1291 O  O   . HOH E 5 .   ? -7.941  -14.460 1.673   1.00 55.89  ?  550 HOH A O   1 
HETATM 1292 O  O   . HOH E 5 .   ? 9.853   -0.282  -9.677  1.00 40.34  ?  551 HOH A O   1 
HETATM 1293 O  O   . HOH E 5 .   ? 11.366  7.208   -3.910  1.00 41.13  ?  552 HOH A O   1 
HETATM 1294 O  O   . HOH E 5 .   ? -8.971  -1.911  -12.174 1.00 48.65  ?  553 HOH A O   1 
HETATM 1295 O  O   . HOH E 5 .   ? -17.135 -11.060 -6.992  1.00 62.10  ?  554 HOH A O   1 
HETATM 1296 O  O   . HOH E 5 .   ? 14.076  5.681   11.315  1.00 54.27  ?  555 HOH A O   1 
HETATM 1297 O  O   . HOH E 5 .   ? -0.278  -4.906  -18.612 1.00 73.30  ?  556 HOH A O   1 
HETATM 1298 O  O   . HOH E 5 .   ? -13.364 -10.092 1.774   1.00 61.72  ?  557 HOH A O   1 
HETATM 1299 O  O   . HOH E 5 .   ? 4.515   15.642  -11.888 1.00 63.24  ?  558 HOH A O   1 
HETATM 1300 O  O   . HOH E 5 .   ? 11.187  1.892   -9.891  1.00 58.24  ?  559 HOH A O   1 
HETATM 1301 O  O   . HOH E 5 .   ? 0.874   -6.971  10.112  1.00 55.10  ?  560 HOH A O   1 
HETATM 1302 O  O   . HOH E 5 .   ? -17.353 -7.165  6.137   0.50 63.65  ?  561 HOH A O   1 
HETATM 1303 O  O   . HOH E 5 .   ? 0.646   13.452  -12.060 1.00 42.90  ?  562 HOH A O   1 
HETATM 1304 O  O   . HOH E 5 .   ? 12.100  5.699   -5.902  1.00 53.13  ?  563 HOH A O   1 
HETATM 1305 O  O   . HOH E 5 .   ? -19.546 -7.388  5.045   1.00 54.63  ?  564 HOH A O   1 
HETATM 1306 O  O   . HOH E 5 .   ? -14.092 -10.152 3.872   1.00 65.22  ?  565 HOH A O   1 
HETATM 1307 O  O   . HOH E 5 .   ? -18.283 -10.996 4.032   1.00 59.92  ?  566 HOH A O   1 
HETATM 1308 O  O   . HOH E 5 .   ? -1.919  14.449  -11.351 0.50 51.60  ?  567 HOH A O   1 
# 
